data_3O27
# 
_entry.id   3O27 
# 
_audit_conform.dict_name       mmcif_pdbx.dic 
_audit_conform.dict_version    5.387 
_audit_conform.dict_location   http://mmcif.pdb.org/dictionaries/ascii/mmcif_pdbx.dic 
# 
loop_
_database_2.database_id 
_database_2.database_code 
_database_2.pdbx_database_accession 
_database_2.pdbx_DOI 
PDB   3O27         pdb_00003o27 10.2210/pdb3o27/pdb 
RCSB  RCSB060571   ?            ?                   
WWPDB D_1000060571 ?            ?                   
# 
loop_
_pdbx_audit_revision_history.ordinal 
_pdbx_audit_revision_history.data_content_type 
_pdbx_audit_revision_history.major_revision 
_pdbx_audit_revision_history.minor_revision 
_pdbx_audit_revision_history.revision_date 
1 'Structure model' 1 0 2011-01-19 
2 'Structure model' 1 1 2011-07-13 
3 'Structure model' 1 2 2024-02-21 
# 
_pdbx_audit_revision_details.ordinal             1 
_pdbx_audit_revision_details.revision_ordinal    1 
_pdbx_audit_revision_details.data_content_type   'Structure model' 
_pdbx_audit_revision_details.provider            repository 
_pdbx_audit_revision_details.type                'Initial release' 
_pdbx_audit_revision_details.description         ? 
_pdbx_audit_revision_details.details             ? 
# 
loop_
_pdbx_audit_revision_group.ordinal 
_pdbx_audit_revision_group.revision_ordinal 
_pdbx_audit_revision_group.data_content_type 
_pdbx_audit_revision_group.group 
1 2 'Structure model' 'Version format compliance' 
2 3 'Structure model' 'Data collection'           
3 3 'Structure model' 'Database references'       
# 
loop_
_pdbx_audit_revision_category.ordinal 
_pdbx_audit_revision_category.revision_ordinal 
_pdbx_audit_revision_category.data_content_type 
_pdbx_audit_revision_category.category 
1 3 'Structure model' chem_comp_atom 
2 3 'Structure model' chem_comp_bond 
3 3 'Structure model' database_2     
# 
loop_
_pdbx_audit_revision_item.ordinal 
_pdbx_audit_revision_item.revision_ordinal 
_pdbx_audit_revision_item.data_content_type 
_pdbx_audit_revision_item.item 
1 3 'Structure model' '_database_2.pdbx_DOI'                
2 3 'Structure model' '_database_2.pdbx_database_accession' 
# 
_pdbx_database_status.status_code                     REL 
_pdbx_database_status.entry_id                        3O27 
_pdbx_database_status.recvd_initial_deposition_date   2010-07-22 
_pdbx_database_status.deposit_site                    RCSB 
_pdbx_database_status.process_site                    RCSB 
_pdbx_database_status.status_code_sf                  REL 
_pdbx_database_status.status_code_mr                  ? 
_pdbx_database_status.SG_entry                        ? 
_pdbx_database_status.status_code_cs                  ? 
_pdbx_database_status.pdb_format_compatible           Y 
_pdbx_database_status.status_code_nmr_data            ? 
_pdbx_database_status.methods_development_category    ? 
# 
loop_
_audit_author.name 
_audit_author.pdbx_ordinal 
;D'Ambrosio, K.
;
1 
'De Simone, G.'  2 
# 
_citation.id                        primary 
_citation.title                     
'C68 from the Sulfolobus islandicus plasmid-virus pSSVx is a novel member of the AbrB-like transcription factor family.' 
_citation.journal_abbrev            Biochem.J. 
_citation.journal_volume            435 
_citation.page_first                157 
_citation.page_last                 166 
_citation.year                      2011 
_citation.journal_id_ASTM           BIJOAK 
_citation.country                   UK 
_citation.journal_id_ISSN           0264-6021 
_citation.journal_id_CSD            0043 
_citation.book_publisher            ? 
_citation.pdbx_database_id_PubMed   21208189 
_citation.pdbx_database_id_DOI      10.1042/BJ20101334 
# 
loop_
_citation_author.citation_id 
_citation_author.name 
_citation_author.ordinal 
_citation_author.identifier_ORCID 
primary 'Contursi, P.'   1 ? 
primary 
;D'Ambrosio, K.
;
2 ? 
primary 'Pirone, L.'     3 ? 
primary 'Pedone, E.'     4 ? 
primary 'Aucelli, T.'    5 ? 
primary 'She, Q.'        6 ? 
primary 'De Simone, G.'  7 ? 
primary 'Bartolucci, S.' 8 ? 
# 
loop_
_entity.id 
_entity.type 
_entity.src_method 
_entity.pdbx_description 
_entity.formula_weight 
_entity.pdbx_number_of_molecules 
_entity.pdbx_ec 
_entity.pdbx_mutation 
_entity.pdbx_fragment 
_entity.details 
1 polymer man 'Putative uncharacterized protein' 7757.146 2  ? ? ? ? 
2 water   nat water                              18.015   38 ? ? ? ? 
# 
_entity_poly.entity_id                      1 
_entity_poly.type                           'polypeptide(L)' 
_entity_poly.nstd_linkage                   no 
_entity_poly.nstd_monomer                   no 
_entity_poly.pdbx_seq_one_letter_code       MRPGIRKLVVLNPRAYKGGSGHTTFYLLIPKDIAEALDIKPDDTFILNMEQKDGDIVLSYKRVKELKI 
_entity_poly.pdbx_seq_one_letter_code_can   MRPGIRKLVVLNPRAYKGGSGHTTFYLLIPKDIAEALDIKPDDTFILNMEQKDGDIVLSYKRVKELKI 
_entity_poly.pdbx_strand_id                 A,B 
_entity_poly.pdbx_target_identifier         ? 
# 
_pdbx_entity_nonpoly.entity_id   2 
_pdbx_entity_nonpoly.name        water 
_pdbx_entity_nonpoly.comp_id     HOH 
# 
loop_
_entity_poly_seq.entity_id 
_entity_poly_seq.num 
_entity_poly_seq.mon_id 
_entity_poly_seq.hetero 
1 1  MET n 
1 2  ARG n 
1 3  PRO n 
1 4  GLY n 
1 5  ILE n 
1 6  ARG n 
1 7  LYS n 
1 8  LEU n 
1 9  VAL n 
1 10 VAL n 
1 11 LEU n 
1 12 ASN n 
1 13 PRO n 
1 14 ARG n 
1 15 ALA n 
1 16 TYR n 
1 17 LYS n 
1 18 GLY n 
1 19 GLY n 
1 20 SER n 
1 21 GLY n 
1 22 HIS n 
1 23 THR n 
1 24 THR n 
1 25 PHE n 
1 26 TYR n 
1 27 LEU n 
1 28 LEU n 
1 29 ILE n 
1 30 PRO n 
1 31 LYS n 
1 32 ASP n 
1 33 ILE n 
1 34 ALA n 
1 35 GLU n 
1 36 ALA n 
1 37 LEU n 
1 38 ASP n 
1 39 ILE n 
1 40 LYS n 
1 41 PRO n 
1 42 ASP n 
1 43 ASP n 
1 44 THR n 
1 45 PHE n 
1 46 ILE n 
1 47 LEU n 
1 48 ASN n 
1 49 MET n 
1 50 GLU n 
1 51 GLN n 
1 52 LYS n 
1 53 ASP n 
1 54 GLY n 
1 55 ASP n 
1 56 ILE n 
1 57 VAL n 
1 58 LEU n 
1 59 SER n 
1 60 TYR n 
1 61 LYS n 
1 62 ARG n 
1 63 VAL n 
1 64 LYS n 
1 65 GLU n 
1 66 LEU n 
1 67 LYS n 
1 68 ILE n 
# 
_entity_src_gen.entity_id                          1 
_entity_src_gen.pdbx_src_id                        1 
_entity_src_gen.pdbx_alt_source_flag               sample 
_entity_src_gen.pdbx_seq_type                      ? 
_entity_src_gen.pdbx_beg_seq_num                   ? 
_entity_src_gen.pdbx_end_seq_num                   ? 
_entity_src_gen.gene_src_common_name               ? 
_entity_src_gen.gene_src_genus                     ? 
_entity_src_gen.pdbx_gene_src_gene                 orfc68 
_entity_src_gen.gene_src_species                   ? 
_entity_src_gen.gene_src_strain                    REY15/4 
_entity_src_gen.gene_src_tissue                    ? 
_entity_src_gen.gene_src_tissue_fraction           ? 
_entity_src_gen.gene_src_details                   ? 
_entity_src_gen.pdbx_gene_src_fragment             ? 
_entity_src_gen.pdbx_gene_src_scientific_name      'Sulfolobus islandicus' 
_entity_src_gen.pdbx_gene_src_ncbi_taxonomy_id     43080 
_entity_src_gen.pdbx_gene_src_variant              ? 
_entity_src_gen.pdbx_gene_src_cell_line            ? 
_entity_src_gen.pdbx_gene_src_atcc                 ? 
_entity_src_gen.pdbx_gene_src_organ                ? 
_entity_src_gen.pdbx_gene_src_organelle            ? 
_entity_src_gen.pdbx_gene_src_cell                 ? 
_entity_src_gen.pdbx_gene_src_cellular_location    ? 
_entity_src_gen.host_org_common_name               ? 
_entity_src_gen.pdbx_host_org_scientific_name      'Escherichia coli' 
_entity_src_gen.pdbx_host_org_ncbi_taxonomy_id     562 
_entity_src_gen.host_org_genus                     ? 
_entity_src_gen.pdbx_host_org_gene                 ? 
_entity_src_gen.pdbx_host_org_organ                ? 
_entity_src_gen.host_org_species                   ? 
_entity_src_gen.pdbx_host_org_tissue               ? 
_entity_src_gen.pdbx_host_org_tissue_fraction      ? 
_entity_src_gen.pdbx_host_org_strain               'BL21-Codon Plus' 
_entity_src_gen.pdbx_host_org_variant              ? 
_entity_src_gen.pdbx_host_org_cell_line            ? 
_entity_src_gen.pdbx_host_org_atcc                 ? 
_entity_src_gen.pdbx_host_org_culture_collection   ? 
_entity_src_gen.pdbx_host_org_cell                 ? 
_entity_src_gen.pdbx_host_org_organelle            ? 
_entity_src_gen.pdbx_host_org_cellular_location    ? 
_entity_src_gen.pdbx_host_org_vector_type          plasmid 
_entity_src_gen.pdbx_host_org_vector               ? 
_entity_src_gen.host_org_details                   ? 
_entity_src_gen.expression_system_id               ? 
_entity_src_gen.plasmid_name                       pET30 
_entity_src_gen.plasmid_details                    ? 
_entity_src_gen.pdbx_description                   ? 
# 
loop_
_chem_comp.id 
_chem_comp.type 
_chem_comp.mon_nstd_flag 
_chem_comp.name 
_chem_comp.pdbx_synonyms 
_chem_comp.formula 
_chem_comp.formula_weight 
ALA 'L-peptide linking' y ALANINE         ? 'C3 H7 N O2'     89.093  
ARG 'L-peptide linking' y ARGININE        ? 'C6 H15 N4 O2 1' 175.209 
ASN 'L-peptide linking' y ASPARAGINE      ? 'C4 H8 N2 O3'    132.118 
ASP 'L-peptide linking' y 'ASPARTIC ACID' ? 'C4 H7 N O4'     133.103 
GLN 'L-peptide linking' y GLUTAMINE       ? 'C5 H10 N2 O3'   146.144 
GLU 'L-peptide linking' y 'GLUTAMIC ACID' ? 'C5 H9 N O4'     147.129 
GLY 'peptide linking'   y GLYCINE         ? 'C2 H5 N O2'     75.067  
HIS 'L-peptide linking' y HISTIDINE       ? 'C6 H10 N3 O2 1' 156.162 
HOH non-polymer         . WATER           ? 'H2 O'           18.015  
ILE 'L-peptide linking' y ISOLEUCINE      ? 'C6 H13 N O2'    131.173 
LEU 'L-peptide linking' y LEUCINE         ? 'C6 H13 N O2'    131.173 
LYS 'L-peptide linking' y LYSINE          ? 'C6 H15 N2 O2 1' 147.195 
MET 'L-peptide linking' y METHIONINE      ? 'C5 H11 N O2 S'  149.211 
PHE 'L-peptide linking' y PHENYLALANINE   ? 'C9 H11 N O2'    165.189 
PRO 'L-peptide linking' y PROLINE         ? 'C5 H9 N O2'     115.130 
SER 'L-peptide linking' y SERINE          ? 'C3 H7 N O3'     105.093 
THR 'L-peptide linking' y THREONINE       ? 'C4 H9 N O3'     119.119 
TYR 'L-peptide linking' y TYROSINE        ? 'C9 H11 N O3'    181.189 
VAL 'L-peptide linking' y VALINE          ? 'C5 H11 N O2'    117.146 
# 
loop_
_pdbx_poly_seq_scheme.asym_id 
_pdbx_poly_seq_scheme.entity_id 
_pdbx_poly_seq_scheme.seq_id 
_pdbx_poly_seq_scheme.mon_id 
_pdbx_poly_seq_scheme.ndb_seq_num 
_pdbx_poly_seq_scheme.pdb_seq_num 
_pdbx_poly_seq_scheme.auth_seq_num 
_pdbx_poly_seq_scheme.pdb_mon_id 
_pdbx_poly_seq_scheme.auth_mon_id 
_pdbx_poly_seq_scheme.pdb_strand_id 
_pdbx_poly_seq_scheme.pdb_ins_code 
_pdbx_poly_seq_scheme.hetero 
A 1 1  MET 1  1  ?  ?   ?   A . n 
A 1 2  ARG 2  2  ?  ?   ?   A . n 
A 1 3  PRO 3  3  ?  ?   ?   A . n 
A 1 4  GLY 4  4  4  GLY GLY A . n 
A 1 5  ILE 5  5  5  ILE ILE A . n 
A 1 6  ARG 6  6  6  ARG ARG A . n 
A 1 7  LYS 7  7  7  LYS LYS A . n 
A 1 8  LEU 8  8  8  LEU LEU A . n 
A 1 9  VAL 9  9  9  VAL VAL A . n 
A 1 10 VAL 10 10 10 VAL VAL A . n 
A 1 11 LEU 11 11 11 LEU LEU A . n 
A 1 12 ASN 12 12 12 ASN ASN A . n 
A 1 13 PRO 13 13 13 PRO PRO A . n 
A 1 14 ARG 14 14 14 ARG ARG A . n 
A 1 15 ALA 15 15 15 ALA ALA A . n 
A 1 16 TYR 16 16 16 TYR TYR A . n 
A 1 17 LYS 17 17 ?  ?   ?   A . n 
A 1 18 GLY 18 18 ?  ?   ?   A . n 
A 1 19 GLY 19 19 ?  ?   ?   A . n 
A 1 20 SER 20 20 ?  ?   ?   A . n 
A 1 21 GLY 21 21 ?  ?   ?   A . n 
A 1 22 HIS 22 22 22 HIS HIS A . n 
A 1 23 THR 23 23 23 THR THR A . n 
A 1 24 THR 24 24 24 THR THR A . n 
A 1 25 PHE 25 25 25 PHE PHE A . n 
A 1 26 TYR 26 26 26 TYR TYR A . n 
A 1 27 LEU 27 27 27 LEU LEU A . n 
A 1 28 LEU 28 28 28 LEU LEU A . n 
A 1 29 ILE 29 29 29 ILE ILE A . n 
A 1 30 PRO 30 30 30 PRO PRO A . n 
A 1 31 LYS 31 31 31 LYS LYS A . n 
A 1 32 ASP 32 32 32 ASP ASP A . n 
A 1 33 ILE 33 33 33 ILE ILE A . n 
A 1 34 ALA 34 34 34 ALA ALA A . n 
A 1 35 GLU 35 35 35 GLU GLU A . n 
A 1 36 ALA 36 36 36 ALA ALA A . n 
A 1 37 LEU 37 37 37 LEU LEU A . n 
A 1 38 ASP 38 38 38 ASP ASP A . n 
A 1 39 ILE 39 39 39 ILE ILE A . n 
A 1 40 LYS 40 40 40 LYS LYS A . n 
A 1 41 PRO 41 41 41 PRO PRO A . n 
A 1 42 ASP 42 42 42 ASP ASP A . n 
A 1 43 ASP 43 43 43 ASP ASP A . n 
A 1 44 THR 44 44 44 THR THR A . n 
A 1 45 PHE 45 45 45 PHE PHE A . n 
A 1 46 ILE 46 46 46 ILE ILE A . n 
A 1 47 LEU 47 47 47 LEU LEU A . n 
A 1 48 ASN 48 48 48 ASN ASN A . n 
A 1 49 MET 49 49 49 MET MET A . n 
A 1 50 GLU 50 50 50 GLU GLU A . n 
A 1 51 GLN 51 51 51 GLN GLN A . n 
A 1 52 LYS 52 52 52 LYS LYS A . n 
A 1 53 ASP 53 53 53 ASP ASP A . n 
A 1 54 GLY 54 54 54 GLY GLY A . n 
A 1 55 ASP 55 55 55 ASP ASP A . n 
A 1 56 ILE 56 56 56 ILE ILE A . n 
A 1 57 VAL 57 57 57 VAL VAL A . n 
A 1 58 LEU 58 58 58 LEU LEU A . n 
A 1 59 SER 59 59 59 SER SER A . n 
A 1 60 TYR 60 60 60 TYR TYR A . n 
A 1 61 LYS 61 61 61 LYS LYS A . n 
A 1 62 ARG 62 62 62 ARG ARG A . n 
A 1 63 VAL 63 63 63 VAL VAL A . n 
A 1 64 LYS 64 64 64 LYS LYS A . n 
A 1 65 GLU 65 65 65 GLU GLU A . n 
A 1 66 LEU 66 66 66 LEU LEU A . n 
A 1 67 LYS 67 67 67 LYS LYS A . n 
A 1 68 ILE 68 68 68 ILE ILE A . n 
B 1 1  MET 1  1  ?  ?   ?   B . n 
B 1 2  ARG 2  2  ?  ?   ?   B . n 
B 1 3  PRO 3  3  ?  ?   ?   B . n 
B 1 4  GLY 4  4  4  GLY GLY B . n 
B 1 5  ILE 5  5  5  ILE ILE B . n 
B 1 6  ARG 6  6  6  ARG ARG B . n 
B 1 7  LYS 7  7  7  LYS LYS B . n 
B 1 8  LEU 8  8  8  LEU LEU B . n 
B 1 9  VAL 9  9  9  VAL VAL B . n 
B 1 10 VAL 10 10 10 VAL VAL B . n 
B 1 11 LEU 11 11 11 LEU LEU B . n 
B 1 12 ASN 12 12 12 ASN ASN B . n 
B 1 13 PRO 13 13 13 PRO PRO B . n 
B 1 14 ARG 14 14 14 ARG ARG B . n 
B 1 15 ALA 15 15 15 ALA ALA B . n 
B 1 16 TYR 16 16 ?  ?   ?   B . n 
B 1 17 LYS 17 17 ?  ?   ?   B . n 
B 1 18 GLY 18 18 ?  ?   ?   B . n 
B 1 19 GLY 19 19 ?  ?   ?   B . n 
B 1 20 SER 20 20 ?  ?   ?   B . n 
B 1 21 GLY 21 21 ?  ?   ?   B . n 
B 1 22 HIS 22 22 ?  ?   ?   B . n 
B 1 23 THR 23 23 ?  ?   ?   B . n 
B 1 24 THR 24 24 24 THR THR B . n 
B 1 25 PHE 25 25 25 PHE PHE B . n 
B 1 26 TYR 26 26 26 TYR TYR B . n 
B 1 27 LEU 27 27 27 LEU LEU B . n 
B 1 28 LEU 28 28 28 LEU LEU B . n 
B 1 29 ILE 29 29 29 ILE ILE B . n 
B 1 30 PRO 30 30 30 PRO PRO B . n 
B 1 31 LYS 31 31 31 LYS LYS B . n 
B 1 32 ASP 32 32 32 ASP ASP B . n 
B 1 33 ILE 33 33 33 ILE ILE B . n 
B 1 34 ALA 34 34 34 ALA ALA B . n 
B 1 35 GLU 35 35 35 GLU GLU B . n 
B 1 36 ALA 36 36 36 ALA ALA B . n 
B 1 37 LEU 37 37 37 LEU LEU B . n 
B 1 38 ASP 38 38 38 ASP ASP B . n 
B 1 39 ILE 39 39 39 ILE ILE B . n 
B 1 40 LYS 40 40 40 LYS LYS B . n 
B 1 41 PRO 41 41 41 PRO PRO B . n 
B 1 42 ASP 42 42 42 ASP ASP B . n 
B 1 43 ASP 43 43 43 ASP ASP B . n 
B 1 44 THR 44 44 44 THR THR B . n 
B 1 45 PHE 45 45 45 PHE PHE B . n 
B 1 46 ILE 46 46 46 ILE ILE B . n 
B 1 47 LEU 47 47 47 LEU LEU B . n 
B 1 48 ASN 48 48 48 ASN ASN B . n 
B 1 49 MET 49 49 49 MET MET B . n 
B 1 50 GLU 50 50 50 GLU GLU B . n 
B 1 51 GLN 51 51 51 GLN GLN B . n 
B 1 52 LYS 52 52 52 LYS LYS B . n 
B 1 53 ASP 53 53 53 ASP ASP B . n 
B 1 54 GLY 54 54 54 GLY GLY B . n 
B 1 55 ASP 55 55 55 ASP ASP B . n 
B 1 56 ILE 56 56 56 ILE ILE B . n 
B 1 57 VAL 57 57 57 VAL VAL B . n 
B 1 58 LEU 58 58 58 LEU LEU B . n 
B 1 59 SER 59 59 59 SER SER B . n 
B 1 60 TYR 60 60 60 TYR TYR B . n 
B 1 61 LYS 61 61 61 LYS LYS B . n 
B 1 62 ARG 62 62 62 ARG ARG B . n 
B 1 63 VAL 63 63 63 VAL VAL B . n 
B 1 64 LYS 64 64 64 LYS LYS B . n 
B 1 65 GLU 65 65 65 GLU GLU B . n 
B 1 66 LEU 66 66 66 LEU LEU B . n 
B 1 67 LYS 67 67 67 LYS LYS B . n 
B 1 68 ILE 68 68 68 ILE ILE B . n 
# 
loop_
_pdbx_nonpoly_scheme.asym_id 
_pdbx_nonpoly_scheme.entity_id 
_pdbx_nonpoly_scheme.mon_id 
_pdbx_nonpoly_scheme.ndb_seq_num 
_pdbx_nonpoly_scheme.pdb_seq_num 
_pdbx_nonpoly_scheme.auth_seq_num 
_pdbx_nonpoly_scheme.pdb_mon_id 
_pdbx_nonpoly_scheme.auth_mon_id 
_pdbx_nonpoly_scheme.pdb_strand_id 
_pdbx_nonpoly_scheme.pdb_ins_code 
C 2 HOH 1  69 3  HOH HOH A . 
C 2 HOH 2  70 11 HOH HOH A . 
C 2 HOH 3  71 12 HOH HOH A . 
C 2 HOH 4  72 13 HOH HOH A . 
C 2 HOH 5  73 16 HOH HOH A . 
C 2 HOH 6  74 19 HOH HOH A . 
C 2 HOH 7  75 23 HOH HOH A . 
C 2 HOH 8  76 24 HOH HOH A . 
C 2 HOH 9  77 27 HOH HOH A . 
C 2 HOH 10 78 28 HOH HOH A . 
C 2 HOH 11 79 35 HOH HOH A . 
D 2 HOH 1  69 1  HOH HOH B . 
D 2 HOH 2  70 2  HOH HOH B . 
D 2 HOH 3  71 4  HOH HOH B . 
D 2 HOH 4  72 5  HOH HOH B . 
D 2 HOH 5  73 6  HOH HOH B . 
D 2 HOH 6  74 7  HOH HOH B . 
D 2 HOH 7  75 8  HOH HOH B . 
D 2 HOH 8  76 9  HOH HOH B . 
D 2 HOH 9  77 10 HOH HOH B . 
D 2 HOH 10 78 14 HOH HOH B . 
D 2 HOH 11 79 15 HOH HOH B . 
D 2 HOH 12 80 17 HOH HOH B . 
D 2 HOH 13 81 18 HOH HOH B . 
D 2 HOH 14 82 20 HOH HOH B . 
D 2 HOH 15 83 21 HOH HOH B . 
D 2 HOH 16 84 22 HOH HOH B . 
D 2 HOH 17 85 25 HOH HOH B . 
D 2 HOH 18 86 26 HOH HOH B . 
D 2 HOH 19 87 29 HOH HOH B . 
D 2 HOH 20 88 30 HOH HOH B . 
D 2 HOH 21 89 31 HOH HOH B . 
D 2 HOH 22 90 32 HOH HOH B . 
D 2 HOH 23 91 33 HOH HOH B . 
D 2 HOH 24 92 34 HOH HOH B . 
D 2 HOH 25 93 36 HOH HOH B . 
D 2 HOH 26 94 37 HOH HOH B . 
D 2 HOH 27 95 38 HOH HOH B . 
# 
loop_
_pdbx_unobs_or_zero_occ_atoms.id 
_pdbx_unobs_or_zero_occ_atoms.PDB_model_num 
_pdbx_unobs_or_zero_occ_atoms.polymer_flag 
_pdbx_unobs_or_zero_occ_atoms.occupancy_flag 
_pdbx_unobs_or_zero_occ_atoms.auth_asym_id 
_pdbx_unobs_or_zero_occ_atoms.auth_comp_id 
_pdbx_unobs_or_zero_occ_atoms.auth_seq_id 
_pdbx_unobs_or_zero_occ_atoms.PDB_ins_code 
_pdbx_unobs_or_zero_occ_atoms.auth_atom_id 
_pdbx_unobs_or_zero_occ_atoms.label_alt_id 
_pdbx_unobs_or_zero_occ_atoms.label_asym_id 
_pdbx_unobs_or_zero_occ_atoms.label_comp_id 
_pdbx_unobs_or_zero_occ_atoms.label_seq_id 
_pdbx_unobs_or_zero_occ_atoms.label_atom_id 
1  1 Y 0 A LYS 7  ? CD  ? A LYS 7  CD  
2  1 Y 0 A LYS 7  ? CE  ? A LYS 7  CE  
3  1 Y 0 A LYS 7  ? NZ  ? A LYS 7  NZ  
4  1 Y 0 A ARG 14 ? CG  ? A ARG 14 CG  
5  1 Y 0 A ARG 14 ? CD  ? A ARG 14 CD  
6  1 Y 0 A ARG 14 ? NE  ? A ARG 14 NE  
7  1 Y 0 A ARG 14 ? CZ  ? A ARG 14 CZ  
8  1 Y 0 A ARG 14 ? NH1 ? A ARG 14 NH1 
9  1 Y 0 A ARG 14 ? NH2 ? A ARG 14 NH2 
10 1 Y 0 A TYR 16 ? CG  ? A TYR 16 CG  
11 1 Y 0 A TYR 16 ? CD1 ? A TYR 16 CD1 
12 1 Y 0 A TYR 16 ? CD2 ? A TYR 16 CD2 
13 1 Y 0 A TYR 16 ? CE1 ? A TYR 16 CE1 
14 1 Y 0 A TYR 16 ? CE2 ? A TYR 16 CE2 
15 1 Y 0 A TYR 16 ? CZ  ? A TYR 16 CZ  
16 1 Y 0 A TYR 16 ? OH  ? A TYR 16 OH  
17 1 Y 0 A HIS 22 ? CG  ? A HIS 22 CG  
18 1 Y 0 A HIS 22 ? ND1 ? A HIS 22 ND1 
19 1 Y 0 A HIS 22 ? CD2 ? A HIS 22 CD2 
20 1 Y 0 A HIS 22 ? CE1 ? A HIS 22 CE1 
21 1 Y 0 A HIS 22 ? NE2 ? A HIS 22 NE2 
22 1 Y 0 A LYS 31 ? CB  ? A LYS 31 CB  
23 1 Y 0 A LYS 31 ? CG  ? A LYS 31 CG  
24 1 Y 0 A LYS 31 ? CD  ? A LYS 31 CD  
25 1 Y 0 A LYS 31 ? CE  ? A LYS 31 CE  
26 1 Y 0 A LYS 31 ? NZ  ? A LYS 31 NZ  
27 1 Y 0 A ASP 32 ? CG  ? A ASP 32 CG  
28 1 Y 0 A ASP 32 ? OD1 ? A ASP 32 OD1 
29 1 Y 0 A ASP 32 ? OD2 ? A ASP 32 OD2 
30 1 Y 0 A GLU 35 ? CG  ? A GLU 35 CG  
31 1 Y 0 A GLU 35 ? CD  ? A GLU 35 CD  
32 1 Y 0 A GLU 35 ? OE1 ? A GLU 35 OE1 
33 1 Y 0 A GLU 35 ? OE2 ? A GLU 35 OE2 
34 1 Y 0 A LYS 40 ? CD  ? A LYS 40 CD  
35 1 Y 0 A LYS 40 ? CE  ? A LYS 40 CE  
36 1 Y 0 A LYS 40 ? NZ  ? A LYS 40 NZ  
37 1 Y 0 A LYS 61 ? CE  ? A LYS 61 CE  
38 1 Y 0 A LYS 61 ? NZ  ? A LYS 61 NZ  
39 1 Y 0 A LYS 64 ? CG  ? A LYS 64 CG  
40 1 Y 0 A LYS 64 ? CD  ? A LYS 64 CD  
41 1 Y 0 A LYS 64 ? CE  ? A LYS 64 CE  
42 1 Y 0 A LYS 64 ? NZ  ? A LYS 64 NZ  
43 1 Y 0 B ASN 12 ? CB  ? B ASN 12 CB  
44 1 Y 0 B ASN 12 ? CG  ? B ASN 12 CG  
45 1 Y 0 B ASN 12 ? OD1 ? B ASN 12 OD1 
46 1 Y 0 B ASN 12 ? ND2 ? B ASN 12 ND2 
47 1 Y 0 B ARG 14 ? CG  ? B ARG 14 CG  
48 1 Y 0 B ARG 14 ? CD  ? B ARG 14 CD  
49 1 Y 0 B ARG 14 ? NE  ? B ARG 14 NE  
50 1 Y 0 B ARG 14 ? CZ  ? B ARG 14 CZ  
51 1 Y 0 B ARG 14 ? NH1 ? B ARG 14 NH1 
52 1 Y 0 B ARG 14 ? NH2 ? B ARG 14 NH2 
53 1 Y 0 B PHE 25 ? CG  ? B PHE 25 CG  
54 1 Y 0 B PHE 25 ? CD1 ? B PHE 25 CD1 
55 1 Y 0 B PHE 25 ? CD2 ? B PHE 25 CD2 
56 1 Y 0 B PHE 25 ? CE1 ? B PHE 25 CE1 
57 1 Y 0 B PHE 25 ? CE2 ? B PHE 25 CE2 
58 1 Y 0 B PHE 25 ? CZ  ? B PHE 25 CZ  
59 1 Y 0 B LYS 31 ? CG  ? B LYS 31 CG  
60 1 Y 0 B LYS 31 ? CD  ? B LYS 31 CD  
61 1 Y 0 B LYS 31 ? CE  ? B LYS 31 CE  
62 1 Y 0 B LYS 31 ? NZ  ? B LYS 31 NZ  
63 1 Y 0 B LYS 52 ? CD  ? B LYS 52 CD  
64 1 Y 0 B LYS 52 ? CE  ? B LYS 52 CE  
65 1 Y 0 B LYS 52 ? NZ  ? B LYS 52 NZ  
66 1 Y 0 B GLU 65 ? CD  ? B GLU 65 CD  
67 1 Y 0 B GLU 65 ? OE1 ? B GLU 65 OE1 
68 1 Y 0 B GLU 65 ? OE2 ? B GLU 65 OE2 
69 1 Y 0 B LYS 67 ? CG  ? B LYS 67 CG  
70 1 Y 0 B LYS 67 ? CD  ? B LYS 67 CD  
71 1 Y 0 B LYS 67 ? CE  ? B LYS 67 CE  
72 1 Y 0 B LYS 67 ? NZ  ? B LYS 67 NZ  
73 1 Y 0 B ILE 68 ? CB  ? B ILE 68 CB  
74 1 Y 0 B ILE 68 ? CG1 ? B ILE 68 CG1 
75 1 Y 0 B ILE 68 ? CG2 ? B ILE 68 CG2 
76 1 Y 0 B ILE 68 ? CD1 ? B ILE 68 CD1 
# 
loop_
_software.name 
_software.classification 
_software.version 
_software.citation_id 
_software.pdbx_ordinal 
SOLVE     phasing          .   ? 1 
CNS       refinement       1.1 ? 2 
DENZO     'data reduction' .   ? 3 
SCALEPACK 'data scaling'   .   ? 4 
# 
_cell.entry_id           3O27 
_cell.length_a           107.720 
_cell.length_b           107.720 
_cell.length_c           107.720 
_cell.angle_alpha        90.00 
_cell.angle_beta         90.00 
_cell.angle_gamma        90.00 
_cell.Z_PDB              48 
_cell.pdbx_unique_axis   ? 
_cell.length_a_esd       ? 
_cell.length_b_esd       ? 
_cell.length_c_esd       ? 
_cell.angle_alpha_esd    ? 
_cell.angle_beta_esd     ? 
_cell.angle_gamma_esd    ? 
# 
_symmetry.entry_id                         3O27 
_symmetry.space_group_name_H-M             'I 2 3' 
_symmetry.pdbx_full_space_group_name_H-M   ? 
_symmetry.cell_setting                     ? 
_symmetry.Int_Tables_number                197 
_symmetry.space_group_name_Hall            ? 
# 
_exptl.entry_id          3O27 
_exptl.method            'X-RAY DIFFRACTION' 
_exptl.crystals_number   1 
# 
_exptl_crystal.id                    1 
_exptl_crystal.density_meas          ? 
_exptl_crystal.density_Matthews      3.36 
_exptl_crystal.density_percent_sol   63.36 
_exptl_crystal.description           ? 
_exptl_crystal.F_000                 ? 
_exptl_crystal.preparation           ? 
# 
_exptl_crystal_grow.crystal_id      1 
_exptl_crystal_grow.method          'VAPOR DIFFUSION, HANGING DROP' 
_exptl_crystal_grow.temp            298 
_exptl_crystal_grow.temp_details    ? 
_exptl_crystal_grow.pH              3.6 
_exptl_crystal_grow.pdbx_details    
'1.6 M sodium formate, 0.1 M Sodium acetate, pH 3.6, VAPOR DIFFUSION, HANGING DROP, temperature 298K' 
_exptl_crystal_grow.pdbx_pH_range   ? 
# 
_diffrn.id                     1 
_diffrn.ambient_temp           100 
_diffrn.ambient_temp_details   ? 
_diffrn.crystal_id             1 
# 
_diffrn_detector.diffrn_id              1 
_diffrn_detector.detector               CCD 
_diffrn_detector.type                   'MAR CCD 165 mm' 
_diffrn_detector.pdbx_collection_date   2008-10-29 
_diffrn_detector.details                ? 
# 
_diffrn_radiation.diffrn_id                        1 
_diffrn_radiation.wavelength_id                    1 
_diffrn_radiation.pdbx_monochromatic_or_laue_m_l   M 
_diffrn_radiation.monochromator                    Graphite 
_diffrn_radiation.pdbx_diffrn_protocol             'SINGLE WAVELENGTH' 
_diffrn_radiation.pdbx_scattering_type             x-ray 
# 
_diffrn_radiation_wavelength.id           1 
_diffrn_radiation_wavelength.wavelength   1.0 
_diffrn_radiation_wavelength.wt           1.0 
# 
_diffrn_source.diffrn_id                   1 
_diffrn_source.source                      SYNCHROTRON 
_diffrn_source.type                        'ELETTRA BEAMLINE 5.2R' 
_diffrn_source.pdbx_synchrotron_site       ELETTRA 
_diffrn_source.pdbx_synchrotron_beamline   5.2R 
_diffrn_source.pdbx_wavelength             ? 
_diffrn_source.pdbx_wavelength_list        1.0 
# 
_reflns.entry_id                     3O27 
_reflns.observed_criterion_sigma_I   ? 
_reflns.observed_criterion_sigma_F   ? 
_reflns.d_resolution_low             50.0 
_reflns.d_resolution_high            2.8 
_reflns.number_obs                   5275 
_reflns.number_all                   5275 
_reflns.percent_possible_obs         100.0 
_reflns.pdbx_Rmerge_I_obs            0.059 
_reflns.pdbx_Rsym_value              ? 
_reflns.pdbx_netI_over_sigmaI        0.393 
_reflns.B_iso_Wilson_estimate        ? 
_reflns.pdbx_redundancy              9.6 
_reflns.R_free_details               ? 
_reflns.limit_h_max                  ? 
_reflns.limit_h_min                  ? 
_reflns.limit_k_max                  ? 
_reflns.limit_k_min                  ? 
_reflns.limit_l_max                  ? 
_reflns.limit_l_min                  ? 
_reflns.observed_criterion_F_max     ? 
_reflns.observed_criterion_F_min     ? 
_reflns.pdbx_chi_squared             ? 
_reflns.pdbx_scaling_rejects         ? 
_reflns.pdbx_diffrn_id               1 
_reflns.pdbx_ordinal                 1 
# 
_reflns_shell.d_res_high             2.8 
_reflns_shell.d_res_low              2.9 
_reflns_shell.percent_possible_all   99.8 
_reflns_shell.Rmerge_I_obs           0.444 
_reflns_shell.pdbx_Rsym_value        ? 
_reflns_shell.meanI_over_sigI_obs    5.3 
_reflns_shell.pdbx_redundancy        9.0 
_reflns_shell.percent_possible_obs   ? 
_reflns_shell.number_unique_all      528 
_reflns_shell.number_measured_all    ? 
_reflns_shell.number_measured_obs    ? 
_reflns_shell.number_unique_obs      ? 
_reflns_shell.pdbx_chi_squared       ? 
_reflns_shell.pdbx_diffrn_id         ? 
_reflns_shell.pdbx_ordinal           1 
# 
_refine.entry_id                                 3O27 
_refine.ls_number_reflns_obs                     5148 
_refine.ls_number_reflns_all                     5275 
_refine.pdbx_ls_sigma_I                          ? 
_refine.pdbx_ls_sigma_F                          0.0 
_refine.pdbx_data_cutoff_high_absF               ? 
_refine.pdbx_data_cutoff_low_absF                ? 
_refine.pdbx_data_cutoff_high_rms_absF           ? 
_refine.ls_d_res_low                             50.0 
_refine.ls_d_res_high                            2.8 
_refine.ls_percent_reflns_obs                    ? 
_refine.ls_R_factor_obs                          ? 
_refine.ls_R_factor_all                          ? 
_refine.ls_R_factor_R_work                       0.252 
_refine.ls_R_factor_R_free                       0.289 
_refine.ls_R_factor_R_free_error                 ? 
_refine.ls_R_factor_R_free_error_details         ? 
_refine.ls_percent_reflns_R_free                 ? 
_refine.ls_number_reflns_R_free                  384 
_refine.ls_number_parameters                     ? 
_refine.ls_number_restraints                     ? 
_refine.occupancy_min                            ? 
_refine.occupancy_max                            ? 
_refine.correlation_coeff_Fo_to_Fc               ? 
_refine.correlation_coeff_Fo_to_Fc_free          ? 
_refine.B_iso_mean                               ? 
_refine.aniso_B[1][1]                            ? 
_refine.aniso_B[2][2]                            ? 
_refine.aniso_B[3][3]                            ? 
_refine.aniso_B[1][2]                            ? 
_refine.aniso_B[1][3]                            ? 
_refine.aniso_B[2][3]                            ? 
_refine.solvent_model_details                    ? 
_refine.solvent_model_param_ksol                 ? 
_refine.solvent_model_param_bsol                 ? 
_refine.pdbx_solvent_vdw_probe_radii             ? 
_refine.pdbx_solvent_ion_probe_radii             ? 
_refine.pdbx_solvent_shrinkage_radii             ? 
_refine.pdbx_ls_cross_valid_method               ? 
_refine.details                                  ? 
_refine.pdbx_starting_model                      ? 
_refine.pdbx_method_to_determine_struct          SAD 
_refine.pdbx_isotropic_thermal_model             ? 
_refine.pdbx_stereochemistry_target_values       'Engh & Huber' 
_refine.pdbx_stereochem_target_val_spec_case     ? 
_refine.pdbx_R_Free_selection_details            RANDOM 
_refine.pdbx_overall_ESU_R_Free                  ? 
_refine.overall_SU_ML                            ? 
_refine.overall_SU_B                             ? 
_refine.overall_SU_R_Cruickshank_DPI             ? 
_refine.ls_redundancy_reflns_obs                 ? 
_refine.B_iso_min                                ? 
_refine.B_iso_max                                ? 
_refine.overall_SU_R_free                        ? 
_refine.ls_wR_factor_R_free                      ? 
_refine.ls_wR_factor_R_work                      ? 
_refine.overall_FOM_free_R_set                   ? 
_refine.overall_FOM_work_R_set                   ? 
_refine.pdbx_overall_phase_error                 ? 
_refine.pdbx_refine_id                           'X-RAY DIFFRACTION' 
_refine.pdbx_overall_ESU_R                       ? 
_refine.pdbx_diffrn_id                           1 
_refine.pdbx_TLS_residual_ADP_flag               ? 
_refine.pdbx_overall_SU_R_free_Cruickshank_DPI   ? 
_refine.pdbx_overall_SU_R_Blow_DPI               ? 
_refine.pdbx_overall_SU_R_free_Blow_DPI          ? 
# 
_refine_hist.pdbx_refine_id                   'X-RAY DIFFRACTION' 
_refine_hist.cycle_id                         LAST 
_refine_hist.pdbx_number_atoms_protein        955 
_refine_hist.pdbx_number_atoms_nucleic_acid   0 
_refine_hist.pdbx_number_atoms_ligand         0 
_refine_hist.number_atoms_solvent             38 
_refine_hist.number_atoms_total               993 
_refine_hist.d_res_high                       2.8 
_refine_hist.d_res_low                        50.0 
# 
loop_
_refine_ls_restr.type 
_refine_ls_restr.dev_ideal 
_refine_ls_restr.dev_ideal_target 
_refine_ls_restr.weight 
_refine_ls_restr.number 
_refine_ls_restr.pdbx_refine_id 
_refine_ls_restr.pdbx_restraint_function 
c_angle_deg 1.44  ? ? ? 'X-RAY DIFFRACTION' ? 
c_bond_d    0.009 ? ? ? 'X-RAY DIFFRACTION' ? 
# 
_refine_ls_shell.pdbx_total_number_of_bins_used   ? 
_refine_ls_shell.d_res_high                       2.80 
_refine_ls_shell.d_res_low                        2.93 
_refine_ls_shell.number_reflns_R_work             ? 
_refine_ls_shell.R_factor_R_work                  0.335 
_refine_ls_shell.percent_reflns_obs               ? 
_refine_ls_shell.R_factor_R_free                  0.402 
_refine_ls_shell.R_factor_R_free_error            ? 
_refine_ls_shell.percent_reflns_R_free            ? 
_refine_ls_shell.number_reflns_R_free             48 
_refine_ls_shell.number_reflns_all                ? 
_refine_ls_shell.R_factor_all                     ? 
_refine_ls_shell.number_reflns_obs                548 
_refine_ls_shell.redundancy_reflns_obs            ? 
_refine_ls_shell.pdbx_refine_id                   'X-RAY DIFFRACTION' 
# 
_struct.entry_id                  3O27 
_struct.title                     'The crystal structure of C68 from the hybrid virus-plasmid pSSVx' 
_struct.pdbx_model_details        ? 
_struct.pdbx_CASP_flag            ? 
_struct.pdbx_model_type_details   ? 
# 
_struct_keywords.entry_id        3O27 
_struct_keywords.pdbx_keywords   'DNA BINDING PROTEIN' 
_struct_keywords.text            'swapped-hairpin fold, transcription factor, DNA binding protein' 
# 
loop_
_struct_asym.id 
_struct_asym.pdbx_blank_PDB_chainid_flag 
_struct_asym.pdbx_modified 
_struct_asym.entity_id 
_struct_asym.details 
A N N 1 ? 
B N N 1 ? 
C N N 2 ? 
D N N 2 ? 
# 
_struct_ref.id                         1 
_struct_ref.db_name                    UNP 
_struct_ref.db_code                    Q9P9J8_SULIS 
_struct_ref.pdbx_db_accession          Q9P9J8 
_struct_ref.entity_id                  1 
_struct_ref.pdbx_seq_one_letter_code   MRPGIRKLVVLNPRAYKGGSGHTTFYLLIPKDIAEALDIKPDDTFILNMEQKDGDIVLSYKRVKELKI 
_struct_ref.pdbx_align_begin           1 
_struct_ref.pdbx_db_isoform            ? 
# 
loop_
_struct_ref_seq.align_id 
_struct_ref_seq.ref_id 
_struct_ref_seq.pdbx_PDB_id_code 
_struct_ref_seq.pdbx_strand_id 
_struct_ref_seq.seq_align_beg 
_struct_ref_seq.pdbx_seq_align_beg_ins_code 
_struct_ref_seq.seq_align_end 
_struct_ref_seq.pdbx_seq_align_end_ins_code 
_struct_ref_seq.pdbx_db_accession 
_struct_ref_seq.db_align_beg 
_struct_ref_seq.pdbx_db_align_beg_ins_code 
_struct_ref_seq.db_align_end 
_struct_ref_seq.pdbx_db_align_end_ins_code 
_struct_ref_seq.pdbx_auth_seq_align_beg 
_struct_ref_seq.pdbx_auth_seq_align_end 
1 1 3O27 A 1 ? 68 ? Q9P9J8 1 ? 68 ? 1 68 
2 1 3O27 B 1 ? 68 ? Q9P9J8 1 ? 68 ? 1 68 
# 
_pdbx_struct_assembly.id                   1 
_pdbx_struct_assembly.details              author_and_software_defined_assembly 
_pdbx_struct_assembly.method_details       PISA 
_pdbx_struct_assembly.oligomeric_details   dimeric 
_pdbx_struct_assembly.oligomeric_count     2 
# 
loop_
_pdbx_struct_assembly_prop.biol_id 
_pdbx_struct_assembly_prop.type 
_pdbx_struct_assembly_prop.value 
_pdbx_struct_assembly_prop.details 
1 'ABSA (A^2)' 4030 ? 
1 MORE         -32  ? 
1 'SSA (A^2)'  8380 ? 
# 
_pdbx_struct_assembly_gen.assembly_id       1 
_pdbx_struct_assembly_gen.oper_expression   1 
_pdbx_struct_assembly_gen.asym_id_list      A,B,C,D 
# 
_pdbx_struct_oper_list.id                   1 
_pdbx_struct_oper_list.type                 'identity operation' 
_pdbx_struct_oper_list.name                 1_555 
_pdbx_struct_oper_list.symmetry_operation   x,y,z 
_pdbx_struct_oper_list.matrix[1][1]         1.0000000000 
_pdbx_struct_oper_list.matrix[1][2]         0.0000000000 
_pdbx_struct_oper_list.matrix[1][3]         0.0000000000 
_pdbx_struct_oper_list.vector[1]            0.0000000000 
_pdbx_struct_oper_list.matrix[2][1]         0.0000000000 
_pdbx_struct_oper_list.matrix[2][2]         1.0000000000 
_pdbx_struct_oper_list.matrix[2][3]         0.0000000000 
_pdbx_struct_oper_list.vector[2]            0.0000000000 
_pdbx_struct_oper_list.matrix[3][1]         0.0000000000 
_pdbx_struct_oper_list.matrix[3][2]         0.0000000000 
_pdbx_struct_oper_list.matrix[3][3]         1.0000000000 
_pdbx_struct_oper_list.vector[3]            0.0000000000 
# 
_struct_biol.id        1 
_struct_biol.details   ? 
# 
loop_
_struct_conf.conf_type_id 
_struct_conf.id 
_struct_conf.pdbx_PDB_helix_id 
_struct_conf.beg_label_comp_id 
_struct_conf.beg_label_asym_id 
_struct_conf.beg_label_seq_id 
_struct_conf.pdbx_beg_PDB_ins_code 
_struct_conf.end_label_comp_id 
_struct_conf.end_label_asym_id 
_struct_conf.end_label_seq_id 
_struct_conf.pdbx_end_PDB_ins_code 
_struct_conf.beg_auth_comp_id 
_struct_conf.beg_auth_asym_id 
_struct_conf.beg_auth_seq_id 
_struct_conf.end_auth_comp_id 
_struct_conf.end_auth_asym_id 
_struct_conf.end_auth_seq_id 
_struct_conf.pdbx_PDB_helix_class 
_struct_conf.details 
_struct_conf.pdbx_PDB_helix_length 
HELX_P HELX_P1 1 PRO A 30 ? LEU A 37 ? PRO A 30 LEU A 37 1 ? 8 
HELX_P HELX_P2 2 LYS A 64 ? LYS A 67 ? LYS A 64 LYS A 67 5 ? 4 
HELX_P HELX_P3 3 PRO B 30 ? LEU B 37 ? PRO B 30 LEU B 37 1 ? 8 
# 
_struct_conf_type.id          HELX_P 
_struct_conf_type.criteria    ? 
_struct_conf_type.reference   ? 
# 
loop_
_struct_sheet.id 
_struct_sheet.type 
_struct_sheet.number_strands 
_struct_sheet.details 
A ? 5 ? 
B ? 3 ? 
# 
loop_
_struct_sheet_order.sheet_id 
_struct_sheet_order.range_id_1 
_struct_sheet_order.range_id_2 
_struct_sheet_order.offset 
_struct_sheet_order.sense 
A 1 2 ? anti-parallel 
A 2 3 ? anti-parallel 
A 3 4 ? anti-parallel 
A 4 5 ? anti-parallel 
B 1 2 ? anti-parallel 
B 2 3 ? anti-parallel 
# 
loop_
_struct_sheet_range.sheet_id 
_struct_sheet_range.id 
_struct_sheet_range.beg_label_comp_id 
_struct_sheet_range.beg_label_asym_id 
_struct_sheet_range.beg_label_seq_id 
_struct_sheet_range.pdbx_beg_PDB_ins_code 
_struct_sheet_range.end_label_comp_id 
_struct_sheet_range.end_label_asym_id 
_struct_sheet_range.end_label_seq_id 
_struct_sheet_range.pdbx_end_PDB_ins_code 
_struct_sheet_range.beg_auth_comp_id 
_struct_sheet_range.beg_auth_asym_id 
_struct_sheet_range.beg_auth_seq_id 
_struct_sheet_range.end_auth_comp_id 
_struct_sheet_range.end_auth_asym_id 
_struct_sheet_range.end_auth_seq_id 
A 1 VAL A 10 ? LEU A 11 ? VAL A 10 LEU A 11 
A 2 PHE B 45 ? LYS B 52 ? PHE B 45 LYS B 52 
A 3 ASP B 55 ? ARG B 62 ? ASP B 55 ARG B 62 
A 4 ASP A 55 ? ARG A 62 ? ASP A 55 ARG A 62 
A 5 PHE A 45 ? LYS A 52 ? PHE A 45 LYS A 52 
B 1 ARG A 14 ? TYR A 16 ? ARG A 14 TYR A 16 
B 2 THR A 24 ? ILE A 29 ? THR A 24 ILE A 29 
B 3 PHE B 25 ? ILE B 29 ? PHE B 25 ILE B 29 
# 
loop_
_pdbx_struct_sheet_hbond.sheet_id 
_pdbx_struct_sheet_hbond.range_id_1 
_pdbx_struct_sheet_hbond.range_id_2 
_pdbx_struct_sheet_hbond.range_1_label_atom_id 
_pdbx_struct_sheet_hbond.range_1_label_comp_id 
_pdbx_struct_sheet_hbond.range_1_label_asym_id 
_pdbx_struct_sheet_hbond.range_1_label_seq_id 
_pdbx_struct_sheet_hbond.range_1_PDB_ins_code 
_pdbx_struct_sheet_hbond.range_1_auth_atom_id 
_pdbx_struct_sheet_hbond.range_1_auth_comp_id 
_pdbx_struct_sheet_hbond.range_1_auth_asym_id 
_pdbx_struct_sheet_hbond.range_1_auth_seq_id 
_pdbx_struct_sheet_hbond.range_2_label_atom_id 
_pdbx_struct_sheet_hbond.range_2_label_comp_id 
_pdbx_struct_sheet_hbond.range_2_label_asym_id 
_pdbx_struct_sheet_hbond.range_2_label_seq_id 
_pdbx_struct_sheet_hbond.range_2_PDB_ins_code 
_pdbx_struct_sheet_hbond.range_2_auth_atom_id 
_pdbx_struct_sheet_hbond.range_2_auth_comp_id 
_pdbx_struct_sheet_hbond.range_2_auth_asym_id 
_pdbx_struct_sheet_hbond.range_2_auth_seq_id 
A 1 2 N LEU A 11 ? N LEU A 11 O PHE B 45 ? O PHE B 45 
A 2 3 N LYS B 52 ? N LYS B 52 O ASP B 55 ? O ASP B 55 
A 3 4 O ARG B 62 ? O ARG B 62 N ILE A 56 ? N ILE A 56 
A 4 5 O ASP A 55 ? O ASP A 55 N LYS A 52 ? N LYS A 52 
B 1 2 N ARG A 14 ? N ARG A 14 O TYR A 26 ? O TYR A 26 
B 2 3 N PHE A 25 ? N PHE A 25 O ILE B 29 ? O ILE B 29 
# 
loop_
_pdbx_validate_torsion.id 
_pdbx_validate_torsion.PDB_model_num 
_pdbx_validate_torsion.auth_comp_id 
_pdbx_validate_torsion.auth_asym_id 
_pdbx_validate_torsion.auth_seq_id 
_pdbx_validate_torsion.PDB_ins_code 
_pdbx_validate_torsion.label_alt_id 
_pdbx_validate_torsion.phi 
_pdbx_validate_torsion.psi 
1 1 LYS A 31 ? ? -44.89 -70.53 
2 1 ASP A 38 ? ? 37.84  71.49  
3 1 ASP A 53 ? ? 36.20  53.28  
4 1 PRO B 30 ? ? -38.60 134.71 
5 1 PRO B 41 ? ? -58.27 -9.10  
6 1 GLU B 65 ? ? -71.52 37.72  
# 
loop_
_pdbx_unobs_or_zero_occ_residues.id 
_pdbx_unobs_or_zero_occ_residues.PDB_model_num 
_pdbx_unobs_or_zero_occ_residues.polymer_flag 
_pdbx_unobs_or_zero_occ_residues.occupancy_flag 
_pdbx_unobs_or_zero_occ_residues.auth_asym_id 
_pdbx_unobs_or_zero_occ_residues.auth_comp_id 
_pdbx_unobs_or_zero_occ_residues.auth_seq_id 
_pdbx_unobs_or_zero_occ_residues.PDB_ins_code 
_pdbx_unobs_or_zero_occ_residues.label_asym_id 
_pdbx_unobs_or_zero_occ_residues.label_comp_id 
_pdbx_unobs_or_zero_occ_residues.label_seq_id 
1  1 Y 1 A MET 1  ? A MET 1  
2  1 Y 1 A ARG 2  ? A ARG 2  
3  1 Y 1 A PRO 3  ? A PRO 3  
4  1 Y 1 A LYS 17 ? A LYS 17 
5  1 Y 1 A GLY 18 ? A GLY 18 
6  1 Y 1 A GLY 19 ? A GLY 19 
7  1 Y 1 A SER 20 ? A SER 20 
8  1 Y 1 A GLY 21 ? A GLY 21 
9  1 Y 1 B MET 1  ? B MET 1  
10 1 Y 1 B ARG 2  ? B ARG 2  
11 1 Y 1 B PRO 3  ? B PRO 3  
12 1 Y 1 B TYR 16 ? B TYR 16 
13 1 Y 1 B LYS 17 ? B LYS 17 
14 1 Y 1 B GLY 18 ? B GLY 18 
15 1 Y 1 B GLY 19 ? B GLY 19 
16 1 Y 1 B SER 20 ? B SER 20 
17 1 Y 1 B GLY 21 ? B GLY 21 
18 1 Y 1 B HIS 22 ? B HIS 22 
19 1 Y 1 B THR 23 ? B THR 23 
# 
loop_
_chem_comp_atom.comp_id 
_chem_comp_atom.atom_id 
_chem_comp_atom.type_symbol 
_chem_comp_atom.pdbx_aromatic_flag 
_chem_comp_atom.pdbx_stereo_config 
_chem_comp_atom.pdbx_ordinal 
ALA N    N N N 1   
ALA CA   C N S 2   
ALA C    C N N 3   
ALA O    O N N 4   
ALA CB   C N N 5   
ALA OXT  O N N 6   
ALA H    H N N 7   
ALA H2   H N N 8   
ALA HA   H N N 9   
ALA HB1  H N N 10  
ALA HB2  H N N 11  
ALA HB3  H N N 12  
ALA HXT  H N N 13  
ARG N    N N N 14  
ARG CA   C N S 15  
ARG C    C N N 16  
ARG O    O N N 17  
ARG CB   C N N 18  
ARG CG   C N N 19  
ARG CD   C N N 20  
ARG NE   N N N 21  
ARG CZ   C N N 22  
ARG NH1  N N N 23  
ARG NH2  N N N 24  
ARG OXT  O N N 25  
ARG H    H N N 26  
ARG H2   H N N 27  
ARG HA   H N N 28  
ARG HB2  H N N 29  
ARG HB3  H N N 30  
ARG HG2  H N N 31  
ARG HG3  H N N 32  
ARG HD2  H N N 33  
ARG HD3  H N N 34  
ARG HE   H N N 35  
ARG HH11 H N N 36  
ARG HH12 H N N 37  
ARG HH21 H N N 38  
ARG HH22 H N N 39  
ARG HXT  H N N 40  
ASN N    N N N 41  
ASN CA   C N S 42  
ASN C    C N N 43  
ASN O    O N N 44  
ASN CB   C N N 45  
ASN CG   C N N 46  
ASN OD1  O N N 47  
ASN ND2  N N N 48  
ASN OXT  O N N 49  
ASN H    H N N 50  
ASN H2   H N N 51  
ASN HA   H N N 52  
ASN HB2  H N N 53  
ASN HB3  H N N 54  
ASN HD21 H N N 55  
ASN HD22 H N N 56  
ASN HXT  H N N 57  
ASP N    N N N 58  
ASP CA   C N S 59  
ASP C    C N N 60  
ASP O    O N N 61  
ASP CB   C N N 62  
ASP CG   C N N 63  
ASP OD1  O N N 64  
ASP OD2  O N N 65  
ASP OXT  O N N 66  
ASP H    H N N 67  
ASP H2   H N N 68  
ASP HA   H N N 69  
ASP HB2  H N N 70  
ASP HB3  H N N 71  
ASP HD2  H N N 72  
ASP HXT  H N N 73  
GLN N    N N N 74  
GLN CA   C N S 75  
GLN C    C N N 76  
GLN O    O N N 77  
GLN CB   C N N 78  
GLN CG   C N N 79  
GLN CD   C N N 80  
GLN OE1  O N N 81  
GLN NE2  N N N 82  
GLN OXT  O N N 83  
GLN H    H N N 84  
GLN H2   H N N 85  
GLN HA   H N N 86  
GLN HB2  H N N 87  
GLN HB3  H N N 88  
GLN HG2  H N N 89  
GLN HG3  H N N 90  
GLN HE21 H N N 91  
GLN HE22 H N N 92  
GLN HXT  H N N 93  
GLU N    N N N 94  
GLU CA   C N S 95  
GLU C    C N N 96  
GLU O    O N N 97  
GLU CB   C N N 98  
GLU CG   C N N 99  
GLU CD   C N N 100 
GLU OE1  O N N 101 
GLU OE2  O N N 102 
GLU OXT  O N N 103 
GLU H    H N N 104 
GLU H2   H N N 105 
GLU HA   H N N 106 
GLU HB2  H N N 107 
GLU HB3  H N N 108 
GLU HG2  H N N 109 
GLU HG3  H N N 110 
GLU HE2  H N N 111 
GLU HXT  H N N 112 
GLY N    N N N 113 
GLY CA   C N N 114 
GLY C    C N N 115 
GLY O    O N N 116 
GLY OXT  O N N 117 
GLY H    H N N 118 
GLY H2   H N N 119 
GLY HA2  H N N 120 
GLY HA3  H N N 121 
GLY HXT  H N N 122 
HIS N    N N N 123 
HIS CA   C N S 124 
HIS C    C N N 125 
HIS O    O N N 126 
HIS CB   C N N 127 
HIS CG   C Y N 128 
HIS ND1  N Y N 129 
HIS CD2  C Y N 130 
HIS CE1  C Y N 131 
HIS NE2  N Y N 132 
HIS OXT  O N N 133 
HIS H    H N N 134 
HIS H2   H N N 135 
HIS HA   H N N 136 
HIS HB2  H N N 137 
HIS HB3  H N N 138 
HIS HD1  H N N 139 
HIS HD2  H N N 140 
HIS HE1  H N N 141 
HIS HE2  H N N 142 
HIS HXT  H N N 143 
HOH O    O N N 144 
HOH H1   H N N 145 
HOH H2   H N N 146 
ILE N    N N N 147 
ILE CA   C N S 148 
ILE C    C N N 149 
ILE O    O N N 150 
ILE CB   C N S 151 
ILE CG1  C N N 152 
ILE CG2  C N N 153 
ILE CD1  C N N 154 
ILE OXT  O N N 155 
ILE H    H N N 156 
ILE H2   H N N 157 
ILE HA   H N N 158 
ILE HB   H N N 159 
ILE HG12 H N N 160 
ILE HG13 H N N 161 
ILE HG21 H N N 162 
ILE HG22 H N N 163 
ILE HG23 H N N 164 
ILE HD11 H N N 165 
ILE HD12 H N N 166 
ILE HD13 H N N 167 
ILE HXT  H N N 168 
LEU N    N N N 169 
LEU CA   C N S 170 
LEU C    C N N 171 
LEU O    O N N 172 
LEU CB   C N N 173 
LEU CG   C N N 174 
LEU CD1  C N N 175 
LEU CD2  C N N 176 
LEU OXT  O N N 177 
LEU H    H N N 178 
LEU H2   H N N 179 
LEU HA   H N N 180 
LEU HB2  H N N 181 
LEU HB3  H N N 182 
LEU HG   H N N 183 
LEU HD11 H N N 184 
LEU HD12 H N N 185 
LEU HD13 H N N 186 
LEU HD21 H N N 187 
LEU HD22 H N N 188 
LEU HD23 H N N 189 
LEU HXT  H N N 190 
LYS N    N N N 191 
LYS CA   C N S 192 
LYS C    C N N 193 
LYS O    O N N 194 
LYS CB   C N N 195 
LYS CG   C N N 196 
LYS CD   C N N 197 
LYS CE   C N N 198 
LYS NZ   N N N 199 
LYS OXT  O N N 200 
LYS H    H N N 201 
LYS H2   H N N 202 
LYS HA   H N N 203 
LYS HB2  H N N 204 
LYS HB3  H N N 205 
LYS HG2  H N N 206 
LYS HG3  H N N 207 
LYS HD2  H N N 208 
LYS HD3  H N N 209 
LYS HE2  H N N 210 
LYS HE3  H N N 211 
LYS HZ1  H N N 212 
LYS HZ2  H N N 213 
LYS HZ3  H N N 214 
LYS HXT  H N N 215 
MET N    N N N 216 
MET CA   C N S 217 
MET C    C N N 218 
MET O    O N N 219 
MET CB   C N N 220 
MET CG   C N N 221 
MET SD   S N N 222 
MET CE   C N N 223 
MET OXT  O N N 224 
MET H    H N N 225 
MET H2   H N N 226 
MET HA   H N N 227 
MET HB2  H N N 228 
MET HB3  H N N 229 
MET HG2  H N N 230 
MET HG3  H N N 231 
MET HE1  H N N 232 
MET HE2  H N N 233 
MET HE3  H N N 234 
MET HXT  H N N 235 
PHE N    N N N 236 
PHE CA   C N S 237 
PHE C    C N N 238 
PHE O    O N N 239 
PHE CB   C N N 240 
PHE CG   C Y N 241 
PHE CD1  C Y N 242 
PHE CD2  C Y N 243 
PHE CE1  C Y N 244 
PHE CE2  C Y N 245 
PHE CZ   C Y N 246 
PHE OXT  O N N 247 
PHE H    H N N 248 
PHE H2   H N N 249 
PHE HA   H N N 250 
PHE HB2  H N N 251 
PHE HB3  H N N 252 
PHE HD1  H N N 253 
PHE HD2  H N N 254 
PHE HE1  H N N 255 
PHE HE2  H N N 256 
PHE HZ   H N N 257 
PHE HXT  H N N 258 
PRO N    N N N 259 
PRO CA   C N S 260 
PRO C    C N N 261 
PRO O    O N N 262 
PRO CB   C N N 263 
PRO CG   C N N 264 
PRO CD   C N N 265 
PRO OXT  O N N 266 
PRO H    H N N 267 
PRO HA   H N N 268 
PRO HB2  H N N 269 
PRO HB3  H N N 270 
PRO HG2  H N N 271 
PRO HG3  H N N 272 
PRO HD2  H N N 273 
PRO HD3  H N N 274 
PRO HXT  H N N 275 
SER N    N N N 276 
SER CA   C N S 277 
SER C    C N N 278 
SER O    O N N 279 
SER CB   C N N 280 
SER OG   O N N 281 
SER OXT  O N N 282 
SER H    H N N 283 
SER H2   H N N 284 
SER HA   H N N 285 
SER HB2  H N N 286 
SER HB3  H N N 287 
SER HG   H N N 288 
SER HXT  H N N 289 
THR N    N N N 290 
THR CA   C N S 291 
THR C    C N N 292 
THR O    O N N 293 
THR CB   C N R 294 
THR OG1  O N N 295 
THR CG2  C N N 296 
THR OXT  O N N 297 
THR H    H N N 298 
THR H2   H N N 299 
THR HA   H N N 300 
THR HB   H N N 301 
THR HG1  H N N 302 
THR HG21 H N N 303 
THR HG22 H N N 304 
THR HG23 H N N 305 
THR HXT  H N N 306 
TYR N    N N N 307 
TYR CA   C N S 308 
TYR C    C N N 309 
TYR O    O N N 310 
TYR CB   C N N 311 
TYR CG   C Y N 312 
TYR CD1  C Y N 313 
TYR CD2  C Y N 314 
TYR CE1  C Y N 315 
TYR CE2  C Y N 316 
TYR CZ   C Y N 317 
TYR OH   O N N 318 
TYR OXT  O N N 319 
TYR H    H N N 320 
TYR H2   H N N 321 
TYR HA   H N N 322 
TYR HB2  H N N 323 
TYR HB3  H N N 324 
TYR HD1  H N N 325 
TYR HD2  H N N 326 
TYR HE1  H N N 327 
TYR HE2  H N N 328 
TYR HH   H N N 329 
TYR HXT  H N N 330 
VAL N    N N N 331 
VAL CA   C N S 332 
VAL C    C N N 333 
VAL O    O N N 334 
VAL CB   C N N 335 
VAL CG1  C N N 336 
VAL CG2  C N N 337 
VAL OXT  O N N 338 
VAL H    H N N 339 
VAL H2   H N N 340 
VAL HA   H N N 341 
VAL HB   H N N 342 
VAL HG11 H N N 343 
VAL HG12 H N N 344 
VAL HG13 H N N 345 
VAL HG21 H N N 346 
VAL HG22 H N N 347 
VAL HG23 H N N 348 
VAL HXT  H N N 349 
# 
loop_
_chem_comp_bond.comp_id 
_chem_comp_bond.atom_id_1 
_chem_comp_bond.atom_id_2 
_chem_comp_bond.value_order 
_chem_comp_bond.pdbx_aromatic_flag 
_chem_comp_bond.pdbx_stereo_config 
_chem_comp_bond.pdbx_ordinal 
ALA N   CA   sing N N 1   
ALA N   H    sing N N 2   
ALA N   H2   sing N N 3   
ALA CA  C    sing N N 4   
ALA CA  CB   sing N N 5   
ALA CA  HA   sing N N 6   
ALA C   O    doub N N 7   
ALA C   OXT  sing N N 8   
ALA CB  HB1  sing N N 9   
ALA CB  HB2  sing N N 10  
ALA CB  HB3  sing N N 11  
ALA OXT HXT  sing N N 12  
ARG N   CA   sing N N 13  
ARG N   H    sing N N 14  
ARG N   H2   sing N N 15  
ARG CA  C    sing N N 16  
ARG CA  CB   sing N N 17  
ARG CA  HA   sing N N 18  
ARG C   O    doub N N 19  
ARG C   OXT  sing N N 20  
ARG CB  CG   sing N N 21  
ARG CB  HB2  sing N N 22  
ARG CB  HB3  sing N N 23  
ARG CG  CD   sing N N 24  
ARG CG  HG2  sing N N 25  
ARG CG  HG3  sing N N 26  
ARG CD  NE   sing N N 27  
ARG CD  HD2  sing N N 28  
ARG CD  HD3  sing N N 29  
ARG NE  CZ   sing N N 30  
ARG NE  HE   sing N N 31  
ARG CZ  NH1  sing N N 32  
ARG CZ  NH2  doub N N 33  
ARG NH1 HH11 sing N N 34  
ARG NH1 HH12 sing N N 35  
ARG NH2 HH21 sing N N 36  
ARG NH2 HH22 sing N N 37  
ARG OXT HXT  sing N N 38  
ASN N   CA   sing N N 39  
ASN N   H    sing N N 40  
ASN N   H2   sing N N 41  
ASN CA  C    sing N N 42  
ASN CA  CB   sing N N 43  
ASN CA  HA   sing N N 44  
ASN C   O    doub N N 45  
ASN C   OXT  sing N N 46  
ASN CB  CG   sing N N 47  
ASN CB  HB2  sing N N 48  
ASN CB  HB3  sing N N 49  
ASN CG  OD1  doub N N 50  
ASN CG  ND2  sing N N 51  
ASN ND2 HD21 sing N N 52  
ASN ND2 HD22 sing N N 53  
ASN OXT HXT  sing N N 54  
ASP N   CA   sing N N 55  
ASP N   H    sing N N 56  
ASP N   H2   sing N N 57  
ASP CA  C    sing N N 58  
ASP CA  CB   sing N N 59  
ASP CA  HA   sing N N 60  
ASP C   O    doub N N 61  
ASP C   OXT  sing N N 62  
ASP CB  CG   sing N N 63  
ASP CB  HB2  sing N N 64  
ASP CB  HB3  sing N N 65  
ASP CG  OD1  doub N N 66  
ASP CG  OD2  sing N N 67  
ASP OD2 HD2  sing N N 68  
ASP OXT HXT  sing N N 69  
GLN N   CA   sing N N 70  
GLN N   H    sing N N 71  
GLN N   H2   sing N N 72  
GLN CA  C    sing N N 73  
GLN CA  CB   sing N N 74  
GLN CA  HA   sing N N 75  
GLN C   O    doub N N 76  
GLN C   OXT  sing N N 77  
GLN CB  CG   sing N N 78  
GLN CB  HB2  sing N N 79  
GLN CB  HB3  sing N N 80  
GLN CG  CD   sing N N 81  
GLN CG  HG2  sing N N 82  
GLN CG  HG3  sing N N 83  
GLN CD  OE1  doub N N 84  
GLN CD  NE2  sing N N 85  
GLN NE2 HE21 sing N N 86  
GLN NE2 HE22 sing N N 87  
GLN OXT HXT  sing N N 88  
GLU N   CA   sing N N 89  
GLU N   H    sing N N 90  
GLU N   H2   sing N N 91  
GLU CA  C    sing N N 92  
GLU CA  CB   sing N N 93  
GLU CA  HA   sing N N 94  
GLU C   O    doub N N 95  
GLU C   OXT  sing N N 96  
GLU CB  CG   sing N N 97  
GLU CB  HB2  sing N N 98  
GLU CB  HB3  sing N N 99  
GLU CG  CD   sing N N 100 
GLU CG  HG2  sing N N 101 
GLU CG  HG3  sing N N 102 
GLU CD  OE1  doub N N 103 
GLU CD  OE2  sing N N 104 
GLU OE2 HE2  sing N N 105 
GLU OXT HXT  sing N N 106 
GLY N   CA   sing N N 107 
GLY N   H    sing N N 108 
GLY N   H2   sing N N 109 
GLY CA  C    sing N N 110 
GLY CA  HA2  sing N N 111 
GLY CA  HA3  sing N N 112 
GLY C   O    doub N N 113 
GLY C   OXT  sing N N 114 
GLY OXT HXT  sing N N 115 
HIS N   CA   sing N N 116 
HIS N   H    sing N N 117 
HIS N   H2   sing N N 118 
HIS CA  C    sing N N 119 
HIS CA  CB   sing N N 120 
HIS CA  HA   sing N N 121 
HIS C   O    doub N N 122 
HIS C   OXT  sing N N 123 
HIS CB  CG   sing N N 124 
HIS CB  HB2  sing N N 125 
HIS CB  HB3  sing N N 126 
HIS CG  ND1  sing Y N 127 
HIS CG  CD2  doub Y N 128 
HIS ND1 CE1  doub Y N 129 
HIS ND1 HD1  sing N N 130 
HIS CD2 NE2  sing Y N 131 
HIS CD2 HD2  sing N N 132 
HIS CE1 NE2  sing Y N 133 
HIS CE1 HE1  sing N N 134 
HIS NE2 HE2  sing N N 135 
HIS OXT HXT  sing N N 136 
HOH O   H1   sing N N 137 
HOH O   H2   sing N N 138 
ILE N   CA   sing N N 139 
ILE N   H    sing N N 140 
ILE N   H2   sing N N 141 
ILE CA  C    sing N N 142 
ILE CA  CB   sing N N 143 
ILE CA  HA   sing N N 144 
ILE C   O    doub N N 145 
ILE C   OXT  sing N N 146 
ILE CB  CG1  sing N N 147 
ILE CB  CG2  sing N N 148 
ILE CB  HB   sing N N 149 
ILE CG1 CD1  sing N N 150 
ILE CG1 HG12 sing N N 151 
ILE CG1 HG13 sing N N 152 
ILE CG2 HG21 sing N N 153 
ILE CG2 HG22 sing N N 154 
ILE CG2 HG23 sing N N 155 
ILE CD1 HD11 sing N N 156 
ILE CD1 HD12 sing N N 157 
ILE CD1 HD13 sing N N 158 
ILE OXT HXT  sing N N 159 
LEU N   CA   sing N N 160 
LEU N   H    sing N N 161 
LEU N   H2   sing N N 162 
LEU CA  C    sing N N 163 
LEU CA  CB   sing N N 164 
LEU CA  HA   sing N N 165 
LEU C   O    doub N N 166 
LEU C   OXT  sing N N 167 
LEU CB  CG   sing N N 168 
LEU CB  HB2  sing N N 169 
LEU CB  HB3  sing N N 170 
LEU CG  CD1  sing N N 171 
LEU CG  CD2  sing N N 172 
LEU CG  HG   sing N N 173 
LEU CD1 HD11 sing N N 174 
LEU CD1 HD12 sing N N 175 
LEU CD1 HD13 sing N N 176 
LEU CD2 HD21 sing N N 177 
LEU CD2 HD22 sing N N 178 
LEU CD2 HD23 sing N N 179 
LEU OXT HXT  sing N N 180 
LYS N   CA   sing N N 181 
LYS N   H    sing N N 182 
LYS N   H2   sing N N 183 
LYS CA  C    sing N N 184 
LYS CA  CB   sing N N 185 
LYS CA  HA   sing N N 186 
LYS C   O    doub N N 187 
LYS C   OXT  sing N N 188 
LYS CB  CG   sing N N 189 
LYS CB  HB2  sing N N 190 
LYS CB  HB3  sing N N 191 
LYS CG  CD   sing N N 192 
LYS CG  HG2  sing N N 193 
LYS CG  HG3  sing N N 194 
LYS CD  CE   sing N N 195 
LYS CD  HD2  sing N N 196 
LYS CD  HD3  sing N N 197 
LYS CE  NZ   sing N N 198 
LYS CE  HE2  sing N N 199 
LYS CE  HE3  sing N N 200 
LYS NZ  HZ1  sing N N 201 
LYS NZ  HZ2  sing N N 202 
LYS NZ  HZ3  sing N N 203 
LYS OXT HXT  sing N N 204 
MET N   CA   sing N N 205 
MET N   H    sing N N 206 
MET N   H2   sing N N 207 
MET CA  C    sing N N 208 
MET CA  CB   sing N N 209 
MET CA  HA   sing N N 210 
MET C   O    doub N N 211 
MET C   OXT  sing N N 212 
MET CB  CG   sing N N 213 
MET CB  HB2  sing N N 214 
MET CB  HB3  sing N N 215 
MET CG  SD   sing N N 216 
MET CG  HG2  sing N N 217 
MET CG  HG3  sing N N 218 
MET SD  CE   sing N N 219 
MET CE  HE1  sing N N 220 
MET CE  HE2  sing N N 221 
MET CE  HE3  sing N N 222 
MET OXT HXT  sing N N 223 
PHE N   CA   sing N N 224 
PHE N   H    sing N N 225 
PHE N   H2   sing N N 226 
PHE CA  C    sing N N 227 
PHE CA  CB   sing N N 228 
PHE CA  HA   sing N N 229 
PHE C   O    doub N N 230 
PHE C   OXT  sing N N 231 
PHE CB  CG   sing N N 232 
PHE CB  HB2  sing N N 233 
PHE CB  HB3  sing N N 234 
PHE CG  CD1  doub Y N 235 
PHE CG  CD2  sing Y N 236 
PHE CD1 CE1  sing Y N 237 
PHE CD1 HD1  sing N N 238 
PHE CD2 CE2  doub Y N 239 
PHE CD2 HD2  sing N N 240 
PHE CE1 CZ   doub Y N 241 
PHE CE1 HE1  sing N N 242 
PHE CE2 CZ   sing Y N 243 
PHE CE2 HE2  sing N N 244 
PHE CZ  HZ   sing N N 245 
PHE OXT HXT  sing N N 246 
PRO N   CA   sing N N 247 
PRO N   CD   sing N N 248 
PRO N   H    sing N N 249 
PRO CA  C    sing N N 250 
PRO CA  CB   sing N N 251 
PRO CA  HA   sing N N 252 
PRO C   O    doub N N 253 
PRO C   OXT  sing N N 254 
PRO CB  CG   sing N N 255 
PRO CB  HB2  sing N N 256 
PRO CB  HB3  sing N N 257 
PRO CG  CD   sing N N 258 
PRO CG  HG2  sing N N 259 
PRO CG  HG3  sing N N 260 
PRO CD  HD2  sing N N 261 
PRO CD  HD3  sing N N 262 
PRO OXT HXT  sing N N 263 
SER N   CA   sing N N 264 
SER N   H    sing N N 265 
SER N   H2   sing N N 266 
SER CA  C    sing N N 267 
SER CA  CB   sing N N 268 
SER CA  HA   sing N N 269 
SER C   O    doub N N 270 
SER C   OXT  sing N N 271 
SER CB  OG   sing N N 272 
SER CB  HB2  sing N N 273 
SER CB  HB3  sing N N 274 
SER OG  HG   sing N N 275 
SER OXT HXT  sing N N 276 
THR N   CA   sing N N 277 
THR N   H    sing N N 278 
THR N   H2   sing N N 279 
THR CA  C    sing N N 280 
THR CA  CB   sing N N 281 
THR CA  HA   sing N N 282 
THR C   O    doub N N 283 
THR C   OXT  sing N N 284 
THR CB  OG1  sing N N 285 
THR CB  CG2  sing N N 286 
THR CB  HB   sing N N 287 
THR OG1 HG1  sing N N 288 
THR CG2 HG21 sing N N 289 
THR CG2 HG22 sing N N 290 
THR CG2 HG23 sing N N 291 
THR OXT HXT  sing N N 292 
TYR N   CA   sing N N 293 
TYR N   H    sing N N 294 
TYR N   H2   sing N N 295 
TYR CA  C    sing N N 296 
TYR CA  CB   sing N N 297 
TYR CA  HA   sing N N 298 
TYR C   O    doub N N 299 
TYR C   OXT  sing N N 300 
TYR CB  CG   sing N N 301 
TYR CB  HB2  sing N N 302 
TYR CB  HB3  sing N N 303 
TYR CG  CD1  doub Y N 304 
TYR CG  CD2  sing Y N 305 
TYR CD1 CE1  sing Y N 306 
TYR CD1 HD1  sing N N 307 
TYR CD2 CE2  doub Y N 308 
TYR CD2 HD2  sing N N 309 
TYR CE1 CZ   doub Y N 310 
TYR CE1 HE1  sing N N 311 
TYR CE2 CZ   sing Y N 312 
TYR CE2 HE2  sing N N 313 
TYR CZ  OH   sing N N 314 
TYR OH  HH   sing N N 315 
TYR OXT HXT  sing N N 316 
VAL N   CA   sing N N 317 
VAL N   H    sing N N 318 
VAL N   H2   sing N N 319 
VAL CA  C    sing N N 320 
VAL CA  CB   sing N N 321 
VAL CA  HA   sing N N 322 
VAL C   O    doub N N 323 
VAL C   OXT  sing N N 324 
VAL CB  CG1  sing N N 325 
VAL CB  CG2  sing N N 326 
VAL CB  HB   sing N N 327 
VAL CG1 HG11 sing N N 328 
VAL CG1 HG12 sing N N 329 
VAL CG1 HG13 sing N N 330 
VAL CG2 HG21 sing N N 331 
VAL CG2 HG22 sing N N 332 
VAL CG2 HG23 sing N N 333 
VAL OXT HXT  sing N N 334 
# 
_atom_sites.entry_id                    3O27 
_atom_sites.fract_transf_matrix[1][1]   -0.00696804 
_atom_sites.fract_transf_matrix[1][2]   -0.00282072 
_atom_sites.fract_transf_matrix[1][3]   0.00544647 
_atom_sites.fract_transf_matrix[2][1]   0.00202439 
_atom_sites.fract_transf_matrix[2][2]   0.00672354 
_atom_sites.fract_transf_matrix[2][3]   0.00607206 
_atom_sites.fract_transf_matrix[3][1]   -0.00578985 
_atom_sites.fract_transf_matrix[3][2]   0.00574557 
_atom_sites.fract_transf_matrix[3][3]   -0.00443172 
_atom_sites.fract_transf_vector[1]      0.311337 
_atom_sites.fract_transf_vector[2]      0.089940 
_atom_sites.fract_transf_vector[3]      0.410476 
# 
loop_
_atom_type.symbol 
C 
N 
O 
S 
# 
loop_
_atom_site.group_PDB 
_atom_site.id 
_atom_site.type_symbol 
_atom_site.label_atom_id 
_atom_site.label_alt_id 
_atom_site.label_comp_id 
_atom_site.label_asym_id 
_atom_site.label_entity_id 
_atom_site.label_seq_id 
_atom_site.pdbx_PDB_ins_code 
_atom_site.Cartn_x 
_atom_site.Cartn_y 
_atom_site.Cartn_z 
_atom_site.occupancy 
_atom_site.B_iso_or_equiv 
_atom_site.pdbx_formal_charge 
_atom_site.auth_seq_id 
_atom_site.auth_comp_id 
_atom_site.auth_asym_id 
_atom_site.auth_atom_id 
_atom_site.pdbx_PDB_model_num 
ATOM   1   N N   . GLY A 1 4  ? 12.724  -23.276 1.544   1.00 41.17 ? 4  GLY A N   1 
ATOM   2   C CA  . GLY A 1 4  ? 11.287  -23.715 1.442   1.00 41.60 ? 4  GLY A CA  1 
ATOM   3   C C   . GLY A 1 4  ? 10.341  -23.046 2.434   1.00 40.26 ? 4  GLY A C   1 
ATOM   4   O O   . GLY A 1 4  ? 9.281   -23.571 2.794   1.00 41.41 ? 4  GLY A O   1 
ATOM   5   N N   . ILE A 1 5  ? 10.723  -21.867 2.891   1.00 39.16 ? 5  ILE A N   1 
ATOM   6   C CA  . ILE A 1 5  ? 9.898   -21.155 3.847   1.00 39.11 ? 5  ILE A CA  1 
ATOM   7   C C   . ILE A 1 5  ? 10.128  -19.650 3.754   1.00 39.18 ? 5  ILE A C   1 
ATOM   8   O O   . ILE A 1 5  ? 11.222  -19.210 3.401   1.00 40.79 ? 5  ILE A O   1 
ATOM   9   C CB  . ILE A 1 5  ? 10.216  -21.635 5.263   1.00 37.58 ? 5  ILE A CB  1 
ATOM   10  C CG1 . ILE A 1 5  ? 9.355   -20.893 6.273   1.00 36.92 ? 5  ILE A CG1 1 
ATOM   11  C CG2 . ILE A 1 5  ? 11.687  -21.467 5.528   1.00 35.17 ? 5  ILE A CG2 1 
ATOM   12  C CD1 . ILE A 1 5  ? 9.531   -21.407 7.662   1.00 37.78 ? 5  ILE A CD1 1 
ATOM   13  N N   . ARG A 1 6  ? 9.084   -18.880 4.055   1.00 37.41 ? 6  ARG A N   1 
ATOM   14  C CA  . ARG A 1 6  ? 9.122   -17.419 4.039   1.00 37.07 ? 6  ARG A CA  1 
ATOM   15  C C   . ARG A 1 6  ? 8.067   -16.843 4.964   1.00 36.78 ? 6  ARG A C   1 
ATOM   16  O O   . ARG A 1 6  ? 7.023   -17.449 5.202   1.00 37.42 ? 6  ARG A O   1 
ATOM   17  C CB  . ARG A 1 6  ? 8.908   -16.865 2.628   1.00 35.69 ? 6  ARG A CB  1 
ATOM   18  C CG  . ARG A 1 6  ? 8.081   -17.739 1.706   1.00 37.91 ? 6  ARG A CG  1 
ATOM   19  C CD  . ARG A 1 6  ? 7.898   -17.076 0.327   1.00 35.65 ? 6  ARG A CD  1 
ATOM   20  N NE  . ARG A 1 6  ? 6.835   -16.070 0.318   1.00 34.44 ? 6  ARG A NE  1 
ATOM   21  C CZ  . ARG A 1 6  ? 5.720   -16.155 -0.407  1.00 32.78 ? 6  ARG A CZ  1 
ATOM   22  N NH1 . ARG A 1 6  ? 5.505   -17.199 -1.195  1.00 30.32 ? 6  ARG A NH1 1 
ATOM   23  N NH2 . ARG A 1 6  ? 4.813   -15.191 -0.345  1.00 31.70 ? 6  ARG A NH2 1 
ATOM   24  N N   . LYS A 1 7  ? 8.360   -15.677 5.514   1.00 37.02 ? 7  LYS A N   1 
ATOM   25  C CA  . LYS A 1 7  ? 7.420   -15.024 6.395   1.00 37.91 ? 7  LYS A CA  1 
ATOM   26  C C   . LYS A 1 7  ? 6.583   -14.090 5.542   1.00 37.38 ? 7  LYS A C   1 
ATOM   27  O O   . LYS A 1 7  ? 7.086   -13.460 4.608   1.00 37.19 ? 7  LYS A O   1 
ATOM   28  C CB  . LYS A 1 7  ? 8.157   -14.245 7.481   1.00 40.81 ? 7  LYS A CB  1 
ATOM   29  C CG  . LYS A 1 7  ? 8.859   -15.145 8.487   1.00 43.11 ? 7  LYS A CG  1 
ATOM   30  C CD  . LYS A 1 7  ? 9.422   -14.356 9.663   0.00 42.50 ? 7  LYS A CD  1 
ATOM   31  C CE  . LYS A 1 7  ? 10.861  -13.934 9.425   0.00 42.76 ? 7  LYS A CE  1 
ATOM   32  N NZ  . LYS A 1 7  ? 11.778  -15.109 9.463   0.00 42.72 ? 7  LYS A NZ  1 
ATOM   33  N N   . LEU A 1 8  ? 5.296   -14.033 5.858   1.00 36.69 ? 8  LEU A N   1 
ATOM   34  C CA  . LEU A 1 8  ? 4.349   -13.195 5.144   1.00 35.79 ? 8  LEU A CA  1 
ATOM   35  C C   . LEU A 1 8  ? 3.555   -12.425 6.176   1.00 35.33 ? 8  LEU A C   1 
ATOM   36  O O   . LEU A 1 8  ? 3.095   -12.989 7.164   1.00 36.17 ? 8  LEU A O   1 
ATOM   37  C CB  . LEU A 1 8  ? 3.411   -14.061 4.306   1.00 37.30 ? 8  LEU A CB  1 
ATOM   38  C CG  . LEU A 1 8  ? 2.216   -13.355 3.660   1.00 38.73 ? 8  LEU A CG  1 
ATOM   39  C CD1 . LEU A 1 8  ? 2.688   -12.183 2.818   1.00 39.48 ? 8  LEU A CD1 1 
ATOM   40  C CD2 . LEU A 1 8  ? 1.449   -14.346 2.805   1.00 38.92 ? 8  LEU A CD2 1 
ATOM   41  N N   . VAL A 1 9  ? 3.386   -11.134 5.960   1.00 35.49 ? 9  VAL A N   1 
ATOM   42  C CA  . VAL A 1 9  ? 2.649   -10.346 6.927   1.00 36.44 ? 9  VAL A CA  1 
ATOM   43  C C   . VAL A 1 9  ? 1.212   -10.104 6.496   1.00 37.84 ? 9  VAL A C   1 
ATOM   44  O O   . VAL A 1 9  ? 0.941   -9.741  5.352   1.00 37.08 ? 9  VAL A O   1 
ATOM   45  C CB  . VAL A 1 9  ? 3.361   -9.016  7.182   1.00 35.07 ? 9  VAL A CB  1 
ATOM   46  C CG1 . VAL A 1 9  ? 4.136   -8.622  5.947   1.00 36.54 ? 9  VAL A CG1 1 
ATOM   47  C CG2 . VAL A 1 9  ? 2.355   -7.944  7.563   1.00 34.43 ? 9  VAL A CG2 1 
ATOM   48  N N   . VAL A 1 10 ? 0.290   -10.320 7.424   1.00 39.51 ? 10 VAL A N   1 
ATOM   49  C CA  . VAL A 1 10 ? -1.122  -10.130 7.139   1.00 42.15 ? 10 VAL A CA  1 
ATOM   50  C C   . VAL A 1 10 ? -1.565  -8.847  7.818   1.00 42.41 ? 10 VAL A C   1 
ATOM   51  O O   . VAL A 1 10 ? -1.053  -8.509  8.881   1.00 44.26 ? 10 VAL A O   1 
ATOM   52  C CB  . VAL A 1 10 ? -1.957  -11.298 7.675   1.00 43.23 ? 10 VAL A CB  1 
ATOM   53  C CG1 . VAL A 1 10 ? -3.361  -11.181 7.169   1.00 42.85 ? 10 VAL A CG1 1 
ATOM   54  C CG2 . VAL A 1 10 ? -1.343  -12.624 7.249   1.00 43.24 ? 10 VAL A CG2 1 
ATOM   55  N N   . LEU A 1 11 ? -2.519  -8.137  7.222   1.00 41.24 ? 11 LEU A N   1 
ATOM   56  C CA  . LEU A 1 11 ? -2.958  -6.871  7.805   1.00 41.49 ? 11 LEU A CA  1 
ATOM   57  C C   . LEU A 1 11 ? -4.429  -6.567  7.642   1.00 42.06 ? 11 LEU A C   1 
ATOM   58  O O   . LEU A 1 11 ? -5.139  -7.241  6.913   1.00 43.92 ? 11 LEU A O   1 
ATOM   59  C CB  . LEU A 1 11 ? -2.214  -5.708  7.160   1.00 39.71 ? 11 LEU A CB  1 
ATOM   60  C CG  . LEU A 1 11 ? -0.703  -5.726  7.078   1.00 39.41 ? 11 LEU A CG  1 
ATOM   61  C CD1 . LEU A 1 11 ? -0.258  -4.652  6.111   1.00 39.69 ? 11 LEU A CD1 1 
ATOM   62  C CD2 . LEU A 1 11 ? -0.107  -5.516  8.463   1.00 41.33 ? 11 LEU A CD2 1 
ATOM   63  N N   . ASN A 1 12 ? -4.857  -5.514  8.325   1.00 42.73 ? 12 ASN A N   1 
ATOM   64  C CA  . ASN A 1 12 ? -6.213  -5.012  8.245   1.00 43.03 ? 12 ASN A CA  1 
ATOM   65  C C   . ASN A 1 12 ? -6.030  -3.524  8.061   1.00 43.05 ? 12 ASN A C   1 
ATOM   66  O O   . ASN A 1 12 ? -5.080  -2.941  8.580   1.00 43.16 ? 12 ASN A O   1 
ATOM   67  C CB  . ASN A 1 12 ? -6.986  -5.253  9.540   1.00 47.08 ? 12 ASN A CB  1 
ATOM   68  C CG  . ASN A 1 12 ? -7.350  -6.698  9.741   1.00 49.09 ? 12 ASN A CG  1 
ATOM   69  O OD1 . ASN A 1 12 ? -7.854  -7.080  10.793  1.00 50.78 ? 12 ASN A OD1 1 
ATOM   70  N ND2 . ASN A 1 12 ? -7.096  -7.515  8.736   1.00 52.11 ? 12 ASN A ND2 1 
ATOM   71  N N   . PRO A 1 13 ? -6.924  -2.884  7.305   1.00 42.71 ? 13 PRO A N   1 
ATOM   72  C CA  . PRO A 1 13 ? -6.764  -1.442  7.123   1.00 42.39 ? 13 PRO A CA  1 
ATOM   73  C C   . PRO A 1 13 ? -6.938  -0.759  8.478   1.00 42.47 ? 13 PRO A C   1 
ATOM   74  O O   . PRO A 1 13 ? -7.631  -1.278  9.344   1.00 42.40 ? 13 PRO A O   1 
ATOM   75  C CB  . PRO A 1 13 ? -7.890  -1.096  6.160   1.00 42.57 ? 13 PRO A CB  1 
ATOM   76  C CG  . PRO A 1 13 ? -8.091  -2.374  5.392   1.00 42.81 ? 13 PRO A CG  1 
ATOM   77  C CD  . PRO A 1 13 ? -8.018  -3.408  6.470   1.00 42.16 ? 13 PRO A CD  1 
ATOM   78  N N   . ARG A 1 14 ? -6.304  0.391   8.663   1.00 43.68 ? 14 ARG A N   1 
ATOM   79  C CA  . ARG A 1 14 ? -6.407  1.136   9.914   1.00 43.75 ? 14 ARG A CA  1 
ATOM   80  C C   . ARG A 1 14 ? -7.422  2.255   9.674   1.00 44.86 ? 14 ARG A C   1 
ATOM   81  O O   . ARG A 1 14 ? -7.173  3.155   8.880   1.00 46.52 ? 14 ARG A O   1 
ATOM   82  C CB  . ARG A 1 14 ? -5.036  1.726   10.273  1.00 43.09 ? 14 ARG A CB  1 
ATOM   83  C CG  . ARG A 1 14 ? -4.874  2.251   11.697  0.00 43.66 ? 14 ARG A CG  1 
ATOM   84  C CD  . ARG A 1 14 ? -4.401  1.167   12.662  0.00 43.89 ? 14 ARG A CD  1 
ATOM   85  N NE  . ARG A 1 14 ? -3.601  1.729   13.750  0.00 44.28 ? 14 ARG A NE  1 
ATOM   86  C CZ  . ARG A 1 14 ? -3.105  1.025   14.763  0.00 44.47 ? 14 ARG A CZ  1 
ATOM   87  N NH1 . ARG A 1 14 ? -3.326  -0.281  14.838  0.00 44.55 ? 14 ARG A NH1 1 
ATOM   88  N NH2 . ARG A 1 14 ? -2.378  1.625   15.697  0.00 44.55 ? 14 ARG A NH2 1 
ATOM   89  N N   . ALA A 1 15 ? -8.573  2.194   10.334  1.00 45.99 ? 15 ALA A N   1 
ATOM   90  C CA  . ALA A 1 15 ? -9.587  3.234   10.166  1.00 47.65 ? 15 ALA A CA  1 
ATOM   91  C C   . ALA A 1 15 ? -9.415  4.360   11.178  1.00 49.97 ? 15 ALA A C   1 
ATOM   92  O O   . ALA A 1 15 ? -8.793  4.184   12.223  1.00 51.29 ? 15 ALA A O   1 
ATOM   93  C CB  . ALA A 1 15 ? -10.974 2.640   10.306  1.00 45.36 ? 15 ALA A CB  1 
ATOM   94  N N   . TYR A 1 16 ? -9.960  5.526   10.848  1.00 52.20 ? 16 TYR A N   1 
ATOM   95  C CA  . TYR A 1 16 ? -9.912  6.689   11.731  1.00 53.53 ? 16 TYR A CA  1 
ATOM   96  C C   . TYR A 1 16 ? -11.219 7.428   11.514  1.00 54.45 ? 16 TYR A C   1 
ATOM   97  O O   . TYR A 1 16 ? -11.951 7.108   10.580  1.00 56.51 ? 16 TYR A O   1 
ATOM   98  C CB  . TYR A 1 16 ? -8.736  7.612   11.387  1.00 52.18 ? 16 TYR A CB  1 
ATOM   99  C CG  . TYR A 1 16 ? -8.671  8.870   12.238  0.00 52.43 ? 16 TYR A CG  1 
ATOM   100 C CD1 . TYR A 1 16 ? -7.859  9.943   11.869  0.00 52.26 ? 16 TYR A CD1 1 
ATOM   101 C CD2 . TYR A 1 16 ? -9.419  8.987   13.413  0.00 52.26 ? 16 TYR A CD2 1 
ATOM   102 C CE1 . TYR A 1 16 ? -7.799  11.102  12.643  0.00 52.21 ? 16 TYR A CE1 1 
ATOM   103 C CE2 . TYR A 1 16 ? -9.364  10.141  14.193  0.00 52.21 ? 16 TYR A CE2 1 
ATOM   104 C CZ  . TYR A 1 16 ? -8.553  11.193  13.803  0.00 52.16 ? 16 TYR A CZ  1 
ATOM   105 O OH  . TYR A 1 16 ? -8.501  12.332  14.574  0.00 52.16 ? 16 TYR A OH  1 
ATOM   106 N N   . HIS A 1 22 ? -15.557 11.479  7.314   1.00 64.60 ? 22 HIS A N   1 
ATOM   107 C CA  . HIS A 1 22 ? -15.998 10.093  7.211   1.00 64.91 ? 22 HIS A CA  1 
ATOM   108 C C   . HIS A 1 22 ? -14.899 9.161   7.707   1.00 65.41 ? 22 HIS A C   1 
ATOM   109 O O   . HIS A 1 22 ? -14.167 9.506   8.638   1.00 66.21 ? 22 HIS A O   1 
ATOM   110 C CB  . HIS A 1 22 ? -16.368 9.768   5.762   1.00 64.52 ? 22 HIS A CB  1 
ATOM   111 C CG  . HIS A 1 22 ? -17.436 10.657  5.204   0.00 64.49 ? 22 HIS A CG  1 
ATOM   112 N ND1 . HIS A 1 22 ? -18.725 10.666  5.689   0.00 64.41 ? 22 HIS A ND1 1 
ATOM   113 C CD2 . HIS A 1 22 ? -17.397 11.591  4.224   0.00 64.41 ? 22 HIS A CD2 1 
ATOM   114 C CE1 . HIS A 1 22 ? -19.434 11.568  5.033   0.00 64.40 ? 22 HIS A CE1 1 
ATOM   115 N NE2 . HIS A 1 22 ? -18.651 12.144  4.139   0.00 64.40 ? 22 HIS A NE2 1 
ATOM   116 N N   . THR A 1 23 ? -14.777 7.985   7.098   1.00 64.49 ? 23 THR A N   1 
ATOM   117 C CA  . THR A 1 23 ? -13.749 7.041   7.528   1.00 63.28 ? 23 THR A CA  1 
ATOM   118 C C   . THR A 1 23 ? -12.563 6.942   6.584   1.00 61.19 ? 23 THR A C   1 
ATOM   119 O O   . THR A 1 23 ? -12.704 6.626   5.406   1.00 61.18 ? 23 THR A O   1 
ATOM   120 C CB  . THR A 1 23 ? -14.315 5.634   7.718   1.00 64.70 ? 23 THR A CB  1 
ATOM   121 O OG1 . THR A 1 23 ? -15.438 5.694   8.605   1.00 66.19 ? 23 THR A OG1 1 
ATOM   122 C CG2 . THR A 1 23 ? -13.248 4.713   8.312   1.00 63.98 ? 23 THR A CG2 1 
ATOM   123 N N   . THR A 1 24 ? -11.386 7.210   7.132   1.00 58.59 ? 24 THR A N   1 
ATOM   124 C CA  . THR A 1 24 ? -10.147 7.169   6.381   1.00 54.97 ? 24 THR A CA  1 
ATOM   125 C C   . THR A 1 24 ? -9.419  5.865   6.660   1.00 53.09 ? 24 THR A C   1 
ATOM   126 O O   . THR A 1 24 ? -9.359  5.408   7.802   1.00 52.99 ? 24 THR A O   1 
ATOM   127 C CB  . THR A 1 24 ? -9.252  8.324   6.786   1.00 54.83 ? 24 THR A CB  1 
ATOM   128 O OG1 . THR A 1 24 ? -9.976  9.547   6.634   1.00 56.53 ? 24 THR A OG1 1 
ATOM   129 C CG2 . THR A 1 24 ? -8.007  8.361   5.926   1.00 55.36 ? 24 THR A CG2 1 
ATOM   130 N N   . PHE A 1 25 ? -8.863  5.266   5.616   1.00 49.70 ? 25 PHE A N   1 
ATOM   131 C CA  . PHE A 1 25 ? -8.158  4.019   5.787   1.00 47.56 ? 25 PHE A CA  1 
ATOM   132 C C   . PHE A 1 25 ? -6.688  4.121   5.441   1.00 45.99 ? 25 PHE A C   1 
ATOM   133 O O   . PHE A 1 25 ? -6.290  4.844   4.527   1.00 46.44 ? 25 PHE A O   1 
ATOM   134 C CB  . PHE A 1 25 ? -8.805  2.924   4.949   1.00 48.49 ? 25 PHE A CB  1 
ATOM   135 C CG  . PHE A 1 25 ? -10.189 2.565   5.386   1.00 50.15 ? 25 PHE A CG  1 
ATOM   136 C CD1 . PHE A 1 25 ? -11.296 3.227   4.867   1.00 52.58 ? 25 PHE A CD1 1 
ATOM   137 C CD2 . PHE A 1 25 ? -10.389 1.547   6.310   1.00 50.84 ? 25 PHE A CD2 1 
ATOM   138 C CE1 . PHE A 1 25 ? -12.588 2.867   5.263   1.00 53.00 ? 25 PHE A CE1 1 
ATOM   139 C CE2 . PHE A 1 25 ? -11.667 1.185   6.709   1.00 50.53 ? 25 PHE A CE2 1 
ATOM   140 C CZ  . PHE A 1 25 ? -12.767 1.844   6.186   1.00 51.99 ? 25 PHE A CZ  1 
ATOM   141 N N   . TYR A 1 26 ? -5.887  3.376   6.193   1.00 43.71 ? 26 TYR A N   1 
ATOM   142 C CA  . TYR A 1 26 ? -4.455  3.346   5.997   1.00 41.83 ? 26 TYR A CA  1 
ATOM   143 C C   . TYR A 1 26 ? -3.951  1.917   5.995   1.00 41.89 ? 26 TYR A C   1 
ATOM   144 O O   . TYR A 1 26 ? -4.652  0.997   6.399   1.00 41.99 ? 26 TYR A O   1 
ATOM   145 C CB  . TYR A 1 26 ? -3.736  4.118   7.093   1.00 41.83 ? 26 TYR A CB  1 
ATOM   146 C CG  . TYR A 1 26 ? -4.022  5.596   7.094   1.00 43.11 ? 26 TYR A CG  1 
ATOM   147 C CD1 . TYR A 1 26 ? -5.113  6.108   7.800   1.00 44.00 ? 26 TYR A CD1 1 
ATOM   148 C CD2 . TYR A 1 26 ? -3.175  6.493   6.428   1.00 42.39 ? 26 TYR A CD2 1 
ATOM   149 C CE1 . TYR A 1 26 ? -5.350  7.472   7.863   1.00 44.43 ? 26 TYR A CE1 1 
ATOM   150 C CE2 . TYR A 1 26 ? -3.400  7.869   6.474   1.00 43.07 ? 26 TYR A CE2 1 
ATOM   151 C CZ  . TYR A 1 26 ? -4.485  8.353   7.201   1.00 45.06 ? 26 TYR A CZ  1 
ATOM   152 O OH  . TYR A 1 26 ? -4.662  9.715   7.309   1.00 45.27 ? 26 TYR A OH  1 
ATOM   153 N N   . LEU A 1 27 ? -2.722  1.738   5.537   1.00 39.45 ? 27 LEU A N   1 
ATOM   154 C CA  . LEU A 1 27 ? -2.115  0.424   5.478   1.00 37.64 ? 27 LEU A CA  1 
ATOM   155 C C   . LEU A 1 27 ? -0.753  0.587   6.084   1.00 39.05 ? 27 LEU A C   1 
ATOM   156 O O   . LEU A 1 27 ? 0.004   1.462   5.688   1.00 40.22 ? 27 LEU A O   1 
ATOM   157 C CB  . LEU A 1 27 ? -2.009  -0.054  4.029   1.00 35.24 ? 27 LEU A CB  1 
ATOM   158 C CG  . LEU A 1 27 ? -3.336  -0.421  3.357   1.00 34.00 ? 27 LEU A CG  1 
ATOM   159 C CD1 . LEU A 1 27 ? -3.110  -0.661  1.886   1.00 33.14 ? 27 LEU A CD1 1 
ATOM   160 C CD2 . LEU A 1 27 ? -3.915  -1.648  4.013   1.00 30.25 ? 27 LEU A CD2 1 
ATOM   161 N N   . LEU A 1 28 ? -0.468  -0.240  7.081   1.00 39.24 ? 28 LEU A N   1 
ATOM   162 C CA  . LEU A 1 28 ? 0.795   -0.198  7.778   1.00 37.78 ? 28 LEU A CA  1 
ATOM   163 C C   . LEU A 1 28 ? 1.960   -0.643  6.917   1.00 38.63 ? 28 LEU A C   1 
ATOM   164 O O   . LEU A 1 28 ? 1.817   -1.459  6.001   1.00 37.86 ? 28 LEU A O   1 
ATOM   165 C CB  . LEU A 1 28 ? 0.734   -1.086  9.022   1.00 38.85 ? 28 LEU A CB  1 
ATOM   166 C CG  . LEU A 1 28 ? 2.060   -1.535  9.648   1.00 39.35 ? 28 LEU A CG  1 
ATOM   167 C CD1 . LEU A 1 28 ? 2.847   -0.328  10.103  1.00 40.36 ? 28 LEU A CD1 1 
ATOM   168 C CD2 . LEU A 1 28 ? 1.786   -2.460  10.818  1.00 40.03 ? 28 LEU A CD2 1 
ATOM   169 N N   . ILE A 1 29 ? 3.115   -0.068  7.217   1.00 38.02 ? 29 ILE A N   1 
ATOM   170 C CA  . ILE A 1 29 ? 4.348   -0.430  6.558   1.00 39.10 ? 29 ILE A CA  1 
ATOM   171 C C   . ILE A 1 29 ? 5.135   -1.027  7.728   1.00 41.35 ? 29 ILE A C   1 
ATOM   172 O O   . ILE A 1 29 ? 5.596   -0.305  8.616   1.00 42.69 ? 29 ILE A O   1 
ATOM   173 C CB  . ILE A 1 29 ? 5.103   0.803   6.012   1.00 37.24 ? 29 ILE A CB  1 
ATOM   174 C CG1 . ILE A 1 29 ? 4.191   1.629   5.116   1.00 36.29 ? 29 ILE A CG1 1 
ATOM   175 C CG2 . ILE A 1 29 ? 6.315   0.361   5.208   1.00 34.38 ? 29 ILE A CG2 1 
ATOM   176 C CD1 . ILE A 1 29 ? 4.902   2.810   4.470   1.00 35.60 ? 29 ILE A CD1 1 
ATOM   177 N N   . PRO A 1 30 ? 5.272   -2.357  7.762   1.00 42.03 ? 30 PRO A N   1 
ATOM   178 C CA  . PRO A 1 30 ? 5.992   -3.078  8.811   1.00 41.78 ? 30 PRO A CA  1 
ATOM   179 C C   . PRO A 1 30 ? 7.315   -2.434  9.233   1.00 42.36 ? 30 PRO A C   1 
ATOM   180 O O   . PRO A 1 30 ? 8.116   -1.987  8.400   1.00 42.22 ? 30 PRO A O   1 
ATOM   181 C CB  . PRO A 1 30 ? 6.183   -4.460  8.195   1.00 43.40 ? 30 PRO A CB  1 
ATOM   182 C CG  . PRO A 1 30 ? 4.936   -4.628  7.393   1.00 43.59 ? 30 PRO A CG  1 
ATOM   183 C CD  . PRO A 1 30 ? 4.815   -3.287  6.715   1.00 43.09 ? 30 PRO A CD  1 
ATOM   184 N N   . LYS A 1 31 ? 7.523   -2.399  10.545  1.00 43.40 ? 31 LYS A N   1 
ATOM   185 C CA  . LYS A 1 31 ? 8.722   -1.840  11.151  1.00 44.07 ? 31 LYS A CA  1 
ATOM   186 C C   . LYS A 1 31 ? 9.956   -2.323  10.398  1.00 45.27 ? 31 LYS A C   1 
ATOM   187 O O   . LYS A 1 31 ? 10.599  -1.553  9.688   1.00 45.68 ? 31 LYS A O   1 
ATOM   188 C CB  . LYS A 1 31 ? 8.797   -2.285  12.615  0.00 44.53 ? 31 LYS A CB  1 
ATOM   189 C CG  . LYS A 1 31 ? 9.706   -1.453  13.510  0.00 44.97 ? 31 LYS A CG  1 
ATOM   190 C CD  . LYS A 1 31 ? 9.641   -1.963  14.945  0.00 45.32 ? 31 LYS A CD  1 
ATOM   191 C CE  . LYS A 1 31 ? 8.207   -1.960  15.468  0.00 45.57 ? 31 LYS A CE  1 
ATOM   192 N NZ  . LYS A 1 31 ? 8.108   -2.515  16.847  0.00 45.82 ? 31 LYS A NZ  1 
ATOM   193 N N   . ASP A 1 32 ? 10.264  -3.606  10.548  1.00 46.54 ? 32 ASP A N   1 
ATOM   194 C CA  . ASP A 1 32 ? 11.428  -4.212  9.915   1.00 48.14 ? 32 ASP A CA  1 
ATOM   195 C C   . ASP A 1 32 ? 11.560  -3.894  8.434   1.00 48.82 ? 32 ASP A C   1 
ATOM   196 O O   . ASP A 1 32 ? 12.660  -3.632  7.945   1.00 49.45 ? 32 ASP A O   1 
ATOM   197 C CB  . ASP A 1 32 ? 11.402  -5.731  10.105  1.00 48.43 ? 32 ASP A CB  1 
ATOM   198 C CG  . ASP A 1 32 ? 10.085  -6.354  9.671   0.00 48.53 ? 32 ASP A CG  1 
ATOM   199 O OD1 . ASP A 1 32 ? 10.068  -7.574  9.404   0.00 48.55 ? 32 ASP A OD1 1 
ATOM   200 O OD2 . ASP A 1 32 ? 9.066   -5.635  9.606   0.00 48.55 ? 32 ASP A OD2 1 
ATOM   201 N N   . ILE A 1 33 ? 10.446  -3.917  7.715   1.00 47.99 ? 33 ILE A N   1 
ATOM   202 C CA  . ILE A 1 33 ? 10.492  -3.639  6.287   1.00 47.27 ? 33 ILE A CA  1 
ATOM   203 C C   . ILE A 1 33 ? 10.847  -2.187  6.012   1.00 46.88 ? 33 ILE A C   1 
ATOM   204 O O   . ILE A 1 33 ? 11.662  -1.888  5.140   1.00 46.28 ? 33 ILE A O   1 
ATOM   205 C CB  . ILE A 1 33 ? 9.151   -3.978  5.614   1.00 47.02 ? 33 ILE A CB  1 
ATOM   206 C CG1 . ILE A 1 33 ? 8.947   -5.491  5.625   1.00 46.53 ? 33 ILE A CG1 1 
ATOM   207 C CG2 . ILE A 1 33 ? 9.136   -3.466  4.188   1.00 47.28 ? 33 ILE A CG2 1 
ATOM   208 C CD1 . ILE A 1 33 ? 7.633   -5.941  5.040   1.00 48.60 ? 33 ILE A CD1 1 
ATOM   209 N N   . ALA A 1 34 ? 10.248  -1.282  6.772   1.00 47.08 ? 34 ALA A N   1 
ATOM   210 C CA  . ALA A 1 34 ? 10.514  0.133   6.586   1.00 48.14 ? 34 ALA A CA  1 
ATOM   211 C C   . ALA A 1 34 ? 11.996  0.417   6.751   1.00 49.62 ? 34 ALA A C   1 
ATOM   212 O O   . ALA A 1 34 ? 12.547  1.309   6.105   1.00 49.95 ? 34 ALA A O   1 
ATOM   213 C CB  . ALA A 1 34 ? 9.712   0.947   7.580   1.00 47.26 ? 34 ALA A CB  1 
ATOM   214 N N   . GLU A 1 35 ? 12.646  -0.351  7.618   1.00 51.77 ? 35 GLU A N   1 
ATOM   215 C CA  . GLU A 1 35 ? 14.067  -0.170  7.878   1.00 52.92 ? 35 GLU A CA  1 
ATOM   216 C C   . GLU A 1 35 ? 14.910  -0.706  6.722   1.00 53.96 ? 35 GLU A C   1 
ATOM   217 O O   . GLU A 1 35 ? 15.950  -0.146  6.375   1.00 53.84 ? 35 GLU A O   1 
ATOM   218 C CB  . GLU A 1 35 ? 14.433  -0.884  9.179   1.00 53.63 ? 35 GLU A CB  1 
ATOM   219 C CG  . GLU A 1 35 ? 15.861  -0.667  9.653   0.00 53.57 ? 35 GLU A CG  1 
ATOM   220 C CD  . GLU A 1 35 ? 16.071  -1.143  11.081  0.00 53.67 ? 35 GLU A CD  1 
ATOM   221 O OE1 . GLU A 1 35 ? 17.219  -1.095  11.568  0.00 53.73 ? 35 GLU A OE1 1 
ATOM   222 O OE2 . GLU A 1 35 ? 15.085  -1.561  11.723  0.00 53.73 ? 35 GLU A OE2 1 
ATOM   223 N N   . ALA A 1 36 ? 14.446  -1.785  6.113   1.00 55.28 ? 36 ALA A N   1 
ATOM   224 C CA  . ALA A 1 36 ? 15.172  -2.385  5.012   1.00 57.34 ? 36 ALA A CA  1 
ATOM   225 C C   . ALA A 1 36 ? 15.251  -1.466  3.799   1.00 59.55 ? 36 ALA A C   1 
ATOM   226 O O   . ALA A 1 36 ? 16.319  -1.280  3.211   1.00 60.83 ? 36 ALA A O   1 
ATOM   227 C CB  . ALA A 1 36 ? 14.520  -3.698  4.625   1.00 56.14 ? 36 ALA A CB  1 
ATOM   228 N N   . LEU A 1 37 ? 14.112  -0.897  3.424   1.00 60.62 ? 37 LEU A N   1 
ATOM   229 C CA  . LEU A 1 37 ? 14.045  -0.020  2.266   1.00 61.25 ? 37 LEU A CA  1 
ATOM   230 C C   . LEU A 1 37 ? 14.208  1.436   2.691   1.00 61.65 ? 37 LEU A C   1 
ATOM   231 O O   . LEU A 1 37 ? 13.994  2.363   1.905   1.00 61.51 ? 37 LEU A O   1 
ATOM   232 C CB  . LEU A 1 37 ? 12.699  -0.221  1.575   1.00 60.37 ? 37 LEU A CB  1 
ATOM   233 C CG  . LEU A 1 37 ? 12.332  -1.689  1.351   1.00 59.43 ? 37 LEU A CG  1 
ATOM   234 C CD1 . LEU A 1 37 ? 10.940  -1.789  0.771   1.00 61.50 ? 37 LEU A CD1 1 
ATOM   235 C CD2 . LEU A 1 37 ? 13.331  -2.334  0.423   1.00 60.10 ? 37 LEU A CD2 1 
ATOM   236 N N   . ASP A 1 38 ? 14.604  1.619   3.943   1.00 61.45 ? 38 ASP A N   1 
ATOM   237 C CA  . ASP A 1 38 ? 14.776  2.944   4.518   1.00 61.29 ? 38 ASP A CA  1 
ATOM   238 C C   . ASP A 1 38 ? 13.692  3.876   4.012   1.00 59.66 ? 38 ASP A C   1 
ATOM   239 O O   . ASP A 1 38 ? 13.936  4.757   3.192   1.00 59.60 ? 38 ASP A O   1 
ATOM   240 C CB  . ASP A 1 38 ? 16.162  3.516   4.204   1.00 62.08 ? 38 ASP A CB  1 
ATOM   241 C CG  . ASP A 1 38 ? 16.490  4.739   5.059   1.00 64.55 ? 38 ASP A CG  1 
ATOM   242 O OD1 . ASP A 1 38 ? 15.969  4.834   6.199   1.00 64.40 ? 38 ASP A OD1 1 
ATOM   243 O OD2 . ASP A 1 38 ? 17.280  5.595   4.601   1.00 65.37 ? 38 ASP A OD2 1 
ATOM   244 N N   . ILE A 1 39 ? 12.480  3.641   4.497   1.00 58.03 ? 39 ILE A N   1 
ATOM   245 C CA  . ILE A 1 39 ? 11.340  4.458   4.135   1.00 56.47 ? 39 ILE A CA  1 
ATOM   246 C C   . ILE A 1 39 ? 11.406  5.729   4.955   1.00 55.17 ? 39 ILE A C   1 
ATOM   247 O O   . ILE A 1 39 ? 11.500  5.685   6.176   1.00 56.57 ? 39 ILE A O   1 
ATOM   248 C CB  . ILE A 1 39 ? 10.014  3.754   4.460   1.00 56.85 ? 39 ILE A CB  1 
ATOM   249 C CG1 . ILE A 1 39 ? 9.806   2.562   3.527   1.00 56.96 ? 39 ILE A CG1 1 
ATOM   250 C CG2 . ILE A 1 39 ? 8.858   4.737   4.331   1.00 57.12 ? 39 ILE A CG2 1 
ATOM   251 C CD1 . ILE A 1 39 ? 9.448   2.942   2.111   1.00 57.39 ? 39 ILE A CD1 1 
ATOM   252 N N   . LYS A 1 40 ? 11.365  6.862   4.273   1.00 54.00 ? 40 LYS A N   1 
ATOM   253 C CA  . LYS A 1 40 ? 11.391  8.153   4.930   1.00 51.69 ? 40 LYS A CA  1 
ATOM   254 C C   . LYS A 1 40 ? 10.029  8.775   4.651   1.00 51.53 ? 40 LYS A C   1 
ATOM   255 O O   . LYS A 1 40 ? 9.479   8.624   3.562   1.00 49.58 ? 40 LYS A O   1 
ATOM   256 C CB  . LYS A 1 40 ? 12.509  9.013   4.348   1.00 51.07 ? 40 LYS A CB  1 
ATOM   257 C CG  . LYS A 1 40 ? 13.901  8.403   4.476   1.00 49.60 ? 40 LYS A CG  1 
ATOM   258 C CD  . LYS A 1 40 ? 14.474  8.583   5.869   0.00 50.24 ? 40 LYS A CD  1 
ATOM   259 C CE  . LYS A 1 40 ? 15.865  7.978   5.961   0.00 50.08 ? 40 LYS A CE  1 
ATOM   260 N NZ  . LYS A 1 40 ? 16.769  8.505   4.899   0.00 50.15 ? 40 LYS A NZ  1 
ATOM   261 N N   . PRO A 1 41 ? 9.466   9.482   5.635   1.00 52.96 ? 41 PRO A N   1 
ATOM   262 C CA  . PRO A 1 41 ? 8.157   10.137  5.522   1.00 53.92 ? 41 PRO A CA  1 
ATOM   263 C C   . PRO A 1 41 ? 8.023   11.041  4.305   1.00 53.98 ? 41 PRO A C   1 
ATOM   264 O O   . PRO A 1 41 ? 6.916   11.400  3.905   1.00 54.89 ? 41 PRO A O   1 
ATOM   265 C CB  . PRO A 1 41 ? 8.051   10.911  6.833   1.00 53.41 ? 41 PRO A CB  1 
ATOM   266 C CG  . PRO A 1 41 ? 9.473   11.247  7.125   1.00 52.80 ? 41 PRO A CG  1 
ATOM   267 C CD  . PRO A 1 41 ? 10.162  9.936   6.847   1.00 53.10 ? 41 PRO A CD  1 
ATOM   268 N N   . ASP A 1 42 ? 9.151   11.417  3.720   1.00 53.61 ? 42 ASP A N   1 
ATOM   269 C CA  . ASP A 1 42 ? 9.115   12.270  2.546   1.00 54.43 ? 42 ASP A CA  1 
ATOM   270 C C   . ASP A 1 42 ? 9.139   11.415  1.274   1.00 53.55 ? 42 ASP A C   1 
ATOM   271 O O   . ASP A 1 42 ? 9.124   11.938  0.157   1.00 53.20 ? 42 ASP A O   1 
ATOM   272 C CB  . ASP A 1 42 ? 10.290  13.255  2.565   1.00 56.07 ? 42 ASP A CB  1 
ATOM   273 C CG  . ASP A 1 42 ? 11.617  12.586  2.295   1.00 59.80 ? 42 ASP A CG  1 
ATOM   274 O OD1 . ASP A 1 42 ? 11.905  11.549  2.930   1.00 61.76 ? 42 ASP A OD1 1 
ATOM   275 O OD2 . ASP A 1 42 ? 12.382  13.106  1.450   1.00 62.30 ? 42 ASP A OD2 1 
ATOM   276 N N   . ASP A 1 43 ? 9.171   10.096  1.441   1.00 51.83 ? 43 ASP A N   1 
ATOM   277 C CA  . ASP A 1 43 ? 9.174   9.224   0.278   1.00 50.04 ? 43 ASP A CA  1 
ATOM   278 C C   . ASP A 1 43 ? 7.885   9.462   -0.482  1.00 48.52 ? 43 ASP A C   1 
ATOM   279 O O   . ASP A 1 43 ? 6.835   9.691   0.113   1.00 49.68 ? 43 ASP A O   1 
ATOM   280 C CB  . ASP A 1 43 ? 9.298   7.758   0.682   1.00 50.77 ? 43 ASP A CB  1 
ATOM   281 C CG  . ASP A 1 43 ? 10.739  7.321   0.828   1.00 51.18 ? 43 ASP A CG  1 
ATOM   282 O OD1 . ASP A 1 43 ? 11.553  7.666   -0.053  1.00 52.09 ? 43 ASP A OD1 1 
ATOM   283 O OD2 . ASP A 1 43 ? 11.058  6.625   1.812   1.00 51.06 ? 43 ASP A OD2 1 
ATOM   284 N N   . THR A 1 44 ? 7.971   9.411   -1.801  1.00 46.45 ? 44 THR A N   1 
ATOM   285 C CA  . THR A 1 44 ? 6.821   9.663   -2.647  1.00 44.26 ? 44 THR A CA  1 
ATOM   286 C C   . THR A 1 44 ? 6.342   8.408   -3.365  1.00 41.69 ? 44 THR A C   1 
ATOM   287 O O   . THR A 1 44 ? 7.107   7.750   -4.072  1.00 40.74 ? 44 THR A O   1 
ATOM   288 C CB  . THR A 1 44 ? 7.183   10.728  -3.681  1.00 45.28 ? 44 THR A CB  1 
ATOM   289 O OG1 . THR A 1 44 ? 7.599   11.921  -3.011  1.00 47.04 ? 44 THR A OG1 1 
ATOM   290 C CG2 . THR A 1 44 ? 6.010   11.036  -4.549  1.00 47.35 ? 44 THR A CG2 1 
ATOM   291 N N   . PHE A 1 45 ? 5.068   8.082   -3.196  1.00 39.43 ? 45 PHE A N   1 
ATOM   292 C CA  . PHE A 1 45 ? 4.517   6.898   -3.841  1.00 38.31 ? 45 PHE A CA  1 
ATOM   293 C C   . PHE A 1 45 ? 3.300   7.183   -4.686  1.00 37.11 ? 45 PHE A C   1 
ATOM   294 O O   . PHE A 1 45 ? 2.485   8.033   -4.333  1.00 37.55 ? 45 PHE A O   1 
ATOM   295 C CB  . PHE A 1 45 ? 4.076   5.855   -2.818  1.00 36.57 ? 45 PHE A CB  1 
ATOM   296 C CG  . PHE A 1 45 ? 5.179   5.299   -1.982  1.00 36.23 ? 45 PHE A CG  1 
ATOM   297 C CD1 . PHE A 1 45 ? 5.635   5.981   -0.860  1.00 34.96 ? 45 PHE A CD1 1 
ATOM   298 C CD2 . PHE A 1 45 ? 5.747   4.077   -2.299  1.00 36.29 ? 45 PHE A CD2 1 
ATOM   299 C CE1 . PHE A 1 45 ? 6.637   5.452   -0.059  1.00 33.87 ? 45 PHE A CE1 1 
ATOM   300 C CE2 . PHE A 1 45 ? 6.753   3.539   -1.501  1.00 37.10 ? 45 PHE A CE2 1 
ATOM   301 C CZ  . PHE A 1 45 ? 7.199   4.232   -0.378  1.00 34.40 ? 45 PHE A CZ  1 
ATOM   302 N N   . ILE A 1 46 ? 3.177   6.466   -5.800  1.00 34.46 ? 46 ILE A N   1 
ATOM   303 C CA  . ILE A 1 46 ? 1.984   6.587   -6.629  1.00 35.36 ? 46 ILE A CA  1 
ATOM   304 C C   . ILE A 1 46 ? 1.293   5.236   -6.464  1.00 33.06 ? 46 ILE A C   1 
ATOM   305 O O   . ILE A 1 46 ? 1.942   4.195   -6.463  1.00 30.81 ? 46 ILE A O   1 
ATOM   306 C CB  . ILE A 1 46 ? 2.284   6.823   -8.122  1.00 37.97 ? 46 ILE A CB  1 
ATOM   307 C CG1 . ILE A 1 46 ? 3.232   5.752   -8.640  1.00 38.46 ? 46 ILE A CG1 1 
ATOM   308 C CG2 . ILE A 1 46 ? 2.843   8.226   -8.331  1.00 38.15 ? 46 ILE A CG2 1 
ATOM   309 C CD1 . ILE A 1 46 ? 3.404   5.802   -10.129 1.00 40.22 ? 46 ILE A CD1 1 
ATOM   310 N N   . LEU A 1 47 ? -0.020  5.265   -6.295  1.00 32.44 ? 47 LEU A N   1 
ATOM   311 C CA  . LEU A 1 47 ? -0.785  4.056   -6.087  1.00 31.54 ? 47 LEU A CA  1 
ATOM   312 C C   . LEU A 1 47 ? -1.535  3.619   -7.314  1.00 30.93 ? 47 LEU A C   1 
ATOM   313 O O   . LEU A 1 47 ? -2.169  4.426   -7.974  1.00 32.54 ? 47 LEU A O   1 
ATOM   314 C CB  . LEU A 1 47 ? -1.772  4.272   -4.940  1.00 32.68 ? 47 LEU A CB  1 
ATOM   315 C CG  . LEU A 1 47 ? -2.869  3.222   -4.774  1.00 34.28 ? 47 LEU A CG  1 
ATOM   316 C CD1 . LEU A 1 47 ? -2.235  1.864   -4.498  1.00 35.08 ? 47 LEU A CD1 1 
ATOM   317 C CD2 . LEU A 1 47 ? -3.794  3.629   -3.635  1.00 35.00 ? 47 LEU A CD2 1 
ATOM   318 N N   . ASN A 1 48 ? -1.453  2.334   -7.629  1.00 33.05 ? 48 ASN A N   1 
ATOM   319 C CA  . ASN A 1 48 ? -2.175  1.803   -8.774  1.00 35.65 ? 48 ASN A CA  1 
ATOM   320 C C   . ASN A 1 48 ? -3.068  0.658   -8.360  1.00 35.22 ? 48 ASN A C   1 
ATOM   321 O O   . ASN A 1 48 ? -2.672  -0.184  -7.547  1.00 34.48 ? 48 ASN A O   1 
ATOM   322 C CB  . ASN A 1 48 ? -1.214  1.333   -9.861  1.00 38.30 ? 48 ASN A CB  1 
ATOM   323 C CG  . ASN A 1 48 ? -0.917  2.419   -10.867 1.00 44.28 ? 48 ASN A CG  1 
ATOM   324 O OD1 . ASN A 1 48 ? -1.828  2.962   -11.501 1.00 47.57 ? 48 ASN A OD1 1 
ATOM   325 N ND2 . ASN A 1 48 ? 0.358   2.751   -11.020 1.00 45.47 ? 48 ASN A ND2 1 
ATOM   326 N N   . MET A 1 49 ? -4.287  0.662   -8.892  1.00 33.72 ? 49 MET A N   1 
ATOM   327 C CA  . MET A 1 49 ? -5.236  -0.399  -8.618  1.00 32.97 ? 49 MET A CA  1 
ATOM   328 C C   . MET A 1 49 ? -4.922  -1.513  -9.585  1.00 32.55 ? 49 MET A C   1 
ATOM   329 O O   . MET A 1 49 ? -4.927  -1.302  -10.801 1.00 32.35 ? 49 MET A O   1 
ATOM   330 C CB  . MET A 1 49 ? -6.667  0.020   -8.909  1.00 34.22 ? 49 MET A CB  1 
ATOM   331 C CG  . MET A 1 49 ? -7.293  1.036   -8.007  1.00 37.61 ? 49 MET A CG  1 
ATOM   332 S SD  . MET A 1 49 ? -9.015  1.082   -8.510  1.00 39.21 ? 49 MET A SD  1 
ATOM   333 C CE  . MET A 1 49 ? -8.907  2.016   -10.045 1.00 42.52 ? 49 MET A CE  1 
ATOM   334 N N   . GLU A 1 50 ? -4.659  -2.698  -9.058  1.00 33.19 ? 50 GLU A N   1 
ATOM   335 C CA  . GLU A 1 50 ? -4.372  -3.833  -9.914  1.00 35.34 ? 50 GLU A CA  1 
ATOM   336 C C   . GLU A 1 50 ? -5.152  -5.016  -9.405  1.00 33.17 ? 50 GLU A C   1 
ATOM   337 O O   . GLU A 1 50 ? -5.798  -4.937  -8.368  1.00 34.06 ? 50 GLU A O   1 
ATOM   338 C CB  . GLU A 1 50 ? -2.884  -4.138  -9.906  1.00 39.09 ? 50 GLU A CB  1 
ATOM   339 C CG  . GLU A 1 50 ? -2.051  -2.899  -9.996  1.00 45.80 ? 50 GLU A CG  1 
ATOM   340 C CD  . GLU A 1 50 ? -0.702  -3.156  -10.602 1.00 51.58 ? 50 GLU A CD  1 
ATOM   341 O OE1 . GLU A 1 50 ? 0.010   -4.057  -10.103 1.00 52.51 ? 50 GLU A OE1 1 
ATOM   342 O OE2 . GLU A 1 50 ? -0.354  -2.447  -11.579 1.00 56.08 ? 50 GLU A OE2 1 
ATOM   343 N N   . GLN A 1 51 ? -5.092  -6.122  -10.129 1.00 32.96 ? 51 GLN A N   1 
ATOM   344 C CA  . GLN A 1 51 ? -5.824  -7.301  -9.715  1.00 31.12 ? 51 GLN A CA  1 
ATOM   345 C C   . GLN A 1 51 ? -5.106  -8.581  -10.099 1.00 30.61 ? 51 GLN A C   1 
ATOM   346 O O   . GLN A 1 51 ? -4.392  -8.630  -11.093 1.00 31.25 ? 51 GLN A O   1 
ATOM   347 C CB  . GLN A 1 51 ? -7.219  -7.255  -10.325 1.00 29.49 ? 51 GLN A CB  1 
ATOM   348 C CG  . GLN A 1 51 ? -8.043  -8.454  -10.017 1.00 30.82 ? 51 GLN A CG  1 
ATOM   349 C CD  . GLN A 1 51 ? -7.786  -9.573  -10.980 1.00 28.89 ? 51 GLN A CD  1 
ATOM   350 O OE1 . GLN A 1 51 ? -8.096  -10.717 -10.692 1.00 30.06 ? 51 GLN A OE1 1 
ATOM   351 N NE2 . GLN A 1 51 ? -7.234  -9.250  -12.139 1.00 26.99 ? 51 GLN A NE2 1 
ATOM   352 N N   . LYS A 1 52 ? -5.305  -9.612  -9.289  1.00 31.61 ? 52 LYS A N   1 
ATOM   353 C CA  . LYS A 1 52 ? -4.702  -10.922 -9.496  1.00 30.56 ? 52 LYS A CA  1 
ATOM   354 C C   . LYS A 1 52 ? -5.726  -11.964 -9.081  1.00 30.55 ? 52 LYS A C   1 
ATOM   355 O O   . LYS A 1 52 ? -6.261  -11.888 -7.989  1.00 29.34 ? 52 LYS A O   1 
ATOM   356 C CB  . LYS A 1 52 ? -3.462  -11.062 -8.621  1.00 31.90 ? 52 LYS A CB  1 
ATOM   357 C CG  . LYS A 1 52 ? -2.235  -11.574 -9.333  1.00 32.10 ? 52 LYS A CG  1 
ATOM   358 C CD  . LYS A 1 52 ? -2.457  -12.943 -9.896  1.00 33.65 ? 52 LYS A CD  1 
ATOM   359 C CE  . LYS A 1 52 ? -1.136  -13.577 -10.231 1.00 36.15 ? 52 LYS A CE  1 
ATOM   360 N NZ  . LYS A 1 52 ? -1.347  -14.864 -10.936 1.00 42.00 ? 52 LYS A NZ  1 
ATOM   361 N N   . ASP A 1 53 ? -5.998  -12.930 -9.954  1.00 32.60 ? 53 ASP A N   1 
ATOM   362 C CA  . ASP A 1 53 ? -6.962  -13.999 -9.671  1.00 33.83 ? 53 ASP A CA  1 
ATOM   363 C C   . ASP A 1 53 ? -8.161  -13.527 -8.862  1.00 34.60 ? 53 ASP A C   1 
ATOM   364 O O   . ASP A 1 53 ? -8.455  -14.102 -7.820  1.00 35.85 ? 53 ASP A O   1 
ATOM   365 C CB  . ASP A 1 53 ? -6.311  -15.144 -8.891  1.00 35.61 ? 53 ASP A CB  1 
ATOM   366 C CG  . ASP A 1 53 ? -4.989  -15.590 -9.481  1.00 38.98 ? 53 ASP A CG  1 
ATOM   367 O OD1 . ASP A 1 53 ? -4.918  -15.822 -10.711 1.00 39.67 ? 53 ASP A OD1 1 
ATOM   368 O OD2 . ASP A 1 53 ? -4.021  -15.724 -8.698  1.00 38.08 ? 53 ASP A OD2 1 
ATOM   369 N N   . GLY A 1 54 ? -8.839  -12.481 -9.319  1.00 34.00 ? 54 GLY A N   1 
ATOM   370 C CA  . GLY A 1 54 ? -10.008 -11.992 -8.612  1.00 32.11 ? 54 GLY A CA  1 
ATOM   371 C C   . GLY A 1 54 ? -9.728  -11.272 -7.308  1.00 33.01 ? 54 GLY A C   1 
ATOM   372 O O   . GLY A 1 54 ? -10.662 -10.824 -6.650  1.00 33.68 ? 54 GLY A O   1 
ATOM   373 N N   . ASP A 1 55 ? -8.459  -11.161 -6.924  1.00 32.90 ? 55 ASP A N   1 
ATOM   374 C CA  . ASP A 1 55 ? -8.079  -10.472 -5.689  1.00 32.95 ? 55 ASP A CA  1 
ATOM   375 C C   . ASP A 1 55 ? -7.519  -9.084  -5.997  1.00 32.64 ? 55 ASP A C   1 
ATOM   376 O O   . ASP A 1 55 ? -6.494  -8.964  -6.675  1.00 33.29 ? 55 ASP A O   1 
ATOM   377 C CB  . ASP A 1 55 ? -7.020  -11.281 -4.952  1.00 34.85 ? 55 ASP A CB  1 
ATOM   378 C CG  . ASP A 1 55 ? -7.573  -12.012 -3.758  1.00 37.22 ? 55 ASP A CG  1 
ATOM   379 O OD1 . ASP A 1 55 ? -8.805  -12.195 -3.681  1.00 39.12 ? 55 ASP A OD1 1 
ATOM   380 O OD2 . ASP A 1 55 ? -6.772  -12.410 -2.891  1.00 39.11 ? 55 ASP A OD2 1 
ATOM   381 N N   . ILE A 1 56 ? -8.169  -8.038  -5.492  1.00 29.57 ? 56 ILE A N   1 
ATOM   382 C CA  . ILE A 1 56 ? -7.694  -6.689  -5.758  1.00 27.30 ? 56 ILE A CA  1 
ATOM   383 C C   . ILE A 1 56 ? -6.349  -6.425  -5.107  1.00 26.43 ? 56 ILE A C   1 
ATOM   384 O O   . ILE A 1 56 ? -6.070  -6.910  -4.007  1.00 28.10 ? 56 ILE A O   1 
ATOM   385 C CB  . ILE A 1 56 ? -8.673  -5.618  -5.263  1.00 26.36 ? 56 ILE A CB  1 
ATOM   386 C CG1 . ILE A 1 56 ? -8.770  -5.670  -3.746  1.00 27.07 ? 56 ILE A CG1 1 
ATOM   387 C CG2 . ILE A 1 56 ? -10.023 -5.806  -5.911  1.00 23.27 ? 56 ILE A CG2 1 
ATOM   388 C CD1 . ILE A 1 56 ? -8.782  -4.301  -3.113  1.00 28.19 ? 56 ILE A CD1 1 
ATOM   389 N N   . VAL A 1 57 ? -5.524  -5.645  -5.798  1.00 25.44 ? 57 VAL A N   1 
ATOM   390 C CA  . VAL A 1 57 ? -4.197  -5.298  -5.313  1.00 25.12 ? 57 VAL A CA  1 
ATOM   391 C C   . VAL A 1 57 ? -3.971  -3.795  -5.356  1.00 24.27 ? 57 VAL A C   1 
ATOM   392 O O   . VAL A 1 57 ? -4.352  -3.140  -6.315  1.00 25.44 ? 57 VAL A O   1 
ATOM   393 C CB  . VAL A 1 57 ? -3.105  -5.941  -6.174  1.00 25.46 ? 57 VAL A CB  1 
ATOM   394 C CG1 . VAL A 1 57 ? -1.731  -5.583  -5.607  1.00 23.95 ? 57 VAL A CG1 1 
ATOM   395 C CG2 . VAL A 1 57 ? -3.312  -7.460  -6.233  1.00 25.70 ? 57 VAL A CG2 1 
ATOM   396 N N   . LEU A 1 58 ? -3.354  -3.258  -4.312  1.00 21.85 ? 58 LEU A N   1 
ATOM   397 C CA  . LEU A 1 58 ? -3.039  -1.844  -4.243  1.00 20.94 ? 58 LEU A CA  1 
ATOM   398 C C   . LEU A 1 58 ? -1.509  -1.746  -4.235  1.00 23.11 ? 58 LEU A C   1 
ATOM   399 O O   . LEU A 1 58 ? -0.867  -1.972  -3.198  1.00 21.80 ? 58 LEU A O   1 
ATOM   400 C CB  . LEU A 1 58 ? -3.616  -1.237  -2.970  1.00 19.80 ? 58 LEU A CB  1 
ATOM   401 C CG  . LEU A 1 58 ? -5.144  -1.275  -2.829  1.00 21.52 ? 58 LEU A CG  1 
ATOM   402 C CD1 . LEU A 1 58 ? -5.555  -0.851  -1.409  1.00 17.30 ? 58 LEU A CD1 1 
ATOM   403 C CD2 . LEU A 1 58 ? -5.784  -0.346  -3.879  1.00 18.74 ? 58 LEU A CD2 1 
ATOM   404 N N   . SER A 1 59 ? -0.925  -1.434  -5.395  1.00 22.92 ? 59 SER A N   1 
ATOM   405 C CA  . SER A 1 59 ? 0.525   -1.328  -5.500  1.00 24.88 ? 59 SER A CA  1 
ATOM   406 C C   . SER A 1 59 ? 1.004   0.094   -5.269  1.00 25.50 ? 59 SER A C   1 
ATOM   407 O O   . SER A 1 59 ? 0.654   1.012   -6.009  1.00 24.16 ? 59 SER A O   1 
ATOM   408 C CB  . SER A 1 59 ? 0.996   -1.766  -6.876  1.00 27.76 ? 59 SER A CB  1 
ATOM   409 O OG  . SER A 1 59 ? 0.357   -2.958  -7.273  1.00 37.41 ? 59 SER A OG  1 
ATOM   410 N N   . TYR A 1 60 ? 1.810   0.276   -4.235  1.00 26.64 ? 60 TYR A N   1 
ATOM   411 C CA  . TYR A 1 60 ? 2.344   1.589   -3.958  1.00 26.43 ? 60 TYR A CA  1 
ATOM   412 C C   . TYR A 1 60 ? 3.763   1.631   -4.479  1.00 26.22 ? 60 TYR A C   1 
ATOM   413 O O   . TYR A 1 60 ? 4.663   1.077   -3.864  1.00 26.78 ? 60 TYR A O   1 
ATOM   414 C CB  . TYR A 1 60 ? 2.322   1.867   -2.461  1.00 26.92 ? 60 TYR A CB  1 
ATOM   415 C CG  . TYR A 1 60 ? 0.931   2.059   -1.896  1.00 26.68 ? 60 TYR A CG  1 
ATOM   416 C CD1 . TYR A 1 60 ? 0.147   0.969   -1.514  1.00 27.40 ? 60 TYR A CD1 1 
ATOM   417 C CD2 . TYR A 1 60 ? 0.404   3.333   -1.732  1.00 27.45 ? 60 TYR A CD2 1 
ATOM   418 C CE1 . TYR A 1 60 ? -1.131  1.149   -0.973  1.00 28.04 ? 60 TYR A CE1 1 
ATOM   419 C CE2 . TYR A 1 60 ? -0.867  3.525   -1.204  1.00 29.22 ? 60 TYR A CE2 1 
ATOM   420 C CZ  . TYR A 1 60 ? -1.629  2.435   -0.824  1.00 28.83 ? 60 TYR A CZ  1 
ATOM   421 O OH  . TYR A 1 60 ? -2.884  2.644   -0.309  1.00 27.92 ? 60 TYR A OH  1 
ATOM   422 N N   . LYS A 1 61 ? 3.958   2.271   -5.626  1.00 26.88 ? 61 LYS A N   1 
ATOM   423 C CA  . LYS A 1 61 ? 5.286   2.371   -6.223  1.00 29.01 ? 61 LYS A CA  1 
ATOM   424 C C   . LYS A 1 61 ? 6.024   3.621   -5.734  1.00 29.97 ? 61 LYS A C   1 
ATOM   425 O O   . LYS A 1 61 ? 5.468   4.717   -5.700  1.00 31.49 ? 61 LYS A O   1 
ATOM   426 C CB  . LYS A 1 61 ? 5.165   2.403   -7.746  1.00 29.30 ? 61 LYS A CB  1 
ATOM   427 C CG  . LYS A 1 61 ? 6.500   2.291   -8.467  1.00 33.72 ? 61 LYS A CG  1 
ATOM   428 C CD  . LYS A 1 61 ? 6.335   2.309   -9.990  1.00 33.93 ? 61 LYS A CD  1 
ATOM   429 C CE  . LYS A 1 61 ? 5.903   3.672   -10.487 0.00 33.84 ? 61 LYS A CE  1 
ATOM   430 N NZ  . LYS A 1 61 ? 5.805   3.712   -11.972 0.00 34.10 ? 61 LYS A NZ  1 
ATOM   431 N N   . ARG A 1 62 ? 7.279   3.450   -5.345  1.00 31.40 ? 62 ARG A N   1 
ATOM   432 C CA  . ARG A 1 62 ? 8.084   4.567   -4.866  1.00 32.98 ? 62 ARG A CA  1 
ATOM   433 C C   . ARG A 1 62 ? 8.818   5.223   -6.025  1.00 32.79 ? 62 ARG A C   1 
ATOM   434 O O   . ARG A 1 62 ? 9.621   4.576   -6.692  1.00 31.65 ? 62 ARG A O   1 
ATOM   435 C CB  . ARG A 1 62 ? 9.103   4.075   -3.842  1.00 32.57 ? 62 ARG A CB  1 
ATOM   436 C CG  . ARG A 1 62 ? 10.015  5.157   -3.299  1.00 31.44 ? 62 ARG A CG  1 
ATOM   437 C CD  . ARG A 1 62 ? 11.257  4.520   -2.696  1.00 32.92 ? 62 ARG A CD  1 
ATOM   438 N NE  . ARG A 1 62 ? 11.309  4.623   -1.247  1.00 33.50 ? 62 ARG A NE  1 
ATOM   439 C CZ  . ARG A 1 62 ? 12.156  3.935   -0.487  1.00 34.43 ? 62 ARG A CZ  1 
ATOM   440 N NH1 . ARG A 1 62 ? 13.017  3.093   -1.046  1.00 32.92 ? 62 ARG A NH1 1 
ATOM   441 N NH2 . ARG A 1 62 ? 12.140  4.089   0.832   1.00 34.97 ? 62 ARG A NH2 1 
ATOM   442 N N   . VAL A 1 63 ? 8.543   6.499   -6.271  1.00 34.45 ? 63 VAL A N   1 
ATOM   443 C CA  . VAL A 1 63 ? 9.209   7.208   -7.362  1.00 34.13 ? 63 VAL A CA  1 
ATOM   444 C C   . VAL A 1 63 ? 9.962   8.406   -6.813  1.00 33.93 ? 63 VAL A C   1 
ATOM   445 O O   . VAL A 1 63 ? 9.357   9.414   -6.456  1.00 33.77 ? 63 VAL A O   1 
ATOM   446 C CB  . VAL A 1 63 ? 8.212   7.708   -8.403  1.00 33.69 ? 63 VAL A CB  1 
ATOM   447 C CG1 . VAL A 1 63 ? 8.947   7.982   -9.704  1.00 32.47 ? 63 VAL A CG1 1 
ATOM   448 C CG2 . VAL A 1 63 ? 7.110   6.677   -8.611  1.00 34.68 ? 63 VAL A CG2 1 
ATOM   449 N N   . LYS A 1 64 ? 11.282  8.288   -6.753  1.00 33.06 ? 64 LYS A N   1 
ATOM   450 C CA  . LYS A 1 64 ? 12.124  9.352   -6.220  1.00 35.14 ? 64 LYS A CA  1 
ATOM   451 C C   . LYS A 1 64 ? 11.939  10.730  -6.887  1.00 36.06 ? 64 LYS A C   1 
ATOM   452 O O   . LYS A 1 64 ? 11.924  11.754  -6.198  1.00 36.57 ? 64 LYS A O   1 
ATOM   453 C CB  . LYS A 1 64 ? 13.596  8.917   -6.286  1.00 35.93 ? 64 LYS A CB  1 
ATOM   454 C CG  . LYS A 1 64 ? 14.583  9.892   -5.670  0.00 35.76 ? 64 LYS A CG  1 
ATOM   455 C CD  . LYS A 1 64 ? 15.993  9.338   -5.765  0.00 35.85 ? 64 LYS A CD  1 
ATOM   456 C CE  . LYS A 1 64 ? 17.002  10.247  -5.091  0.00 35.88 ? 64 LYS A CE  1 
ATOM   457 N NZ  . LYS A 1 64 ? 18.381  9.691   -5.166  0.00 36.05 ? 64 LYS A NZ  1 
ATOM   458 N N   . GLU A 1 65 ? 11.788  10.767  -8.210  1.00 35.36 ? 65 GLU A N   1 
ATOM   459 C CA  . GLU A 1 65 ? 11.622  12.041  -8.909  1.00 35.80 ? 65 GLU A CA  1 
ATOM   460 C C   . GLU A 1 65 ? 10.529  12.901  -8.297  1.00 36.01 ? 65 GLU A C   1 
ATOM   461 O O   . GLU A 1 65 ? 10.562  14.129  -8.408  1.00 37.49 ? 65 GLU A O   1 
ATOM   462 C CB  . GLU A 1 65 ? 11.217  11.850  -10.363 1.00 35.58 ? 65 GLU A CB  1 
ATOM   463 C CG  . GLU A 1 65 ? 11.904  10.781  -11.123 1.00 39.30 ? 65 GLU A CG  1 
ATOM   464 C CD  . GLU A 1 65 ? 11.387  10.713  -12.549 1.00 41.69 ? 65 GLU A CD  1 
ATOM   465 O OE1 . GLU A 1 65 ? 10.180  10.429  -12.752 1.00 36.68 ? 65 GLU A OE1 1 
ATOM   466 O OE2 . GLU A 1 65 ? 12.194  10.956  -13.474 1.00 47.02 ? 65 GLU A OE2 1 
ATOM   467 N N   . LEU A 1 66 ? 9.551   12.263  -7.669  1.00 33.80 ? 66 LEU A N   1 
ATOM   468 C CA  . LEU A 1 66 ? 8.431   13.008  -7.130  1.00 33.81 ? 66 LEU A CA  1 
ATOM   469 C C   . LEU A 1 66 ? 8.653   13.643  -5.767  1.00 34.35 ? 66 LEU A C   1 
ATOM   470 O O   . LEU A 1 66 ? 7.779   14.354  -5.256  1.00 34.11 ? 66 LEU A O   1 
ATOM   471 C CB  . LEU A 1 66 ? 7.194   12.116  -7.112  1.00 33.61 ? 66 LEU A CB  1 
ATOM   472 C CG  . LEU A 1 66 ? 6.961   11.291  -8.375  1.00 32.70 ? 66 LEU A CG  1 
ATOM   473 C CD1 . LEU A 1 66 ? 5.671   10.516  -8.237  1.00 33.04 ? 66 LEU A CD1 1 
ATOM   474 C CD2 . LEU A 1 66 ? 6.906   12.202  -9.580  1.00 33.48 ? 66 LEU A CD2 1 
ATOM   475 N N   . LYS A 1 67 ? 9.816   13.403  -5.173  1.00 33.76 ? 67 LYS A N   1 
ATOM   476 C CA  . LYS A 1 67 ? 10.105  14.001  -3.877  1.00 35.57 ? 67 LYS A CA  1 
ATOM   477 C C   . LYS A 1 67 ? 10.239  15.513  -3.974  1.00 35.90 ? 67 LYS A C   1 
ATOM   478 O O   . LYS A 1 67 ? 10.723  16.039  -4.970  1.00 36.38 ? 67 LYS A O   1 
ATOM   479 C CB  . LYS A 1 67 ? 11.392  13.424  -3.294  1.00 38.45 ? 67 LYS A CB  1 
ATOM   480 C CG  . LYS A 1 67 ? 11.147  12.297  -2.330  1.00 42.62 ? 67 LYS A CG  1 
ATOM   481 C CD  . LYS A 1 67 ? 12.437  11.678  -1.845  1.00 45.92 ? 67 LYS A CD  1 
ATOM   482 C CE  . LYS A 1 67 ? 12.135  10.515  -0.904  1.00 49.21 ? 67 LYS A CE  1 
ATOM   483 N NZ  . LYS A 1 67 ? 13.300  9.597   -0.750  1.00 50.76 ? 67 LYS A NZ  1 
ATOM   484 N N   . ILE A 1 68 ? 9.805   16.207  -2.930  1.00 37.30 ? 68 ILE A N   1 
ATOM   485 C CA  . ILE A 1 68 ? 9.888   17.658  -2.875  1.00 37.37 ? 68 ILE A CA  1 
ATOM   486 C C   . ILE A 1 68 ? 10.390  18.104  -1.515  1.00 39.38 ? 68 ILE A C   1 
ATOM   487 O O   . ILE A 1 68 ? 11.040  17.284  -0.833  1.00 40.69 ? 68 ILE A O   1 
ATOM   488 C CB  . ILE A 1 68 ? 8.533   18.318  -3.092  1.00 34.76 ? 68 ILE A CB  1 
ATOM   489 C CG1 . ILE A 1 68 ? 7.611   17.993  -1.926  1.00 33.17 ? 68 ILE A CG1 1 
ATOM   490 C CG2 . ILE A 1 68 ? 7.951   17.871  -4.405  1.00 34.65 ? 68 ILE A CG2 1 
ATOM   491 C CD1 . ILE A 1 68 ? 6.299   18.738  -1.966  1.00 34.09 ? 68 ILE A CD1 1 
ATOM   492 O OXT . ILE A 1 68 ? 10.124  19.272  -1.156  1.00 41.26 ? 68 ILE A OXT 1 
ATOM   493 N N   . GLY B 1 4  ? -3.205  17.545  -23.007 1.00 68.64 ? 4  GLY B N   1 
ATOM   494 C CA  . GLY B 1 4  ? -1.902  17.008  -22.517 1.00 69.08 ? 4  GLY B CA  1 
ATOM   495 C C   . GLY B 1 4  ? -1.672  17.297  -21.047 1.00 69.92 ? 4  GLY B C   1 
ATOM   496 O O   . GLY B 1 4  ? -0.529  17.391  -20.598 1.00 71.39 ? 4  GLY B O   1 
ATOM   497 N N   . ILE B 1 5  ? -2.758  17.437  -20.292 1.00 69.79 ? 5  ILE B N   1 
ATOM   498 C CA  . ILE B 1 5  ? -2.672  17.718  -18.863 1.00 69.18 ? 5  ILE B CA  1 
ATOM   499 C C   . ILE B 1 5  ? -3.334  16.613  -18.046 1.00 68.77 ? 5  ILE B C   1 
ATOM   500 O O   . ILE B 1 5  ? -4.175  15.867  -18.553 1.00 68.90 ? 5  ILE B O   1 
ATOM   501 C CB  . ILE B 1 5  ? -3.336  19.068  -18.523 1.00 69.78 ? 5  ILE B CB  1 
ATOM   502 C CG1 . ILE B 1 5  ? -3.324  19.298  -17.011 1.00 71.09 ? 5  ILE B CG1 1 
ATOM   503 C CG2 . ILE B 1 5  ? -4.750  19.094  -19.062 1.00 69.54 ? 5  ILE B CG2 1 
ATOM   504 C CD1 . ILE B 1 5  ? -3.931  20.620  -16.588 1.00 73.36 ? 5  ILE B CD1 1 
ATOM   505 N N   . ARG B 1 6  ? -2.954  16.517  -16.775 1.00 67.48 ? 6  ARG B N   1 
ATOM   506 C CA  . ARG B 1 6  ? -3.491  15.489  -15.894 1.00 65.12 ? 6  ARG B CA  1 
ATOM   507 C C   . ARG B 1 6  ? -3.160  15.733  -14.425 1.00 63.74 ? 6  ARG B C   1 
ATOM   508 O O   . ARG B 1 6  ? -2.047  16.131  -14.086 1.00 64.91 ? 6  ARG B O   1 
ATOM   509 C CB  . ARG B 1 6  ? -2.946  14.134  -16.327 1.00 64.35 ? 6  ARG B CB  1 
ATOM   510 C CG  . ARG B 1 6  ? -3.123  13.040  -15.311 1.00 65.17 ? 6  ARG B CG  1 
ATOM   511 C CD  . ARG B 1 6  ? -2.499  11.753  -15.811 1.00 64.47 ? 6  ARG B CD  1 
ATOM   512 N NE  . ARG B 1 6  ? -2.254  10.823  -14.716 1.00 66.31 ? 6  ARG B NE  1 
ATOM   513 C CZ  . ARG B 1 6  ? -1.560  9.700   -14.842 1.00 67.92 ? 6  ARG B CZ  1 
ATOM   514 N NH1 . ARG B 1 6  ? -1.050  9.372   -16.019 1.00 70.09 ? 6  ARG B NH1 1 
ATOM   515 N NH2 . ARG B 1 6  ? -1.362  8.912   -13.792 1.00 69.59 ? 6  ARG B NH2 1 
ATOM   516 N N   . LYS B 1 7  ? -4.133  15.486  -13.558 1.00 61.34 ? 7  LYS B N   1 
ATOM   517 C CA  . LYS B 1 7  ? -3.951  15.678  -12.127 1.00 60.88 ? 7  LYS B CA  1 
ATOM   518 C C   . LYS B 1 7  ? -3.863  14.322  -11.442 1.00 59.75 ? 7  LYS B C   1 
ATOM   519 O O   . LYS B 1 7  ? -4.734  13.474  -11.629 1.00 61.38 ? 7  LYS B O   1 
ATOM   520 C CB  . LYS B 1 7  ? -5.126  16.467  -11.554 1.00 61.81 ? 7  LYS B CB  1 
ATOM   521 C CG  . LYS B 1 7  ? -4.758  17.839  -11.006 1.00 63.65 ? 7  LYS B CG  1 
ATOM   522 C CD  . LYS B 1 7  ? -3.862  17.733  -9.781  1.00 64.90 ? 7  LYS B CD  1 
ATOM   523 C CE  . LYS B 1 7  ? -3.554  19.110  -9.224  1.00 65.49 ? 7  LYS B CE  1 
ATOM   524 N NZ  . LYS B 1 7  ? -4.807  19.853  -8.929  1.00 67.00 ? 7  LYS B NZ  1 
ATOM   525 N N   . LEU B 1 8  ? -2.813  14.104  -10.656 1.00 56.35 ? 8  LEU B N   1 
ATOM   526 C CA  . LEU B 1 8  ? -2.678  12.831  -9.983  1.00 52.71 ? 8  LEU B CA  1 
ATOM   527 C C   . LEU B 1 8  ? -2.293  12.956  -8.530  1.00 50.48 ? 8  LEU B C   1 
ATOM   528 O O   . LEU B 1 8  ? -1.719  13.947  -8.095  1.00 50.09 ? 8  LEU B O   1 
ATOM   529 C CB  . LEU B 1 8  ? -1.684  11.935  -10.728 1.00 54.28 ? 8  LEU B CB  1 
ATOM   530 C CG  . LEU B 1 8  ? -0.186  12.190  -10.669 1.00 54.64 ? 8  LEU B CG  1 
ATOM   531 C CD1 . LEU B 1 8  ? 0.381   11.704  -9.347  1.00 54.60 ? 8  LEU B CD1 1 
ATOM   532 C CD2 . LEU B 1 8  ? 0.465   11.438  -11.813 1.00 55.76 ? 8  LEU B CD2 1 
ATOM   533 N N   . VAL B 1 9  ? -2.633  11.922  -7.776  1.00 49.21 ? 9  VAL B N   1 
ATOM   534 C CA  . VAL B 1 9  ? -2.357  11.881  -6.356  1.00 46.46 ? 9  VAL B CA  1 
ATOM   535 C C   . VAL B 1 9  ? -1.042  11.191  -6.055  1.00 43.46 ? 9  VAL B C   1 
ATOM   536 O O   . VAL B 1 9  ? -0.702  10.169  -6.618  1.00 43.56 ? 9  VAL B O   1 
ATOM   537 C CB  . VAL B 1 9  ? -3.492  11.159  -5.598  1.00 46.72 ? 9  VAL B CB  1 
ATOM   538 C CG1 . VAL B 1 9  ? -3.736  9.796   -6.221  1.00 47.59 ? 9  VAL B CG1 1 
ATOM   539 C CG2 . VAL B 1 9  ? -3.136  11.011  -4.136  1.00 47.54 ? 9  VAL B CG2 1 
ATOM   540 N N   . VAL B 1 10 ? -0.308  11.771  -5.133  1.00 40.37 ? 10 VAL B N   1 
ATOM   541 C CA  . VAL B 1 10 ? 0.976   11.248  -4.726  1.00 37.55 ? 10 VAL B CA  1 
ATOM   542 C C   . VAL B 1 10 ? 0.851   10.994  -3.235  1.00 35.01 ? 10 VAL B C   1 
ATOM   543 O O   . VAL B 1 10 ? 0.178   11.752  -2.532  1.00 34.33 ? 10 VAL B O   1 
ATOM   544 C CB  . VAL B 1 10 ? 2.047   12.292  -4.990  1.00 39.96 ? 10 VAL B CB  1 
ATOM   545 C CG1 . VAL B 1 10 ? 3.169   12.130  -4.038  1.00 40.88 ? 10 VAL B CG1 1 
ATOM   546 C CG2 . VAL B 1 10 ? 2.523   12.199  -6.435  1.00 40.20 ? 10 VAL B CG2 1 
ATOM   547 N N   . LEU B 1 11 ? 1.477   9.924   -2.752  1.00 33.14 ? 11 LEU B N   1 
ATOM   548 C CA  . LEU B 1 11 ? 1.386   9.591   -1.335  1.00 32.50 ? 11 LEU B CA  1 
ATOM   549 C C   . LEU B 1 11 ? 2.683   9.522   -0.571  1.00 33.25 ? 11 LEU B C   1 
ATOM   550 O O   . LEU B 1 11 ? 3.694   9.060   -1.088  1.00 34.29 ? 11 LEU B O   1 
ATOM   551 C CB  . LEU B 1 11 ? 0.661   8.263   -1.158  1.00 30.62 ? 11 LEU B CB  1 
ATOM   552 C CG  . LEU B 1 11 ? -0.721  8.200   -1.800  1.00 28.15 ? 11 LEU B CG  1 
ATOM   553 C CD1 . LEU B 1 11 ? -1.253  6.814   -1.700  1.00 29.94 ? 11 LEU B CD1 1 
ATOM   554 C CD2 . LEU B 1 11 ? -1.655  9.171   -1.116  1.00 29.50 ? 11 LEU B CD2 1 
ATOM   555 N N   . ASN B 1 12 ? 2.636   9.970   0.679   1.00 35.09 ? 12 ASN B N   1 
ATOM   556 C CA  . ASN B 1 12 ? 3.802   9.951   1.558   1.00 36.62 ? 12 ASN B CA  1 
ATOM   557 C C   . ASN B 1 12 ? 3.468   9.111   2.782   1.00 38.42 ? 12 ASN B C   1 
ATOM   558 O O   . ASN B 1 12 ? 2.308   9.056   3.208   1.00 38.60 ? 12 ASN B O   1 
ATOM   559 C CB  . ASN B 1 12 ? 4.178   11.367  2.002   0.00 36.74 ? 12 ASN B CB  1 
ATOM   560 C CG  . ASN B 1 12 ? 4.832   12.172  0.894   0.00 36.73 ? 12 ASN B CG  1 
ATOM   561 O OD1 . ASN B 1 12 ? 4.199   12.501  -0.108  0.00 36.63 ? 12 ASN B OD1 1 
ATOM   562 N ND2 . ASN B 1 12 ? 6.110   12.485  1.070   0.00 36.63 ? 12 ASN B ND2 1 
ATOM   563 N N   . PRO B 1 13 ? 4.466   8.404   3.335   1.00 39.00 ? 13 PRO B N   1 
ATOM   564 C CA  . PRO B 1 13 ? 4.240   7.573   4.519   1.00 40.47 ? 13 PRO B CA  1 
ATOM   565 C C   . PRO B 1 13 ? 3.933   8.468   5.710   1.00 42.43 ? 13 PRO B C   1 
ATOM   566 O O   . PRO B 1 13 ? 4.722   9.356   6.036   1.00 42.80 ? 13 PRO B O   1 
ATOM   567 C CB  . PRO B 1 13 ? 5.566   6.839   4.677   1.00 38.45 ? 13 PRO B CB  1 
ATOM   568 C CG  . PRO B 1 13 ? 6.009   6.667   3.265   1.00 37.80 ? 13 PRO B CG  1 
ATOM   569 C CD  . PRO B 1 13 ? 5.736   8.040   2.685   1.00 39.23 ? 13 PRO B CD  1 
ATOM   570 N N   . ARG B 1 14 ? 2.790   8.254   6.354   1.00 43.83 ? 14 ARG B N   1 
ATOM   571 C CA  . ARG B 1 14 ? 2.453   9.079   7.497   1.00 46.02 ? 14 ARG B CA  1 
ATOM   572 C C   . ARG B 1 14 ? 2.722   8.347   8.806   1.00 48.67 ? 14 ARG B C   1 
ATOM   573 O O   . ARG B 1 14 ? 2.083   7.347   9.119   1.00 50.23 ? 14 ARG B O   1 
ATOM   574 C CB  . ARG B 1 14 ? 0.991   9.536   7.420   1.00 44.67 ? 14 ARG B CB  1 
ATOM   575 C CG  . ARG B 1 14 ? -0.035  8.629   8.059   0.00 44.61 ? 14 ARG B CG  1 
ATOM   576 C CD  . ARG B 1 14 ? -1.354  9.367   8.163   0.00 44.19 ? 14 ARG B CD  1 
ATOM   577 N NE  . ARG B 1 14 ? -1.232  10.600  8.936   0.00 44.04 ? 14 ARG B NE  1 
ATOM   578 C CZ  . ARG B 1 14 ? -2.106  11.601  8.889   0.00 43.94 ? 14 ARG B CZ  1 
ATOM   579 N NH1 . ARG B 1 14 ? -3.170  11.519  8.104   0.00 43.87 ? 14 ARG B NH1 1 
ATOM   580 N NH2 . ARG B 1 14 ? -1.918  12.683  9.632   0.00 43.87 ? 14 ARG B NH2 1 
ATOM   581 N N   . ALA B 1 15 ? 3.689   8.846   9.565   1.00 51.49 ? 15 ALA B N   1 
ATOM   582 C CA  . ALA B 1 15 ? 4.034   8.238   10.842  1.00 52.43 ? 15 ALA B CA  1 
ATOM   583 C C   . ALA B 1 15 ? 2.855   8.303   11.799  1.00 52.90 ? 15 ALA B C   1 
ATOM   584 O O   . ALA B 1 15 ? 2.176   9.324   11.883  1.00 55.96 ? 15 ALA B O   1 
ATOM   585 C CB  . ALA B 1 15 ? 5.238   8.943   11.448  1.00 51.64 ? 15 ALA B CB  1 
ATOM   586 N N   . THR B 1 24 ? 6.195   4.333   13.450  1.00 57.97 ? 24 THR B N   1 
ATOM   587 C CA  . THR B 1 24 ? 5.323   3.562   12.561  1.00 59.22 ? 24 THR B CA  1 
ATOM   588 C C   . THR B 1 24 ? 4.797   4.402   11.406  1.00 57.43 ? 24 THR B C   1 
ATOM   589 O O   . THR B 1 24 ? 4.243   5.482   11.610  1.00 58.29 ? 24 THR B O   1 
ATOM   590 C CB  . THR B 1 24 ? 4.093   3.006   13.298  1.00 60.37 ? 24 THR B CB  1 
ATOM   591 O OG1 . THR B 1 24 ? 4.148   3.380   14.680  1.00 63.30 ? 24 THR B OG1 1 
ATOM   592 C CG2 . THR B 1 24 ? 4.041   1.496   13.171  1.00 61.03 ? 24 THR B CG2 1 
ATOM   593 N N   . PHE B 1 25 ? 4.953   3.894   10.191  1.00 55.17 ? 25 PHE B N   1 
ATOM   594 C CA  . PHE B 1 25 ? 4.478   4.617   9.025   1.00 52.78 ? 25 PHE B CA  1 
ATOM   595 C C   . PHE B 1 25 ? 3.307   3.893   8.382   1.00 50.67 ? 25 PHE B C   1 
ATOM   596 O O   . PHE B 1 25 ? 3.263   2.666   8.338   1.00 51.11 ? 25 PHE B O   1 
ATOM   597 C CB  . PHE B 1 25 ? 5.598   4.782   7.995   1.00 52.43 ? 25 PHE B CB  1 
ATOM   598 C CG  . PHE B 1 25 ? 6.822   5.470   8.529   0.00 52.75 ? 25 PHE B CG  1 
ATOM   599 C CD1 . PHE B 1 25 ? 7.704   4.798   9.369   0.00 52.75 ? 25 PHE B CD1 1 
ATOM   600 C CD2 . PHE B 1 25 ? 7.095   6.793   8.191   0.00 52.75 ? 25 PHE B CD2 1 
ATOM   601 C CE1 . PHE B 1 25 ? 8.842   5.433   9.866   0.00 52.84 ? 25 PHE B CE1 1 
ATOM   602 C CE2 . PHE B 1 25 ? 8.229   7.437   8.684   0.00 52.84 ? 25 PHE B CE2 1 
ATOM   603 C CZ  . PHE B 1 25 ? 9.103   6.755   9.523   0.00 52.86 ? 25 PHE B CZ  1 
ATOM   604 N N   . TYR B 1 26 ? 2.353   4.666   7.892   1.00 47.83 ? 26 TYR B N   1 
ATOM   605 C CA  . TYR B 1 26 ? 1.193   4.111   7.220   1.00 45.22 ? 26 TYR B CA  1 
ATOM   606 C C   . TYR B 1 26 ? 1.040   4.792   5.864   1.00 43.38 ? 26 TYR B C   1 
ATOM   607 O O   . TYR B 1 26 ? 1.561   5.887   5.646   1.00 42.41 ? 26 TYR B O   1 
ATOM   608 C CB  . TYR B 1 26 ? -0.073  4.345   8.042   1.00 45.67 ? 26 TYR B CB  1 
ATOM   609 C CG  . TYR B 1 26 ? -0.190  3.474   9.261   1.00 47.65 ? 26 TYR B CG  1 
ATOM   610 C CD1 . TYR B 1 26 ? 0.721   3.581   10.312  1.00 49.36 ? 26 TYR B CD1 1 
ATOM   611 C CD2 . TYR B 1 26 ? -1.218  2.536   9.369   1.00 46.88 ? 26 TYR B CD2 1 
ATOM   612 C CE1 . TYR B 1 26 ? 0.608   2.776   11.441  1.00 50.14 ? 26 TYR B CE1 1 
ATOM   613 C CE2 . TYR B 1 26 ? -1.337  1.727   10.494  1.00 47.83 ? 26 TYR B CE2 1 
ATOM   614 C CZ  . TYR B 1 26 ? -0.423  1.853   11.524  1.00 49.34 ? 26 TYR B CZ  1 
ATOM   615 O OH  . TYR B 1 26 ? -0.538  1.058   12.640  1.00 51.23 ? 26 TYR B OH  1 
ATOM   616 N N   . LEU B 1 27 ? 0.340   4.128   4.952   1.00 39.43 ? 27 LEU B N   1 
ATOM   617 C CA  . LEU B 1 27 ? 0.079   4.682   3.638   1.00 36.22 ? 27 LEU B CA  1 
ATOM   618 C C   . LEU B 1 27 ? -1.416  4.834   3.549   1.00 36.61 ? 27 LEU B C   1 
ATOM   619 O O   . LEU B 1 27 ? -2.156  3.951   3.961   1.00 37.90 ? 27 LEU B O   1 
ATOM   620 C CB  . LEU B 1 27 ? 0.563   3.749   2.539   1.00 33.75 ? 27 LEU B CB  1 
ATOM   621 C CG  . LEU B 1 27 ? 2.082   3.694   2.420   1.00 33.03 ? 27 LEU B CG  1 
ATOM   622 C CD1 . LEU B 1 27 ? 2.501   2.588   1.443   1.00 30.52 ? 27 LEU B CD1 1 
ATOM   623 C CD2 . LEU B 1 27 ? 2.587   5.058   1.971   1.00 29.77 ? 27 LEU B CD2 1 
ATOM   624 N N   . LEU B 1 28 ? -1.857  5.961   3.013   1.00 37.05 ? 28 LEU B N   1 
ATOM   625 C CA  . LEU B 1 28 ? -3.272  6.250   2.878   1.00 37.38 ? 28 LEU B CA  1 
ATOM   626 C C   . LEU B 1 28 ? -3.926  5.581   1.687   1.00 38.52 ? 28 LEU B C   1 
ATOM   627 O O   . LEU B 1 28 ? -3.298  5.398   0.645   1.00 38.83 ? 28 LEU B O   1 
ATOM   628 C CB  . LEU B 1 28 ? -3.479  7.758   2.739   1.00 37.30 ? 28 LEU B CB  1 
ATOM   629 C CG  . LEU B 1 28 ? -4.835  8.144   2.145   1.00 35.88 ? 28 LEU B CG  1 
ATOM   630 C CD1 . LEU B 1 28 ? -5.917  7.925   3.191   1.00 36.62 ? 28 LEU B CD1 1 
ATOM   631 C CD2 . LEU B 1 28 ? -4.817  9.582   1.684   1.00 36.01 ? 28 LEU B CD2 1 
ATOM   632 N N   . ILE B 1 29 ? -5.198  5.224   1.848   1.00 38.67 ? 29 ILE B N   1 
ATOM   633 C CA  . ILE B 1 29 ? -5.975  4.651   0.758   1.00 38.62 ? 29 ILE B CA  1 
ATOM   634 C C   . ILE B 1 29 ? -6.969  5.745   0.395   1.00 38.30 ? 29 ILE B C   1 
ATOM   635 O O   . ILE B 1 29 ? -7.982  5.920   1.072   1.00 41.01 ? 29 ILE B O   1 
ATOM   636 C CB  . ILE B 1 29 ? -6.790  3.418   1.177   1.00 38.39 ? 29 ILE B CB  1 
ATOM   637 C CG1 . ILE B 1 29 ? -5.862  2.279   1.589   1.00 38.58 ? 29 ILE B CG1 1 
ATOM   638 C CG2 . ILE B 1 29 ? -7.682  2.984   0.020   1.00 38.20 ? 29 ILE B CG2 1 
ATOM   639 C CD1 . ILE B 1 29 ? -6.591  0.981   1.892   1.00 36.58 ? 29 ILE B CD1 1 
ATOM   640 N N   . PRO B 1 30 ? -6.689  6.503   -0.664  1.00 36.00 ? 30 PRO B N   1 
ATOM   641 C CA  . PRO B 1 30 ? -7.566  7.584   -1.111  1.00 35.85 ? 30 PRO B CA  1 
ATOM   642 C C   . PRO B 1 30 ? -9.057  7.252   -0.996  1.00 36.58 ? 30 PRO B C   1 
ATOM   643 O O   . PRO B 1 30 ? -9.498  6.166   -1.373  1.00 36.67 ? 30 PRO B O   1 
ATOM   644 C CB  . PRO B 1 30 ? -7.129  7.793   -2.552  1.00 36.08 ? 30 PRO B CB  1 
ATOM   645 C CG  . PRO B 1 30 ? -5.657  7.564   -2.470  1.00 36.86 ? 30 PRO B CG  1 
ATOM   646 C CD  . PRO B 1 30 ? -5.560  6.323   -1.591  1.00 37.31 ? 30 PRO B CD  1 
ATOM   647 N N   . LYS B 1 31 ? -9.827  8.201   -0.473  1.00 36.52 ? 31 LYS B N   1 
ATOM   648 C CA  . LYS B 1 31 ? -11.257 8.011   -0.305  1.00 35.76 ? 31 LYS B CA  1 
ATOM   649 C C   . LYS B 1 31 ? -11.852 7.321   -1.520  1.00 35.51 ? 31 LYS B C   1 
ATOM   650 O O   . LYS B 1 31 ? -12.453 6.257   -1.404  1.00 37.72 ? 31 LYS B O   1 
ATOM   651 C CB  . LYS B 1 31 ? -11.947 9.366   -0.062  1.00 34.47 ? 31 LYS B CB  1 
ATOM   652 C CG  . LYS B 1 31 ? -10.998 10.556  -0.126  0.00 34.89 ? 31 LYS B CG  1 
ATOM   653 C CD  . LYS B 1 31 ? -11.495 11.754  0.680   0.00 34.80 ? 31 LYS B CD  1 
ATOM   654 C CE  . LYS B 1 31 ? -12.733 12.388  0.067   0.00 34.92 ? 31 LYS B CE  1 
ATOM   655 N NZ  . LYS B 1 31 ? -13.167 13.590  0.834   0.00 34.98 ? 31 LYS B NZ  1 
ATOM   656 N N   . ASP B 1 32 ? -11.660 7.907   -2.691  1.00 35.84 ? 32 ASP B N   1 
ATOM   657 C CA  . ASP B 1 32 ? -12.219 7.345   -3.915  1.00 36.63 ? 32 ASP B CA  1 
ATOM   658 C C   . ASP B 1 32 ? -11.872 5.907   -4.235  1.00 35.07 ? 32 ASP B C   1 
ATOM   659 O O   . ASP B 1 32 ? -12.724 5.159   -4.708  1.00 34.96 ? 32 ASP B O   1 
ATOM   660 C CB  . ASP B 1 32 ? -11.866 8.219   -5.109  1.00 40.60 ? 32 ASP B CB  1 
ATOM   661 C CG  . ASP B 1 32 ? -12.735 9.445   -5.195  1.00 45.74 ? 32 ASP B CG  1 
ATOM   662 O OD1 . ASP B 1 32 ? -12.568 10.216  -6.163  1.00 50.54 ? 32 ASP B OD1 1 
ATOM   663 O OD2 . ASP B 1 32 ? -13.587 9.638   -4.298  1.00 47.87 ? 32 ASP B OD2 1 
ATOM   664 N N   . ILE B 1 33 ? -10.630 5.515   -3.996  1.00 33.37 ? 33 ILE B N   1 
ATOM   665 C CA  . ILE B 1 33 ? -10.253 4.153   -4.287  1.00 32.13 ? 33 ILE B CA  1 
ATOM   666 C C   . ILE B 1 33 ? -10.905 3.271   -3.247  1.00 32.54 ? 33 ILE B C   1 
ATOM   667 O O   . ILE B 1 33 ? -11.552 2.277   -3.579  1.00 31.31 ? 33 ILE B O   1 
ATOM   668 C CB  . ILE B 1 33 ? -8.736  3.982   -4.264  1.00 31.70 ? 33 ILE B CB  1 
ATOM   669 C CG1 . ILE B 1 33 ? -8.128  4.767   -5.421  1.00 30.71 ? 33 ILE B CG1 1 
ATOM   670 C CG2 . ILE B 1 33 ? -8.369  2.522   -4.416  1.00 32.05 ? 33 ILE B CG2 1 
ATOM   671 C CD1 . ILE B 1 33 ? -6.641  4.652   -5.515  1.00 31.36 ? 33 ILE B CD1 1 
ATOM   672 N N   . ALA B 1 34 ? -10.757 3.661   -1.986  1.00 33.63 ? 34 ALA B N   1 
ATOM   673 C CA  . ALA B 1 34 ? -11.339 2.909   -0.884  1.00 33.79 ? 34 ALA B CA  1 
ATOM   674 C C   . ALA B 1 34 ? -12.810 2.641   -1.163  1.00 34.43 ? 34 ALA B C   1 
ATOM   675 O O   . ALA B 1 34 ? -13.293 1.516   -0.995  1.00 33.17 ? 34 ALA B O   1 
ATOM   676 C CB  . ALA B 1 34 ? -11.186 3.679   0.401   1.00 31.02 ? 34 ALA B CB  1 
ATOM   677 N N   . GLU B 1 35 ? -13.519 3.667   -1.618  1.00 35.53 ? 35 GLU B N   1 
ATOM   678 C CA  . GLU B 1 35 ? -14.932 3.499   -1.910  1.00 37.10 ? 35 GLU B CA  1 
ATOM   679 C C   . GLU B 1 35 ? -15.118 2.589   -3.108  1.00 37.29 ? 35 GLU B C   1 
ATOM   680 O O   . GLU B 1 35 ? -15.897 1.630   -3.064  1.00 38.47 ? 35 GLU B O   1 
ATOM   681 C CB  . GLU B 1 35 ? -15.601 4.836   -2.203  1.00 38.36 ? 35 GLU B CB  1 
ATOM   682 C CG  . GLU B 1 35 ? -17.103 4.686   -2.300  1.00 45.35 ? 35 GLU B CG  1 
ATOM   683 C CD  . GLU B 1 35 ? -17.792 5.915   -2.837  1.00 50.23 ? 35 GLU B CD  1 
ATOM   684 O OE1 . GLU B 1 35 ? -19.042 5.939   -2.819  1.00 53.17 ? 35 GLU B OE1 1 
ATOM   685 O OE2 . GLU B 1 35 ? -17.090 6.851   -3.284  1.00 55.57 ? 35 GLU B OE2 1 
ATOM   686 N N   . ALA B 1 36 ? -14.395 2.898   -4.176  1.00 35.92 ? 36 ALA B N   1 
ATOM   687 C CA  . ALA B 1 36 ? -14.470 2.124   -5.401  1.00 35.61 ? 36 ALA B CA  1 
ATOM   688 C C   . ALA B 1 36 ? -14.311 0.622   -5.130  1.00 36.06 ? 36 ALA B C   1 
ATOM   689 O O   . ALA B 1 36 ? -15.110 -0.195  -5.588  1.00 34.77 ? 36 ALA B O   1 
ATOM   690 C CB  . ALA B 1 36 ? -13.398 2.599   -6.367  1.00 35.02 ? 36 ALA B CB  1 
ATOM   691 N N   . LEU B 1 37 ? -13.282 0.267   -4.372  1.00 35.72 ? 37 LEU B N   1 
ATOM   692 C CA  . LEU B 1 37 ? -13.013 -1.125  -4.059  1.00 34.35 ? 37 LEU B CA  1 
ATOM   693 C C   . LEU B 1 37 ? -13.736 -1.594  -2.809  1.00 35.95 ? 37 LEU B C   1 
ATOM   694 O O   . LEU B 1 37 ? -13.499 -2.701  -2.321  1.00 36.09 ? 37 LEU B O   1 
ATOM   695 C CB  . LEU B 1 37 ? -11.505 -1.320  -3.907  1.00 31.00 ? 37 LEU B CB  1 
ATOM   696 C CG  . LEU B 1 37 ? -10.761 -0.843  -5.168  1.00 28.25 ? 37 LEU B CG  1 
ATOM   697 C CD1 . LEU B 1 37 ? -9.244  -1.005  -5.031  1.00 23.48 ? 37 LEU B CD1 1 
ATOM   698 C CD2 . LEU B 1 37 ? -11.291 -1.637  -6.358  1.00 24.61 ? 37 LEU B CD2 1 
ATOM   699 N N   . ASP B 1 38 ? -14.615 -0.747  -2.289  1.00 36.44 ? 38 ASP B N   1 
ATOM   700 C CA  . ASP B 1 38 ? -15.377 -1.082  -1.095  1.00 37.88 ? 38 ASP B CA  1 
ATOM   701 C C   . ASP B 1 38 ? -14.523 -1.622  0.047   1.00 36.82 ? 38 ASP B C   1 
ATOM   702 O O   . ASP B 1 38 ? -14.806 -2.673  0.613   1.00 35.42 ? 38 ASP B O   1 
ATOM   703 C CB  . ASP B 1 38 ? -16.459 -2.095  -1.448  1.00 40.29 ? 38 ASP B CB  1 
ATOM   704 C CG  . ASP B 1 38 ? -17.349 -2.418  -0.278  1.00 41.85 ? 38 ASP B CG  1 
ATOM   705 O OD1 . ASP B 1 38 ? -17.776 -1.482  0.433   1.00 43.03 ? 38 ASP B OD1 1 
ATOM   706 O OD2 . ASP B 1 38 ? -17.627 -3.613  -0.076  1.00 45.34 ? 38 ASP B OD2 1 
ATOM   707 N N   . ILE B 1 39 ? -13.469 -0.893  0.377   1.00 36.30 ? 39 ILE B N   1 
ATOM   708 C CA  . ILE B 1 39 ? -12.588 -1.292  1.456   1.00 36.81 ? 39 ILE B CA  1 
ATOM   709 C C   . ILE B 1 39 ? -13.370 -1.308  2.770   1.00 39.03 ? 39 ILE B C   1 
ATOM   710 O O   . ILE B 1 39 ? -14.122 -0.378  3.069   1.00 39.31 ? 39 ILE B O   1 
ATOM   711 C CB  . ILE B 1 39 ? -11.409 -0.301  1.600   1.00 35.04 ? 39 ILE B CB  1 
ATOM   712 C CG1 . ILE B 1 39 ? -10.570 -0.299  0.322   1.00 35.48 ? 39 ILE B CG1 1 
ATOM   713 C CG2 . ILE B 1 39 ? -10.569 -0.654  2.825   1.00 32.25 ? 39 ILE B CG2 1 
ATOM   714 C CD1 . ILE B 1 39 ? -9.901  -1.646  0.003   1.00 36.18 ? 39 ILE B CD1 1 
ATOM   715 N N   . LYS B 1 40 ? -13.189 -2.369  3.550   1.00 40.24 ? 40 LYS B N   1 
ATOM   716 C CA  . LYS B 1 40 ? -13.845 -2.490  4.842   1.00 41.27 ? 40 LYS B CA  1 
ATOM   717 C C   . LYS B 1 40 ? -12.734 -2.703  5.858   1.00 42.24 ? 40 LYS B C   1 
ATOM   718 O O   . LYS B 1 40 ? -11.723 -3.345  5.560   1.00 41.91 ? 40 LYS B O   1 
ATOM   719 C CB  . LYS B 1 40 ? -14.809 -3.674  4.858   1.00 43.65 ? 40 LYS B CB  1 
ATOM   720 C CG  . LYS B 1 40 ? -15.860 -3.652  3.749   1.00 44.66 ? 40 LYS B CG  1 
ATOM   721 C CD  . LYS B 1 40 ? -16.900 -4.738  3.979   1.00 47.30 ? 40 LYS B CD  1 
ATOM   722 C CE  . LYS B 1 40 ? -17.614 -5.142  2.689   1.00 50.42 ? 40 LYS B CE  1 
ATOM   723 N NZ  . LYS B 1 40 ? -16.793 -6.052  1.833   1.00 48.63 ? 40 LYS B NZ  1 
ATOM   724 N N   . PRO B 1 41 ? -12.907 -2.165  7.076   1.00 43.16 ? 41 PRO B N   1 
ATOM   725 C CA  . PRO B 1 41 ? -11.928 -2.274  8.161   1.00 43.90 ? 41 PRO B CA  1 
ATOM   726 C C   . PRO B 1 41 ? -11.562 -3.699  8.584   1.00 44.85 ? 41 PRO B C   1 
ATOM   727 O O   . PRO B 1 41 ? -10.632 -3.901  9.369   1.00 45.59 ? 41 PRO B O   1 
ATOM   728 C CB  . PRO B 1 41 ? -12.578 -1.471  9.283   1.00 42.75 ? 41 PRO B CB  1 
ATOM   729 C CG  . PRO B 1 41 ? -14.026 -1.679  9.036   1.00 43.00 ? 41 PRO B CG  1 
ATOM   730 C CD  . PRO B 1 41 ? -14.128 -1.495  7.554   1.00 43.48 ? 41 PRO B CD  1 
ATOM   731 N N   . ASP B 1 42 ? -12.287 -4.683  8.071   1.00 44.98 ? 42 ASP B N   1 
ATOM   732 C CA  . ASP B 1 42 ? -11.986 -6.063  8.408   1.00 46.69 ? 42 ASP B CA  1 
ATOM   733 C C   . ASP B 1 42 ? -11.427 -6.837  7.215   1.00 46.12 ? 42 ASP B C   1 
ATOM   734 O O   . ASP B 1 42 ? -11.260 -8.056  7.286   1.00 45.92 ? 42 ASP B O   1 
ATOM   735 C CB  . ASP B 1 42 ? -13.226 -6.764  8.975   1.00 49.62 ? 42 ASP B CB  1 
ATOM   736 C CG  . ASP B 1 42 ? -14.478 -6.453  8.197   1.00 51.97 ? 42 ASP B CG  1 
ATOM   737 O OD1 . ASP B 1 42 ? -14.827 -5.259  8.085   1.00 55.71 ? 42 ASP B OD1 1 
ATOM   738 O OD2 . ASP B 1 42 ? -15.118 -7.404  7.706   1.00 53.47 ? 42 ASP B OD2 1 
ATOM   739 N N   . ASP B 1 43 ? -11.136 -6.131  6.123   1.00 44.54 ? 43 ASP B N   1 
ATOM   740 C CA  . ASP B 1 43 ? -10.565 -6.778  4.948   1.00 42.17 ? 43 ASP B CA  1 
ATOM   741 C C   . ASP B 1 43 ? -9.185  -7.318  5.334   1.00 41.57 ? 43 ASP B C   1 
ATOM   742 O O   . ASP B 1 43 ? -8.535  -6.803  6.245   1.00 40.26 ? 43 ASP B O   1 
ATOM   743 C CB  . ASP B 1 43 ? -10.412 -5.789  3.783   1.00 42.95 ? 43 ASP B CB  1 
ATOM   744 C CG  . ASP B 1 43 ? -11.735 -5.439  3.114   1.00 43.41 ? 43 ASP B CG  1 
ATOM   745 O OD1 . ASP B 1 43 ? -12.657 -6.281  3.126   1.00 44.79 ? 43 ASP B OD1 1 
ATOM   746 O OD2 . ASP B 1 43 ? -11.845 -4.327  2.555   1.00 40.74 ? 43 ASP B OD2 1 
ATOM   747 N N   . THR B 1 44 ? -8.736  -8.367  4.659   1.00 41.17 ? 44 THR B N   1 
ATOM   748 C CA  . THR B 1 44 ? -7.426  -8.915  4.974   1.00 41.10 ? 44 THR B CA  1 
ATOM   749 C C   . THR B 1 44 ? -6.484  -8.746  3.793   1.00 39.34 ? 44 THR B C   1 
ATOM   750 O O   . THR B 1 44 ? -6.776  -9.169  2.669   1.00 40.95 ? 44 THR B O   1 
ATOM   751 C CB  . THR B 1 44 ? -7.498  -10.414 5.346   1.00 43.62 ? 44 THR B CB  1 
ATOM   752 O OG1 . THR B 1 44 ? -8.374  -10.598 6.463   1.00 46.29 ? 44 THR B OG1 1 
ATOM   753 C CG2 . THR B 1 44 ? -6.131  -10.918 5.729   1.00 43.04 ? 44 THR B CG2 1 
ATOM   754 N N   . PHE B 1 45 ? -5.352  -8.115  4.052   1.00 36.05 ? 45 PHE B N   1 
ATOM   755 C CA  . PHE B 1 45 ? -4.364  -7.894  3.016   1.00 34.57 ? 45 PHE B CA  1 
ATOM   756 C C   . PHE B 1 45 ? -3.045  -8.534  3.390   1.00 33.59 ? 45 PHE B C   1 
ATOM   757 O O   . PHE B 1 45 ? -2.697  -8.622  4.564   1.00 36.26 ? 45 PHE B O   1 
ATOM   758 C CB  . PHE B 1 45 ? -4.093  -6.404  2.812   1.00 32.96 ? 45 PHE B CB  1 
ATOM   759 C CG  . PHE B 1 45 ? -5.184  -5.662  2.101   1.00 32.45 ? 45 PHE B CG  1 
ATOM   760 C CD1 . PHE B 1 45 ? -6.254  -5.129  2.805   1.00 32.15 ? 45 PHE B CD1 1 
ATOM   761 C CD2 . PHE B 1 45 ? -5.102  -5.435  0.728   1.00 31.80 ? 45 PHE B CD2 1 
ATOM   762 C CE1 . PHE B 1 45 ? -7.231  -4.374  2.156   1.00 31.84 ? 45 PHE B CE1 1 
ATOM   763 C CE2 . PHE B 1 45 ? -6.071  -4.685  0.067   1.00 30.65 ? 45 PHE B CE2 1 
ATOM   764 C CZ  . PHE B 1 45 ? -7.136  -4.149  0.782   1.00 30.09 ? 45 PHE B CZ  1 
ATOM   765 N N   . ILE B 1 46 ? -2.316  -8.997  2.386   1.00 31.13 ? 46 ILE B N   1 
ATOM   766 C CA  . ILE B 1 46 ? -0.996  -9.545  2.621   1.00 30.44 ? 46 ILE B CA  1 
ATOM   767 C C   . ILE B 1 46 ? -0.102  -8.518  1.937   1.00 29.36 ? 46 ILE B C   1 
ATOM   768 O O   . ILE B 1 46 ? -0.518  -7.890  0.961   1.00 28.77 ? 46 ILE B O   1 
ATOM   769 C CB  . ILE B 1 46 ? -0.772  -10.918 1.952   1.00 30.58 ? 46 ILE B CB  1 
ATOM   770 C CG1 . ILE B 1 46 ? -1.246  -10.890 0.503   1.00 29.48 ? 46 ILE B CG1 1 
ATOM   771 C CG2 . ILE B 1 46 ? -1.468  -11.996 2.732   1.00 32.57 ? 46 ILE B CG2 1 
ATOM   772 C CD1 . ILE B 1 46 ? -0.670  -12.002 -0.333  1.00 24.59 ? 46 ILE B CD1 1 
ATOM   773 N N   . LEU B 1 47 ? 1.109   -8.338  2.445   1.00 28.39 ? 47 LEU B N   1 
ATOM   774 C CA  . LEU B 1 47 ? 2.029   -7.376  1.864   1.00 27.60 ? 47 LEU B CA  1 
ATOM   775 C C   . LEU B 1 47 ? 3.120   -8.035  1.048   1.00 28.53 ? 47 LEU B C   1 
ATOM   776 O O   . LEU B 1 47 ? 4.027   -8.659  1.599   1.00 28.23 ? 47 LEU B O   1 
ATOM   777 C CB  . LEU B 1 47 ? 2.674   -6.523  2.958   1.00 27.52 ? 47 LEU B CB  1 
ATOM   778 C CG  . LEU B 1 47 ? 3.761   -5.533  2.515   1.00 26.85 ? 47 LEU B CG  1 
ATOM   779 C CD1 . LEU B 1 47 ? 3.242   -4.610  1.422   1.00 28.74 ? 47 LEU B CD1 1 
ATOM   780 C CD2 . LEU B 1 47 ? 4.218   -4.736  3.701   1.00 25.99 ? 47 LEU B CD2 1 
ATOM   781 N N   . ASN B 1 48 ? 3.032   -7.900  -0.269  1.00 30.35 ? 48 ASN B N   1 
ATOM   782 C CA  . ASN B 1 48 ? 4.046   -8.456  -1.151  1.00 32.99 ? 48 ASN B CA  1 
ATOM   783 C C   . ASN B 1 48 ? 4.938   -7.343  -1.654  1.00 34.79 ? 48 ASN B C   1 
ATOM   784 O O   . ASN B 1 48 ? 4.459   -6.262  -1.971  1.00 36.16 ? 48 ASN B O   1 
ATOM   785 C CB  . ASN B 1 48 ? 3.409   -9.162  -2.343  1.00 32.16 ? 48 ASN B CB  1 
ATOM   786 C CG  . ASN B 1 48 ? 2.927   -10.542 -2.002  1.00 32.08 ? 48 ASN B CG  1 
ATOM   787 O OD1 . ASN B 1 48 ? 3.662   -11.331 -1.406  1.00 37.16 ? 48 ASN B OD1 1 
ATOM   788 N ND2 . ASN B 1 48 ? 1.699   -10.857 -2.381  1.00 29.72 ? 48 ASN B ND2 1 
ATOM   789 N N   . MET B 1 49 ? 6.235   -7.606  -1.734  1.00 38.13 ? 49 MET B N   1 
ATOM   790 C CA  . MET B 1 49 ? 7.166   -6.600  -2.217  1.00 42.87 ? 49 MET B CA  1 
ATOM   791 C C   . MET B 1 49 ? 7.746   -6.972  -3.567  1.00 44.11 ? 49 MET B C   1 
ATOM   792 O O   . MET B 1 49 ? 7.947   -8.145  -3.855  1.00 44.55 ? 49 MET B O   1 
ATOM   793 C CB  . MET B 1 49 ? 8.289   -6.403  -1.212  1.00 45.71 ? 49 MET B CB  1 
ATOM   794 C CG  . MET B 1 49 ? 7.809   -5.846  0.101   1.00 50.92 ? 49 MET B CG  1 
ATOM   795 S SD  . MET B 1 49 ? 9.168   -5.651  1.238   1.00 59.94 ? 49 MET B SD  1 
ATOM   796 C CE  . MET B 1 49 ? 9.215   -7.288  1.963   1.00 58.67 ? 49 MET B CE  1 
ATOM   797 N N   . GLU B 1 50 ? 8.006   -5.963  -4.393  1.00 46.69 ? 50 GLU B N   1 
ATOM   798 C CA  . GLU B 1 50 ? 8.561   -6.179  -5.723  1.00 49.39 ? 50 GLU B CA  1 
ATOM   799 C C   . GLU B 1 50 ? 9.482   -5.016  -6.080  1.00 51.38 ? 50 GLU B C   1 
ATOM   800 O O   . GLU B 1 50 ? 9.426   -3.943  -5.466  1.00 51.04 ? 50 GLU B O   1 
ATOM   801 C CB  . GLU B 1 50 ? 7.427   -6.279  -6.739  1.00 49.16 ? 50 GLU B CB  1 
ATOM   802 C CG  . GLU B 1 50 ? 6.230   -7.019  -6.180  1.00 52.69 ? 50 GLU B CG  1 
ATOM   803 C CD  . GLU B 1 50 ? 4.968   -6.832  -6.997  1.00 55.71 ? 50 GLU B CD  1 
ATOM   804 O OE1 . GLU B 1 50 ? 4.632   -5.674  -7.329  1.00 58.17 ? 50 GLU B OE1 1 
ATOM   805 O OE2 . GLU B 1 50 ? 4.302   -7.846  -7.297  1.00 57.38 ? 50 GLU B OE2 1 
ATOM   806 N N   . GLN B 1 51 ? 10.337  -5.241  -7.069  1.00 54.36 ? 51 GLN B N   1 
ATOM   807 C CA  . GLN B 1 51 ? 11.272  -4.221  -7.528  1.00 57.25 ? 51 GLN B CA  1 
ATOM   808 C C   . GLN B 1 51 ? 10.880  -3.817  -8.950  1.00 58.59 ? 51 GLN B C   1 
ATOM   809 O O   . GLN B 1 51 ? 10.529  -4.672  -9.760  1.00 59.39 ? 51 GLN B O   1 
ATOM   810 C CB  . GLN B 1 51 ? 12.695  -4.783  -7.520  1.00 58.51 ? 51 GLN B CB  1 
ATOM   811 C CG  . GLN B 1 51 ? 13.201  -5.168  -6.134  1.00 61.51 ? 51 GLN B CG  1 
ATOM   812 C CD  . GLN B 1 51 ? 13.651  -3.965  -5.313  1.00 64.14 ? 51 GLN B CD  1 
ATOM   813 O OE1 . GLN B 1 51 ? 13.813  -4.053  -4.090  1.00 64.90 ? 51 GLN B OE1 1 
ATOM   814 N NE2 . GLN B 1 51 ? 13.892  -2.843  -5.991  1.00 64.54 ? 51 GLN B NE2 1 
ATOM   815 N N   . LYS B 1 52 ? 10.929  -2.522  -9.250  1.00 59.63 ? 52 LYS B N   1 
ATOM   816 C CA  . LYS B 1 52 ? 10.581  -2.042  -10.589 1.00 59.50 ? 52 LYS B CA  1 
ATOM   817 C C   . LYS B 1 52 ? 11.149  -0.667  -10.915 1.00 58.33 ? 52 LYS B C   1 
ATOM   818 O O   . LYS B 1 52 ? 11.252  0.201   -10.051 1.00 58.02 ? 52 LYS B O   1 
ATOM   819 C CB  . LYS B 1 52 ? 9.062   -2.010  -10.777 1.00 59.23 ? 52 LYS B CB  1 
ATOM   820 C CG  . LYS B 1 52 ? 8.647   -1.552  -12.168 1.00 59.71 ? 52 LYS B CG  1 
ATOM   821 C CD  . LYS B 1 52 ? 7.186   -1.840  -12.458 0.00 59.88 ? 52 LYS B CD  1 
ATOM   822 C CE  . LYS B 1 52 ? 6.842   -1.478  -13.896 0.00 60.07 ? 52 LYS B CE  1 
ATOM   823 N NZ  . LYS B 1 52 ? 5.422   -1.775  -14.225 0.00 60.25 ? 52 LYS B NZ  1 
ATOM   824 N N   . ASP B 1 53 ? 11.504  -0.476  -12.181 1.00 57.64 ? 53 ASP B N   1 
ATOM   825 C CA  . ASP B 1 53 ? 12.066  0.786   -12.623 1.00 55.51 ? 53 ASP B CA  1 
ATOM   826 C C   . ASP B 1 53 ? 13.112  1.202   -11.609 1.00 53.36 ? 53 ASP B C   1 
ATOM   827 O O   . ASP B 1 53 ? 13.252  2.379   -11.271 1.00 53.30 ? 53 ASP B O   1 
ATOM   828 C CB  . ASP B 1 53 ? 10.969  1.836   -12.735 1.00 58.15 ? 53 ASP B CB  1 
ATOM   829 C CG  . ASP B 1 53 ? 9.960   1.501   -13.817 1.00 62.12 ? 53 ASP B CG  1 
ATOM   830 O OD1 . ASP B 1 53 ? 8.957   2.236   -13.943 1.00 65.03 ? 53 ASP B OD1 1 
ATOM   831 O OD2 . ASP B 1 53 ? 10.174  0.504   -14.547 1.00 62.95 ? 53 ASP B OD2 1 
ATOM   832 N N   . GLY B 1 54 ? 13.827  0.201   -11.109 1.00 49.46 ? 54 GLY B N   1 
ATOM   833 C CA  . GLY B 1 54 ? 14.878  0.444   -10.151 1.00 48.09 ? 54 GLY B CA  1 
ATOM   834 C C   . GLY B 1 54 ? 14.422  0.793   -8.756  1.00 47.92 ? 54 GLY B C   1 
ATOM   835 O O   . GLY B 1 54 ? 15.221  1.271   -7.955  1.00 47.81 ? 54 GLY B O   1 
ATOM   836 N N   . ASP B 1 55 ? 13.151  0.571   -8.441  1.00 47.42 ? 55 ASP B N   1 
ATOM   837 C CA  . ASP B 1 55 ? 12.693  0.889   -7.099  1.00 46.21 ? 55 ASP B CA  1 
ATOM   838 C C   . ASP B 1 55 ? 11.621  -0.062  -6.571  1.00 44.34 ? 55 ASP B C   1 
ATOM   839 O O   . ASP B 1 55 ? 11.048  -0.862  -7.315  1.00 43.36 ? 55 ASP B O   1 
ATOM   840 C CB  . ASP B 1 55 ? 12.208  2.337   -7.042  1.00 49.26 ? 55 ASP B CB  1 
ATOM   841 C CG  . ASP B 1 55 ? 12.327  2.937   -5.649  1.00 52.37 ? 55 ASP B CG  1 
ATOM   842 O OD1 . ASP B 1 55 ? 13.007  2.343   -4.785  1.00 54.02 ? 55 ASP B OD1 1 
ATOM   843 O OD2 . ASP B 1 55 ? 11.748  4.015   -5.419  1.00 55.24 ? 55 ASP B OD2 1 
ATOM   844 N N   . ILE B 1 56 ? 11.355  0.044   -5.274  1.00 39.87 ? 56 ILE B N   1 
ATOM   845 C CA  . ILE B 1 56 ? 10.404  -0.818  -4.598  1.00 37.62 ? 56 ILE B CA  1 
ATOM   846 C C   . ILE B 1 56 ? 8.926   -0.626  -4.905  1.00 36.28 ? 56 ILE B C   1 
ATOM   847 O O   . ILE B 1 56 ? 8.494   0.427   -5.380  1.00 36.00 ? 56 ILE B O   1 
ATOM   848 C CB  . ILE B 1 56 ? 10.546  -0.684  -3.088  1.00 36.54 ? 56 ILE B CB  1 
ATOM   849 C CG1 . ILE B 1 56 ? 10.142  0.731   -2.671  1.00 36.58 ? 56 ILE B CG1 1 
ATOM   850 C CG2 . ILE B 1 56 ? 11.975  -0.980  -2.678  1.00 37.88 ? 56 ILE B CG2 1 
ATOM   851 C CD1 . ILE B 1 56 ? 10.111  0.964   -1.185  1.00 34.79 ? 56 ILE B CD1 1 
ATOM   852 N N   . VAL B 1 57 ? 8.162   -1.676  -4.607  1.00 33.46 ? 57 VAL B N   1 
ATOM   853 C CA  . VAL B 1 57 ? 6.714   -1.679  -4.769  1.00 32.00 ? 57 VAL B CA  1 
ATOM   854 C C   . VAL B 1 57 ? 6.105   -2.455  -3.601  1.00 31.52 ? 57 VAL B C   1 
ATOM   855 O O   . VAL B 1 57 ? 6.530   -3.569  -3.283  1.00 30.85 ? 57 VAL B O   1 
ATOM   856 C CB  . VAL B 1 57 ? 6.260   -2.353  -6.078  1.00 30.99 ? 57 VAL B CB  1 
ATOM   857 C CG1 . VAL B 1 57 ? 4.739   -2.473  -6.089  1.00 29.81 ? 57 VAL B CG1 1 
ATOM   858 C CG2 . VAL B 1 57 ? 6.718   -1.545  -7.263  1.00 29.34 ? 57 VAL B CG2 1 
ATOM   859 N N   . LEU B 1 58 ? 5.121   -1.849  -2.958  1.00 30.20 ? 58 LEU B N   1 
ATOM   860 C CA  . LEU B 1 58 ? 4.446   -2.474  -1.842  1.00 29.51 ? 58 LEU B CA  1 
ATOM   861 C C   . LEU B 1 58 ? 3.071   -2.824  -2.354  1.00 30.57 ? 58 LEU B C   1 
ATOM   862 O O   . LEU B 1 58 ? 2.217   -1.947  -2.505  1.00 31.96 ? 58 LEU B O   1 
ATOM   863 C CB  . LEU B 1 58 ? 4.344   -1.500  -0.663  1.00 27.89 ? 58 LEU B CB  1 
ATOM   864 C CG  . LEU B 1 58 ? 5.673   -0.935  -0.127  1.00 28.46 ? 58 LEU B CG  1 
ATOM   865 C CD1 . LEU B 1 58 ? 5.388   0.003   1.045   1.00 27.03 ? 58 LEU B CD1 1 
ATOM   866 C CD2 . LEU B 1 58 ? 6.618   -2.057  0.315   1.00 27.02 ? 58 LEU B CD2 1 
ATOM   867 N N   . SER B 1 59 ? 2.873   -4.104  -2.655  1.00 30.52 ? 59 SER B N   1 
ATOM   868 C CA  . SER B 1 59 ? 1.592   -4.586  -3.162  1.00 30.09 ? 59 SER B CA  1 
ATOM   869 C C   . SER B 1 59 ? 0.774   -5.166  -2.033  1.00 30.13 ? 59 SER B C   1 
ATOM   870 O O   . SER B 1 59 ? 1.175   -6.155  -1.428  1.00 29.73 ? 59 SER B O   1 
ATOM   871 C CB  . SER B 1 59 ? 1.797   -5.674  -4.197  1.00 28.92 ? 59 SER B CB  1 
ATOM   872 O OG  . SER B 1 59 ? 2.452   -5.173  -5.335  1.00 33.27 ? 59 SER B OG  1 
ATOM   873 N N   . TYR B 1 60 ? -0.369  -4.553  -1.753  1.00 30.62 ? 60 TYR B N   1 
ATOM   874 C CA  . TYR B 1 60 ? -1.231  -5.047  -0.698  1.00 32.73 ? 60 TYR B CA  1 
ATOM   875 C C   . TYR B 1 60 ? -2.403  -5.780  -1.321  1.00 34.11 ? 60 TYR B C   1 
ATOM   876 O O   . TYR B 1 60 ? -3.363  -5.159  -1.770  1.00 35.97 ? 60 TYR B O   1 
ATOM   877 C CB  . TYR B 1 60 ? -1.747  -3.900  0.165   1.00 33.28 ? 60 TYR B CB  1 
ATOM   878 C CG  . TYR B 1 60 ? -0.669  -3.159  0.932   1.00 34.14 ? 60 TYR B CG  1 
ATOM   879 C CD1 . TYR B 1 60 ? 0.241   -2.332  0.273   1.00 32.44 ? 60 TYR B CD1 1 
ATOM   880 C CD2 . TYR B 1 60 ? -0.565  -3.281  2.317   1.00 32.12 ? 60 TYR B CD2 1 
ATOM   881 C CE1 . TYR B 1 60 ? 1.218   -1.646  0.971   1.00 31.15 ? 60 TYR B CE1 1 
ATOM   882 C CE2 . TYR B 1 60 ? 0.413   -2.597  3.026   1.00 32.68 ? 60 TYR B CE2 1 
ATOM   883 C CZ  . TYR B 1 60 ? 1.302   -1.780  2.347   1.00 32.51 ? 60 TYR B CZ  1 
ATOM   884 O OH  . TYR B 1 60 ? 2.273   -1.093  3.041   1.00 33.27 ? 60 TYR B OH  1 
ATOM   885 N N   . LYS B 1 61 ? -2.327  -7.103  -1.359  1.00 33.63 ? 61 LYS B N   1 
ATOM   886 C CA  . LYS B 1 61 ? -3.412  -7.864  -1.949  1.00 32.44 ? 61 LYS B CA  1 
ATOM   887 C C   . LYS B 1 61 ? -4.487  -8.171  -0.911  1.00 32.08 ? 61 LYS B C   1 
ATOM   888 O O   . LYS B 1 61 ? -4.188  -8.563  0.215   1.00 31.07 ? 61 LYS B O   1 
ATOM   889 C CB  . LYS B 1 61 ? -2.868  -9.152  -2.560  1.00 31.29 ? 61 LYS B CB  1 
ATOM   890 C CG  . LYS B 1 61 ? -3.946  -10.024 -3.161  1.00 34.07 ? 61 LYS B CG  1 
ATOM   891 C CD  . LYS B 1 61 ? -3.445  -10.802 -4.367  1.00 35.52 ? 61 LYS B CD  1 
ATOM   892 C CE  . LYS B 1 61 ? -2.389  -11.827 -4.008  1.00 34.95 ? 61 LYS B CE  1 
ATOM   893 N NZ  . LYS B 1 61 ? -2.106  -12.709 -5.180  1.00 38.06 ? 61 LYS B NZ  1 
ATOM   894 N N   . ARG B 1 62 ? -5.742  -7.960  -1.280  1.00 32.00 ? 62 ARG B N   1 
ATOM   895 C CA  . ARG B 1 62 ? -6.847  -8.250  -0.370  1.00 32.33 ? 62 ARG B CA  1 
ATOM   896 C C   . ARG B 1 62 ? -7.210  -9.700  -0.618  1.00 32.64 ? 62 ARG B C   1 
ATOM   897 O O   . ARG B 1 62 ? -7.784  -10.031 -1.656  1.00 32.52 ? 62 ARG B O   1 
ATOM   898 C CB  . ARG B 1 62 ? -8.039  -7.360  -0.694  1.00 31.38 ? 62 ARG B CB  1 
ATOM   899 C CG  . ARG B 1 62 ? -9.286  -7.674  0.080   1.00 26.55 ? 62 ARG B CG  1 
ATOM   900 C CD  . ARG B 1 62 ? -10.475 -7.271  -0.751  1.00 26.13 ? 62 ARG B CD  1 
ATOM   901 N NE  . ARG B 1 62 ? -11.028 -5.984  -0.355  1.00 26.96 ? 62 ARG B NE  1 
ATOM   902 C CZ  . ARG B 1 62 ? -11.792 -5.238  -1.142  1.00 24.98 ? 62 ARG B CZ  1 
ATOM   903 N NH1 . ARG B 1 62 ? -12.077 -5.649  -2.366  1.00 24.89 ? 62 ARG B NH1 1 
ATOM   904 N NH2 . ARG B 1 62 ? -12.292 -4.096  -0.699  1.00 26.84 ? 62 ARG B NH2 1 
ATOM   905 N N   . VAL B 1 63 ? -6.889  -10.568 0.330   1.00 33.55 ? 63 VAL B N   1 
ATOM   906 C CA  . VAL B 1 63 ? -7.160  -11.986 0.135   1.00 37.19 ? 63 VAL B CA  1 
ATOM   907 C C   . VAL B 1 63 ? -8.411  -12.561 0.781   1.00 39.72 ? 63 VAL B C   1 
ATOM   908 O O   . VAL B 1 63 ? -9.031  -11.952 1.657   1.00 40.70 ? 63 VAL B O   1 
ATOM   909 C CB  . VAL B 1 63 ? -5.967  -12.812 0.570   1.00 37.42 ? 63 VAL B CB  1 
ATOM   910 C CG1 . VAL B 1 63 ? -4.782  -12.480 -0.326  1.00 38.40 ? 63 VAL B CG1 1 
ATOM   911 C CG2 . VAL B 1 63 ? -5.631  -12.513 2.031   1.00 37.93 ? 63 VAL B CG2 1 
ATOM   912 N N   . LYS B 1 64 ? -8.775  -13.752 0.332   1.00 41.79 ? 64 LYS B N   1 
ATOM   913 C CA  . LYS B 1 64 ? -9.963  -14.414 0.830   1.00 44.77 ? 64 LYS B CA  1 
ATOM   914 C C   . LYS B 1 64 ? -9.681  -15.542 1.823   1.00 45.81 ? 64 LYS B C   1 
ATOM   915 O O   . LYS B 1 64 ? -10.166 -15.514 2.950   1.00 46.08 ? 64 LYS B O   1 
ATOM   916 C CB  . LYS B 1 64 ? -10.767 -14.948 -0.359  1.00 45.41 ? 64 LYS B CB  1 
ATOM   917 C CG  . LYS B 1 64 ? -11.382 -13.859 -1.235  1.00 47.03 ? 64 LYS B CG  1 
ATOM   918 C CD  . LYS B 1 64 ? -11.973 -14.436 -2.521  1.00 47.79 ? 64 LYS B CD  1 
ATOM   919 C CE  . LYS B 1 64 ? -12.796 -13.407 -3.303  1.00 48.95 ? 64 LYS B CE  1 
ATOM   920 N NZ  . LYS B 1 64 ? -12.033 -12.187 -3.700  1.00 47.76 ? 64 LYS B NZ  1 
ATOM   921 N N   . GLU B 1 65 ? -8.882  -16.520 1.402   1.00 46.38 ? 65 GLU B N   1 
ATOM   922 C CA  . GLU B 1 65 ? -8.559  -17.676 2.234   1.00 47.27 ? 65 GLU B CA  1 
ATOM   923 C C   . GLU B 1 65 ? -7.628  -17.432 3.424   1.00 48.81 ? 65 GLU B C   1 
ATOM   924 O O   . GLU B 1 65 ? -6.793  -18.282 3.734   1.00 50.32 ? 65 GLU B O   1 
ATOM   925 C CB  . GLU B 1 65 ? -7.977  -18.799 1.356   1.00 47.13 ? 65 GLU B CB  1 
ATOM   926 C CG  . GLU B 1 65 ? -8.873  -19.194 0.178   1.00 48.02 ? 65 GLU B CG  1 
ATOM   927 C CD  . GLU B 1 65 ? -8.311  -20.332 -0.650  0.00 47.85 ? 65 GLU B CD  1 
ATOM   928 O OE1 . GLU B 1 65 ? -8.909  -20.645 -1.704  0.00 47.98 ? 65 GLU B OE1 1 
ATOM   929 O OE2 . GLU B 1 65 ? -7.285  -20.917 -0.248  0.00 47.98 ? 65 GLU B OE2 1 
ATOM   930 N N   . LEU B 1 66 ? -7.771  -16.288 4.091   1.00 49.33 ? 66 LEU B N   1 
ATOM   931 C CA  . LEU B 1 66 ? -6.950  -15.965 5.261   1.00 50.80 ? 66 LEU B CA  1 
ATOM   932 C C   . LEU B 1 66 ? -7.668  -15.041 6.224   1.00 53.60 ? 66 LEU B C   1 
ATOM   933 O O   . LEU B 1 66 ? -8.612  -14.354 5.851   1.00 55.04 ? 66 LEU B O   1 
ATOM   934 C CB  . LEU B 1 66 ? -5.625  -15.314 4.868   1.00 49.04 ? 66 LEU B CB  1 
ATOM   935 C CG  . LEU B 1 66 ? -4.434  -16.192 4.483   1.00 48.93 ? 66 LEU B CG  1 
ATOM   936 C CD1 . LEU B 1 66 ? -3.153  -15.374 4.689   1.00 48.35 ? 66 LEU B CD1 1 
ATOM   937 C CD2 . LEU B 1 66 ? -4.384  -17.451 5.349   1.00 49.30 ? 66 LEU B CD2 1 
ATOM   938 N N   . LYS B 1 67 ? -7.196  -15.001 7.464   1.00 56.69 ? 67 LYS B N   1 
ATOM   939 C CA  . LYS B 1 67 ? -7.831  -14.170 8.476   1.00 58.77 ? 67 LYS B CA  1 
ATOM   940 C C   . LYS B 1 67 ? -6.878  -13.509 9.476   1.00 61.22 ? 67 LYS B C   1 
ATOM   941 O O   . LYS B 1 67 ? -5.800  -14.025 9.765   1.00 61.96 ? 67 LYS B O   1 
ATOM   942 C CB  . LYS B 1 67 ? -8.870  -15.014 9.213   1.00 58.19 ? 67 LYS B CB  1 
ATOM   943 C CG  . LYS B 1 67 ? -8.339  -16.367 9.681   0.00 58.44 ? 67 LYS B CG  1 
ATOM   944 C CD  . LYS B 1 67 ? -9.443  -17.230 10.273  0.00 58.43 ? 67 LYS B CD  1 
ATOM   945 C CE  . LYS B 1 67 ? -8.904  -18.569 10.742  0.00 58.51 ? 67 LYS B CE  1 
ATOM   946 N NZ  . LYS B 1 67 ? -9.974  -19.413 11.338  0.00 58.58 ? 67 LYS B NZ  1 
ATOM   947 N N   . ILE B 1 68 ? -7.311  -12.364 10.001  1.00 64.15 ? 68 ILE B N   1 
ATOM   948 C CA  . ILE B 1 68 ? -6.572  -11.555 10.974  1.00 66.49 ? 68 ILE B CA  1 
ATOM   949 C C   . ILE B 1 68 ? -5.805  -10.460 10.269  1.00 68.06 ? 68 ILE B C   1 
ATOM   950 O O   . ILE B 1 68 ? -6.156  -9.286  10.467  1.00 68.50 ? 68 ILE B O   1 
ATOM   951 C CB  . ILE B 1 68 ? -5.557  -12.363 11.811  0.00 66.31 ? 68 ILE B CB  1 
ATOM   952 C CG1 . ILE B 1 68 ? -6.289  -13.372 12.698  0.00 66.39 ? 68 ILE B CG1 1 
ATOM   953 C CG2 . ILE B 1 68 ? -4.731  -11.411 12.672  0.00 66.38 ? 68 ILE B CG2 1 
ATOM   954 C CD1 . ILE B 1 68 ? -5.372  -14.151 13.621  0.00 66.34 ? 68 ILE B CD1 1 
ATOM   955 O OXT . ILE B 1 68 ? -4.865  -10.782 9.522   1.00 70.87 ? 68 ILE B OXT 1 
HETATM 956 O O   . HOH C 2 .  ? -6.143  -6.613  -14.109 1.00 51.59 ? 69 HOH A O   1 
HETATM 957 O O   . HOH C 2 .  ? -5.564  3.123   -10.719 1.00 53.54 ? 70 HOH A O   1 
HETATM 958 O O   . HOH C 2 .  ? -2.547  -13.881 -13.531 1.00 63.33 ? 71 HOH A O   1 
HETATM 959 O O   . HOH C 2 .  ? -0.339  -7.779  -9.779  1.00 54.40 ? 72 HOH A O   1 
HETATM 960 O O   . HOH C 2 .  ? -1.889  -8.808  -11.917 1.00 49.44 ? 73 HOH A O   1 
HETATM 961 O O   . HOH C 2 .  ? 12.138  8.490   -9.425  1.00 35.42 ? 74 HOH A O   1 
HETATM 962 O O   . HOH C 2 .  ? 18.592  5.587   2.647   1.00 80.39 ? 75 HOH A O   1 
HETATM 963 O O   . HOH C 2 .  ? -4.158  -5.678  -12.809 1.00 31.35 ? 76 HOH A O   1 
HETATM 964 O O   . HOH C 2 .  ? 8.466   -8.771  7.466   1.00 79.98 ? 77 HOH A O   1 
HETATM 965 O O   . HOH C 2 .  ? 15.717  4.663   -0.779  1.00 38.92 ? 78 HOH A O   1 
HETATM 966 O O   . HOH C 2 .  ? -1.229  -6.609  -12.758 1.00 58.38 ? 79 HOH A O   1 
HETATM 967 O O   . HOH D 2 .  ? 12.455  5.444   -7.928  1.00 43.31 ? 69 HOH B O   1 
HETATM 968 O O   . HOH D 2 .  ? 0.120   -11.140 -6.665  1.00 33.13 ? 70 HOH B O   1 
HETATM 969 O O   . HOH D 2 .  ? -6.538  8.562   -7.023  1.00 52.20 ? 71 HOH B O   1 
HETATM 970 O O   . HOH D 2 .  ? -1.454  7.780   -7.386  1.00 30.38 ? 72 HOH B O   1 
HETATM 971 O O   . HOH D 2 .  ? 14.803  -3.456  -10.967 1.00 58.09 ? 73 HOH B O   1 
HETATM 972 O O   . HOH D 2 .  ? -8.450  9.199   -5.448  1.00 79.95 ? 74 HOH B O   1 
HETATM 973 O O   . HOH D 2 .  ? -10.209 -13.155 4.416   1.00 55.56 ? 75 HOH B O   1 
HETATM 974 O O   . HOH D 2 .  ? 7.415   -10.407 -1.288  1.00 37.27 ? 76 HOH B O   1 
HETATM 975 O O   . HOH D 2 .  ? -12.423 -10.113 -0.177  1.00 58.23 ? 77 HOH B O   1 
HETATM 976 O O   . HOH D 2 .  ? -4.022  9.720   -8.985  1.00 34.01 ? 78 HOH B O   1 
HETATM 977 O O   . HOH D 2 .  ? 0.986   13.642  10.885  1.00 45.12 ? 79 HOH B O   1 
HETATM 978 O O   . HOH D 2 .  ? -8.347  10.874  0.357   1.00 36.41 ? 80 HOH B O   1 
HETATM 979 O O   . HOH D 2 .  ? -11.987 -5.057  12.427  1.00 54.24 ? 81 HOH B O   1 
HETATM 980 O O   . HOH D 2 .  ? -19.670 3.331   -1.129  1.00 72.34 ? 82 HOH B O   1 
HETATM 981 O O   . HOH D 2 .  ? -15.117 -4.755  11.307  1.00 68.92 ? 83 HOH B O   1 
HETATM 982 O O   . HOH D 2 .  ? 19.170  1.317   -7.419  1.00 53.33 ? 84 HOH B O   1 
HETATM 983 O O   . HOH D 2 .  ? -10.688 -8.224  -3.274  1.00 39.39 ? 85 HOH B O   1 
HETATM 984 O O   . HOH D 2 .  ? -10.962 -9.922  2.270   1.00 45.60 ? 86 HOH B O   1 
HETATM 985 O O   . HOH D 2 .  ? -6.578  13.257  -9.380  1.00 56.86 ? 87 HOH B O   1 
HETATM 986 O O   . HOH D 2 .  ? 15.330  -3.006  -8.180  1.00 55.80 ? 88 HOH B O   1 
HETATM 987 O O   . HOH D 2 .  ? -14.471 -5.511  1.336   1.00 47.79 ? 89 HOH B O   1 
HETATM 988 O O   . HOH D 2 .  ? -7.105  14.499  -14.519 1.00 45.10 ? 90 HOH B O   1 
HETATM 989 O O   . HOH D 2 .  ? 18.366  -1.404  -8.356  1.00 79.29 ? 91 HOH B O   1 
HETATM 990 O O   . HOH D 2 .  ? -18.282 -7.262  0.144   1.00 65.41 ? 92 HOH B O   1 
HETATM 991 O O   . HOH D 2 .  ? -2.135  7.495   -10.181 1.00 51.78 ? 93 HOH B O   1 
HETATM 992 O O   . HOH D 2 .  ? -18.248 0.947   -0.975  1.00 54.75 ? 94 HOH B O   1 
HETATM 993 O O   . HOH D 2 .  ? -11.184 -14.495 6.971   1.00 69.27 ? 95 HOH B O   1 
# 
